data_6NH2
#
_entry.id   6NH2
#
_cell.length_a   60.329
_cell.length_b   153.769
_cell.length_c   108.939
_cell.angle_alpha   90.00
_cell.angle_beta   90.86
_cell.angle_gamma   90.00
#
_symmetry.space_group_name_H-M   'P 1 21 1'
#
loop_
_entity.id
_entity.type
_entity.pdbx_description
1 polymer 'Endothelial nitric oxide synthase splice variant eNOS13A'
2 non-polymer 'PROTOPORPHYRIN IX CONTAINING FE'
3 non-polymer 5,6,7,8-TETRAHYDROBIOPTERIN
4 non-polymer 6-[2-(3-fluoro-5-{2-[(2R)-pyrrolidin-2-yl]ethyl}phenyl)ethyl]-4-methylpyridin-2-amine
5 non-polymer 2-[BIS-(2-HYDROXY-ETHYL)-AMINO]-2-HYDROXYMETHYL-PROPANE-1,3-DIOL
6 non-polymer 'ZINC ION'
7 non-polymer GLYCEROL
8 non-polymer 'CHLORIDE ION'
9 non-polymer 'GADOLINIUM ATOM'
10 water water
#
_entity_poly.entity_id   1
_entity_poly.type   'polypeptide(L)'
_entity_poly.pdbx_seq_one_letter_code
;APASLLPPAPEHSPPSSPLTQPPEGPKFPRVKNWEVGSITYDTLSAQAQQDGPCTPRRCLGSLVFPRKLQGRPSPGPPAP
EQLLSQARDFINQYYSSIKRSGSQAHEQRLQEVEAEVAATGTYQLRESELVFGAKQAWRNAPRCVGRIQWGKLQVFDARD
CRSAQEMFTYICNHIKYATNRGNLRSAITVFPQRCPGRGDFRIWNSQLVRYAGYRQQDGSVRGDPANVEITELCIQHGWT
PGNGRFDVLPLLLQAPDEPPELFLLPPELVLEVPLEHPTLEWFAALGLRWYALPAVSNMLLEIGGLEFPAAPFSGWYMST
EIGTRNLCDPHRYNILEDVAVCMDLDTRTTSSLWKDKAAVEINVAVLHSYQLAKVTIVDHHAATASFMKHLENEQKARGG
CPADWAWIVPPISGSLTPVFHQEMVNYFLSPAFRYQPDPW
;
_entity_poly.pdbx_strand_id   A,B,C,D
#
loop_
_chem_comp.id
_chem_comp.type
_chem_comp.name
_chem_comp.formula
BTB non-polymer 2-[BIS-(2-HYDROXY-ETHYL)-AMINO]-2-HYDROXYMETHYL-PROPANE-1,3-DIOL 'C8 H19 N O5'
CL non-polymer 'CHLORIDE ION' 'Cl -1'
GD non-polymer 'GADOLINIUM ATOM' Gd
GOL non-polymer GLYCEROL 'C3 H8 O3'
H4B non-polymer 5,6,7,8-TETRAHYDROBIOPTERIN 'C9 H15 N5 O3'
HEM non-polymer 'PROTOPORPHYRIN IX CONTAINING FE' 'C34 H32 Fe N4 O4'
KMA non-polymer 6-[2-(3-fluoro-5-{2-[(2R)-pyrrolidin-2-yl]ethyl}phenyl)ethyl]-4-methylpyridin-2-amine 'C20 H26 F N3'
ZN non-polymer 'ZINC ION' 'Zn 2'
#
# COMPACT_ATOMS: atom_id res chain seq x y z
N PHE A 28 -15.26 41.72 -24.48
CA PHE A 28 -14.08 40.88 -24.33
C PHE A 28 -14.01 40.22 -22.95
N PRO A 29 -14.52 39.00 -22.86
CA PRO A 29 -14.57 38.30 -21.57
C PRO A 29 -13.18 38.14 -20.96
N ARG A 30 -13.12 38.32 -19.64
CA ARG A 30 -11.94 38.05 -18.85
C ARG A 30 -11.97 36.59 -18.41
N VAL A 31 -10.88 35.89 -18.67
CA VAL A 31 -10.77 34.45 -18.47
C VAL A 31 -9.63 34.20 -17.49
N LYS A 32 -9.94 33.59 -16.35
CA LYS A 32 -8.95 33.39 -15.32
C LYS A 32 -8.65 31.91 -15.15
N ASN A 33 -7.36 31.59 -14.96
CA ASN A 33 -6.94 30.30 -14.44
C ASN A 33 -6.77 30.42 -12.93
N TRP A 34 -7.63 29.73 -12.18
CA TRP A 34 -7.66 29.84 -10.73
C TRP A 34 -6.57 29.05 -10.01
N GLU A 35 -5.81 28.23 -10.72
CA GLU A 35 -4.68 27.54 -10.10
C GLU A 35 -3.41 28.37 -10.14
N VAL A 36 -3.15 29.04 -11.26
CA VAL A 36 -1.94 29.84 -11.41
C VAL A 36 -2.19 31.34 -11.21
N GLY A 37 -3.44 31.80 -11.34
CA GLY A 37 -3.76 33.21 -11.22
C GLY A 37 -3.69 33.99 -12.53
N SER A 38 -3.35 33.34 -13.64
CA SER A 38 -3.18 34.07 -14.88
C SER A 38 -4.51 34.53 -15.46
N ILE A 39 -4.46 35.66 -16.15
CA ILE A 39 -5.62 36.30 -16.75
C ILE A 39 -5.37 36.46 -18.23
N THR A 40 -6.38 36.17 -19.05
CA THR A 40 -6.38 36.51 -20.46
C THR A 40 -7.74 37.06 -20.86
N TYR A 41 -7.77 37.73 -22.01
CA TYR A 41 -9.02 38.23 -22.60
C TYR A 41 -9.28 37.50 -23.91
N ASP A 42 -10.50 36.99 -24.08
CA ASP A 42 -10.87 36.25 -25.28
C ASP A 42 -11.46 37.23 -26.29
N THR A 43 -10.64 37.69 -27.24
CA THR A 43 -11.10 38.57 -28.30
C THR A 43 -11.65 37.81 -29.49
N LEU A 44 -11.21 36.57 -29.70
CA LEU A 44 -11.73 35.73 -30.77
C LEU A 44 -13.24 35.53 -30.68
N SER A 45 -13.79 35.50 -29.45
CA SER A 45 -15.22 35.24 -29.29
C SER A 45 -16.06 36.34 -29.93
N ALA A 46 -15.51 37.54 -30.07
CA ALA A 46 -16.28 38.62 -30.70
C ALA A 46 -16.56 38.30 -32.17
N GLN A 47 -15.68 37.53 -32.80
CA GLN A 47 -15.89 37.08 -34.18
C GLN A 47 -16.82 35.88 -34.28
N ALA A 48 -17.38 35.42 -33.17
CA ALA A 48 -18.32 34.31 -33.21
C ALA A 48 -19.61 34.74 -33.88
N GLN A 49 -20.08 33.92 -34.82
CA GLN A 49 -21.26 34.25 -35.62
C GLN A 49 -22.46 33.42 -35.20
N GLN A 50 -22.49 32.14 -35.58
CA GLN A 50 -23.68 31.33 -35.36
C GLN A 50 -23.99 31.19 -33.87
N ASP A 51 -25.22 31.53 -33.49
CA ASP A 51 -25.56 31.81 -32.11
C ASP A 51 -25.92 30.54 -31.34
N GLY A 52 -25.35 30.42 -30.15
CA GLY A 52 -25.58 29.28 -29.29
C GLY A 52 -26.87 29.33 -28.49
N PRO A 53 -26.98 28.45 -27.50
CA PRO A 53 -28.27 28.22 -26.82
C PRO A 53 -28.52 29.08 -25.59
N CYS A 54 -27.52 29.80 -25.09
CA CYS A 54 -27.67 30.53 -23.83
C CYS A 54 -28.23 31.92 -24.06
N THR A 55 -28.89 32.44 -23.04
CA THR A 55 -29.38 33.81 -22.99
C THR A 55 -28.97 34.42 -21.65
N PRO A 56 -29.05 35.75 -21.53
CA PRO A 56 -28.79 36.37 -20.21
C PRO A 56 -29.63 35.80 -19.08
N ARG A 57 -30.76 35.18 -19.38
CA ARG A 57 -31.63 34.70 -18.31
C ARG A 57 -31.35 33.26 -17.86
N ARG A 58 -30.73 32.43 -18.70
CA ARG A 58 -30.53 31.01 -18.40
C ARG A 58 -29.38 30.47 -19.22
N CYS A 59 -28.48 29.73 -18.57
CA CYS A 59 -27.36 29.10 -19.25
C CYS A 59 -27.72 27.65 -19.58
N LEU A 60 -27.54 27.28 -20.85
CA LEU A 60 -27.78 25.91 -21.32
C LEU A 60 -26.49 25.25 -21.78
N GLY A 61 -25.36 25.70 -21.21
CA GLY A 61 -24.06 25.21 -21.58
C GLY A 61 -23.90 23.70 -21.42
N SER A 62 -24.66 23.08 -20.52
CA SER A 62 -24.50 21.66 -20.25
C SER A 62 -25.33 20.75 -21.15
N LEU A 63 -26.14 21.32 -22.06
CA LEU A 63 -26.98 20.51 -22.92
C LEU A 63 -26.14 19.90 -24.04
N VAL A 64 -26.29 18.58 -24.23
CA VAL A 64 -25.53 17.86 -25.24
C VAL A 64 -25.85 18.39 -26.64
N PHE A 65 -27.13 18.42 -26.98
CA PHE A 65 -27.54 18.94 -28.28
C PHE A 65 -28.16 20.31 -28.08
N PRO A 66 -27.45 21.39 -28.43
CA PRO A 66 -28.00 22.74 -28.20
C PRO A 66 -29.19 23.00 -29.12
N ARG A 67 -30.31 23.44 -28.51
CA ARG A 67 -31.52 23.86 -29.21
C ARG A 67 -32.09 22.77 -30.09
N LYS A 68 -31.81 22.84 -31.40
CA LYS A 68 -32.20 21.80 -32.34
C LYS A 68 -31.26 21.86 -33.54
N LEU A 69 -31.26 20.78 -34.32
CA LEU A 69 -30.27 20.61 -35.38
C LEU A 69 -30.69 21.30 -36.68
N ALA A 79 -32.50 32.17 -52.47
CA ALA A 79 -31.58 33.26 -52.15
C ALA A 79 -30.21 32.75 -51.67
N PRO A 80 -29.30 32.46 -52.63
CA PRO A 80 -27.94 32.05 -52.27
C PRO A 80 -27.04 33.25 -52.01
N GLU A 81 -27.59 34.26 -51.35
CA GLU A 81 -26.83 35.45 -50.96
C GLU A 81 -25.99 35.20 -49.72
N GLN A 82 -26.46 34.35 -48.81
CA GLN A 82 -25.69 34.01 -47.61
C GLN A 82 -24.51 33.11 -47.93
N LEU A 83 -24.65 32.25 -48.94
CA LEU A 83 -23.54 31.41 -49.35
C LEU A 83 -22.34 32.26 -49.73
N LEU A 84 -22.58 33.36 -50.45
CA LEU A 84 -21.50 34.20 -50.97
C LEU A 84 -20.79 34.99 -49.87
N SER A 85 -21.50 35.40 -48.82
CA SER A 85 -20.81 36.05 -47.71
C SER A 85 -20.06 35.04 -46.84
N GLN A 86 -20.60 33.84 -46.67
CA GLN A 86 -19.86 32.79 -45.96
C GLN A 86 -18.62 32.38 -46.74
N ALA A 87 -18.70 32.37 -48.08
CA ALA A 87 -17.57 31.96 -48.90
C ALA A 87 -16.47 33.02 -48.90
N ARG A 88 -16.85 34.29 -49.00
CA ARG A 88 -15.87 35.37 -48.86
C ARG A 88 -15.13 35.27 -47.54
N ASP A 89 -15.85 35.08 -46.44
CA ASP A 89 -15.19 34.98 -45.13
C ASP A 89 -14.20 33.82 -45.11
N PHE A 90 -14.58 32.69 -45.67
CA PHE A 90 -13.66 31.55 -45.64
C PHE A 90 -12.43 31.82 -46.49
N ILE A 91 -12.63 32.40 -47.68
CA ILE A 91 -11.51 32.74 -48.55
C ILE A 91 -10.60 33.76 -47.87
N ASN A 92 -11.19 34.77 -47.24
CA ASN A 92 -10.40 35.81 -46.59
C ASN A 92 -9.49 35.23 -45.53
N GLN A 93 -10.01 34.32 -44.72
CA GLN A 93 -9.16 33.77 -43.67
C GLN A 93 -8.25 32.67 -44.20
N TYR A 94 -8.50 32.15 -45.39
CA TYR A 94 -7.53 31.24 -45.99
C TYR A 94 -6.30 32.00 -46.45
N TYR A 95 -6.50 33.15 -47.08
CA TYR A 95 -5.37 33.94 -47.53
C TYR A 95 -4.66 34.63 -46.38
N SER A 96 -5.40 35.03 -45.34
CA SER A 96 -4.78 35.53 -44.13
C SER A 96 -3.82 34.50 -43.53
N SER A 97 -4.20 33.22 -43.56
CA SER A 97 -3.39 32.21 -42.92
C SER A 97 -2.11 31.89 -43.70
N ILE A 98 -1.92 32.47 -44.88
CA ILE A 98 -0.72 32.20 -45.67
C ILE A 98 -0.02 33.51 -46.03
N LYS A 99 -0.19 34.54 -45.19
CA LYS A 99 0.40 35.88 -45.37
C LYS A 99 -0.24 36.65 -46.52
N ARG A 100 -0.80 35.94 -47.50
CA ARG A 100 -1.15 36.55 -48.78
C ARG A 100 -2.50 37.27 -48.80
N SER A 101 -2.90 37.93 -47.71
CA SER A 101 -4.05 38.84 -47.80
C SER A 101 -3.56 40.17 -48.35
N GLY A 102 -4.10 40.56 -49.50
CA GLY A 102 -3.68 41.79 -50.15
C GLY A 102 -3.01 41.53 -51.47
N SER A 103 -3.57 42.09 -52.55
CA SER A 103 -3.04 41.93 -53.90
C SER A 103 -2.98 40.45 -54.31
N GLN A 104 -2.52 40.19 -55.55
CA GLN A 104 -2.12 38.84 -55.95
C GLN A 104 -3.35 37.93 -56.08
N ALA A 105 -3.17 36.61 -56.06
CA ALA A 105 -4.21 35.61 -56.26
C ALA A 105 -5.27 35.59 -55.16
N HIS A 106 -5.07 36.29 -54.04
CA HIS A 106 -6.18 36.49 -53.10
C HIS A 106 -7.28 37.30 -53.77
N GLU A 107 -6.92 38.49 -54.30
CA GLU A 107 -7.85 39.27 -55.11
C GLU A 107 -8.54 38.36 -56.13
N GLN A 108 -7.75 37.57 -56.85
CA GLN A 108 -8.26 36.84 -58.01
C GLN A 108 -9.25 35.73 -57.62
N ARG A 109 -9.02 35.05 -56.49
CA ARG A 109 -9.87 33.95 -56.07
C ARG A 109 -11.24 34.41 -55.57
N LEU A 110 -11.37 35.67 -55.12
CA LEU A 110 -12.68 36.17 -54.74
C LEU A 110 -13.60 36.28 -55.96
N GLN A 111 -13.07 36.71 -57.12
CA GLN A 111 -13.90 36.82 -58.31
C GLN A 111 -14.29 35.44 -58.84
N GLU A 112 -13.36 34.49 -58.79
CA GLU A 112 -13.67 33.14 -59.25
C GLU A 112 -14.85 32.58 -58.49
N VAL A 113 -14.94 32.86 -57.19
CA VAL A 113 -16.07 32.36 -56.40
C VAL A 113 -17.33 33.11 -56.76
N GLU A 114 -17.27 34.45 -56.82
CA GLU A 114 -18.41 35.24 -57.29
C GLU A 114 -18.91 34.70 -58.63
N ALA A 115 -18.00 34.50 -59.58
CA ALA A 115 -18.39 33.99 -60.88
C ALA A 115 -18.98 32.60 -60.79
N GLU A 116 -18.37 31.73 -59.97
CA GLU A 116 -18.85 30.37 -59.83
C GLU A 116 -20.27 30.33 -59.28
N VAL A 117 -20.56 31.18 -58.29
CA VAL A 117 -21.88 31.18 -57.67
C VAL A 117 -22.92 31.84 -58.57
N ALA A 118 -22.57 32.97 -59.20
CA ALA A 118 -23.47 33.60 -60.15
C ALA A 118 -23.82 32.66 -61.31
N ALA A 119 -22.91 31.75 -61.65
CA ALA A 119 -23.14 30.85 -62.78
C ALA A 119 -23.76 29.51 -62.36
N THR A 120 -23.60 29.09 -61.11
CA THR A 120 -24.07 27.78 -60.68
C THR A 120 -24.84 27.78 -59.37
N GLY A 121 -24.88 28.89 -58.61
CA GLY A 121 -25.52 28.91 -57.33
C GLY A 121 -24.72 28.32 -56.20
N THR A 122 -23.53 27.78 -56.48
CA THR A 122 -22.64 27.21 -55.48
C THR A 122 -21.22 27.30 -56.01
N TYR A 123 -20.28 26.62 -55.36
CA TYR A 123 -18.89 26.67 -55.81
C TYR A 123 -18.14 25.44 -55.32
N GLN A 124 -16.93 25.29 -55.83
CA GLN A 124 -16.03 24.20 -55.48
C GLN A 124 -14.85 24.76 -54.70
N LEU A 125 -14.42 24.02 -53.68
CA LEU A 125 -13.22 24.38 -52.94
C LEU A 125 -11.97 23.85 -53.63
N ARG A 126 -10.92 24.67 -53.67
CA ARG A 126 -9.62 24.15 -54.06
C ARG A 126 -9.14 23.12 -53.04
N GLU A 127 -8.35 22.17 -53.52
CA GLU A 127 -7.83 21.12 -52.65
C GLU A 127 -7.17 21.71 -51.40
N SER A 128 -6.37 22.76 -51.59
CA SER A 128 -5.67 23.35 -50.45
C SER A 128 -6.65 24.08 -49.52
N GLU A 129 -7.67 24.73 -50.09
CA GLU A 129 -8.71 25.32 -49.25
C GLU A 129 -9.44 24.24 -48.47
N LEU A 130 -9.71 23.10 -49.10
CA LEU A 130 -10.38 22.01 -48.41
C LEU A 130 -9.53 21.46 -47.27
N VAL A 131 -8.21 21.36 -47.49
CA VAL A 131 -7.32 20.92 -46.42
C VAL A 131 -7.33 21.93 -45.28
N PHE A 132 -7.20 23.20 -45.63
CA PHE A 132 -7.20 24.25 -44.62
C PHE A 132 -8.53 24.26 -43.88
N GLY A 133 -9.63 24.04 -44.59
CA GLY A 133 -10.95 24.09 -43.94
C GLY A 133 -11.20 22.93 -42.98
N ALA A 134 -10.72 21.73 -43.33
CA ALA A 134 -10.92 20.61 -42.42
C ALA A 134 -10.08 20.77 -41.16
N LYS A 135 -8.86 21.28 -41.30
CA LYS A 135 -8.03 21.56 -40.13
C LYS A 135 -8.67 22.62 -39.23
N GLN A 136 -9.19 23.70 -39.81
CA GLN A 136 -9.83 24.73 -39.00
C GLN A 136 -11.09 24.21 -38.29
N ALA A 137 -11.84 23.32 -38.96
CA ALA A 137 -13.01 22.72 -38.32
C ALA A 137 -12.62 21.96 -37.05
N TRP A 138 -11.54 21.17 -37.13
CA TRP A 138 -10.98 20.54 -35.95
C TRP A 138 -10.55 21.57 -34.91
N ARG A 139 -9.74 22.55 -35.34
CA ARG A 139 -9.24 23.58 -34.44
C ARG A 139 -10.36 24.34 -33.73
N ASN A 140 -11.49 24.49 -34.40
CA ASN A 140 -12.64 25.24 -33.85
C ASN A 140 -13.58 24.38 -33.02
N ALA A 141 -13.35 23.08 -32.92
CA ALA A 141 -14.22 22.13 -32.23
C ALA A 141 -14.15 22.34 -30.72
N PRO A 142 -15.15 22.97 -30.09
CA PRO A 142 -15.02 23.35 -28.67
C PRO A 142 -15.00 22.17 -27.72
N ARG A 143 -15.43 20.99 -28.15
CA ARG A 143 -15.51 19.83 -27.28
C ARG A 143 -14.29 18.93 -27.35
N CYS A 144 -13.33 19.24 -28.22
CA CYS A 144 -12.21 18.35 -28.50
C CYS A 144 -11.02 18.74 -27.64
N VAL A 145 -10.58 17.81 -26.78
CA VAL A 145 -9.39 18.03 -25.98
C VAL A 145 -8.09 17.70 -26.70
N GLY A 146 -8.15 17.07 -27.87
CA GLY A 146 -6.92 16.73 -28.60
C GLY A 146 -6.48 17.73 -29.67
N ARG A 147 -6.90 18.99 -29.55
CA ARG A 147 -6.66 19.96 -30.61
C ARG A 147 -5.23 20.47 -30.68
N ILE A 148 -4.33 20.09 -29.77
CA ILE A 148 -2.92 20.41 -29.98
C ILE A 148 -2.42 19.81 -31.31
N GLN A 149 -3.10 18.78 -31.81
CA GLN A 149 -2.70 18.09 -33.01
C GLN A 149 -3.32 18.69 -34.27
N TRP A 150 -4.08 19.78 -34.14
CA TRP A 150 -4.96 20.19 -35.23
C TRP A 150 -4.21 20.45 -36.53
N GLY A 151 -2.91 20.76 -36.47
CA GLY A 151 -2.16 21.02 -37.70
C GLY A 151 -1.74 19.77 -38.45
N LYS A 152 -1.70 18.62 -37.78
CA LYS A 152 -1.30 17.36 -38.40
C LYS A 152 -2.58 16.57 -38.64
N LEU A 153 -3.09 16.66 -39.85
CA LEU A 153 -4.34 15.99 -40.22
C LEU A 153 -4.23 15.59 -41.68
N GLN A 154 -4.39 14.30 -41.97
CA GLN A 154 -4.37 13.84 -43.35
C GLN A 154 -5.78 13.95 -43.92
N VAL A 155 -5.89 14.58 -45.08
CA VAL A 155 -7.19 14.85 -45.68
C VAL A 155 -7.28 14.06 -46.98
N PHE A 156 -8.21 13.11 -47.03
CA PHE A 156 -8.45 12.36 -48.26
C PHE A 156 -9.63 13.01 -48.97
N ASP A 157 -9.40 13.41 -50.22
CA ASP A 157 -10.38 14.15 -51.01
C ASP A 157 -11.19 13.12 -51.78
N ALA A 158 -12.35 12.74 -51.24
CA ALA A 158 -13.26 11.83 -51.91
C ALA A 158 -14.42 12.58 -52.57
N ARG A 159 -14.23 13.85 -52.92
CA ARG A 159 -15.31 14.64 -53.50
C ARG A 159 -15.74 14.16 -54.88
N ASP A 160 -14.94 13.36 -55.56
CA ASP A 160 -15.35 12.77 -56.82
C ASP A 160 -15.94 11.37 -56.62
N CYS A 161 -16.29 11.02 -55.39
CA CYS A 161 -16.96 9.76 -55.12
C CYS A 161 -18.37 9.80 -55.70
N ARG A 162 -18.76 8.73 -56.40
CA ARG A 162 -20.06 8.74 -57.06
C ARG A 162 -20.79 7.41 -56.87
N SER A 163 -20.48 6.68 -55.80
CA SER A 163 -21.05 5.35 -55.59
C SER A 163 -20.86 4.94 -54.13
N ALA A 164 -21.65 3.94 -53.73
CA ALA A 164 -21.54 3.40 -52.38
C ALA A 164 -20.36 2.43 -52.25
N GLN A 165 -20.15 1.58 -53.26
CA GLN A 165 -18.94 0.76 -53.28
C GLN A 165 -17.69 1.63 -53.34
N GLU A 166 -17.77 2.77 -54.03
CA GLU A 166 -16.68 3.73 -53.99
C GLU A 166 -16.50 4.28 -52.58
N MET A 167 -17.61 4.65 -51.92
CA MET A 167 -17.55 5.06 -50.52
C MET A 167 -16.84 4.01 -49.69
N PHE A 168 -17.26 2.74 -49.81
CA PHE A 168 -16.68 1.69 -49.00
C PHE A 168 -15.18 1.58 -49.20
N THR A 169 -14.73 1.72 -50.45
CA THR A 169 -13.29 1.68 -50.74
C THR A 169 -12.56 2.85 -50.09
N TYR A 170 -13.13 4.06 -50.17
CA TYR A 170 -12.52 5.22 -49.52
C TYR A 170 -12.38 4.98 -48.02
N ILE A 171 -13.44 4.44 -47.41
CA ILE A 171 -13.46 4.27 -45.96
C ILE A 171 -12.44 3.22 -45.52
N CYS A 172 -12.29 2.15 -46.30
CA CYS A 172 -11.29 1.13 -46.00
C CYS A 172 -9.88 1.69 -46.11
N ASN A 173 -9.61 2.50 -47.14
CA ASN A 173 -8.31 3.16 -47.24
C ASN A 173 -8.07 4.05 -46.04
N HIS A 174 -9.06 4.89 -45.70
CA HIS A 174 -8.97 5.72 -44.51
C HIS A 174 -8.58 4.87 -43.31
N ILE A 175 -9.39 3.86 -43.01
CA ILE A 175 -9.13 3.02 -41.85
C ILE A 175 -7.72 2.44 -41.91
N LYS A 176 -7.34 1.94 -43.09
CA LYS A 176 -5.98 1.39 -43.27
C LYS A 176 -4.93 2.44 -42.92
N TYR A 177 -5.02 3.63 -43.54
CA TYR A 177 -4.02 4.68 -43.32
C TYR A 177 -4.02 5.15 -41.87
N ALA A 178 -5.20 5.38 -41.31
CA ALA A 178 -5.28 5.93 -39.97
C ALA A 178 -4.84 4.91 -38.93
N THR A 179 -5.23 3.64 -39.09
CA THR A 179 -4.85 2.61 -38.12
C THR A 179 -3.34 2.37 -38.14
N ASN A 180 -2.78 2.03 -39.32
CA ASN A 180 -1.33 2.01 -39.52
C ASN A 180 -0.64 1.06 -38.52
N ARG A 181 -1.18 -0.16 -38.41
CA ARG A 181 -0.65 -1.20 -37.52
C ARG A 181 -0.56 -0.75 -36.05
N GLY A 182 -1.32 0.27 -35.64
CA GLY A 182 -1.28 0.73 -34.26
C GLY A 182 -0.56 2.02 -34.02
N ASN A 183 0.12 2.57 -35.03
CA ASN A 183 0.74 3.89 -34.91
C ASN A 183 -0.20 4.93 -35.50
N LEU A 184 -1.26 5.21 -34.73
CA LEU A 184 -2.44 5.89 -35.27
C LEU A 184 -2.09 7.27 -35.81
N ARG A 185 -2.75 7.63 -36.90
CA ARG A 185 -2.57 8.91 -37.58
C ARG A 185 -3.94 9.54 -37.79
N SER A 186 -4.06 10.83 -37.45
CA SER A 186 -5.31 11.56 -37.64
C SER A 186 -5.65 11.71 -39.11
N ALA A 187 -6.93 11.54 -39.45
CA ALA A 187 -7.32 11.58 -40.85
C ALA A 187 -8.81 11.89 -40.99
N ILE A 188 -9.14 12.52 -42.11
CA ILE A 188 -10.52 12.79 -42.48
C ILE A 188 -10.66 12.49 -43.97
N THR A 189 -11.84 12.00 -44.35
CA THR A 189 -12.17 11.75 -45.75
C THR A 189 -13.39 12.59 -46.08
N VAL A 190 -13.27 13.45 -47.10
CA VAL A 190 -14.32 14.41 -47.44
C VAL A 190 -15.05 13.90 -48.67
N PHE A 191 -16.28 13.46 -48.49
CA PHE A 191 -17.12 13.01 -49.59
C PHE A 191 -17.81 14.22 -50.23
N PRO A 192 -18.49 14.04 -51.36
CA PRO A 192 -18.99 15.20 -52.11
C PRO A 192 -19.97 16.03 -51.28
N GLN A 193 -19.92 17.34 -51.51
CA GLN A 193 -20.77 18.28 -50.80
C GLN A 193 -22.22 18.16 -51.23
N ARG A 194 -23.09 18.65 -50.37
CA ARG A 194 -24.51 18.76 -50.67
C ARG A 194 -24.73 19.76 -51.79
N CYS A 195 -25.41 19.34 -52.83
CA CYS A 195 -25.78 20.30 -53.86
C CYS A 195 -27.30 20.51 -53.85
N PRO A 196 -27.78 21.70 -54.18
CA PRO A 196 -29.23 21.93 -54.18
C PRO A 196 -29.94 20.96 -55.11
N GLY A 197 -30.95 20.28 -54.58
CA GLY A 197 -31.59 19.20 -55.29
C GLY A 197 -30.67 18.00 -55.40
N ARG A 198 -31.25 16.79 -55.36
CA ARG A 198 -30.55 15.52 -55.45
C ARG A 198 -29.83 15.22 -54.12
N GLY A 199 -29.63 13.93 -53.83
CA GLY A 199 -29.47 13.47 -52.46
C GLY A 199 -28.09 13.69 -51.85
N ASP A 200 -28.00 13.31 -50.57
CA ASP A 200 -26.79 13.44 -49.78
C ASP A 200 -26.05 12.11 -49.64
N PHE A 201 -24.73 12.15 -49.72
CA PHE A 201 -23.93 11.06 -49.20
C PHE A 201 -24.07 11.00 -47.69
N ARG A 202 -23.99 9.80 -47.14
CA ARG A 202 -24.36 9.63 -45.74
C ARG A 202 -23.90 8.29 -45.19
N ILE A 203 -23.08 8.31 -44.14
CA ILE A 203 -22.77 7.12 -43.37
C ILE A 203 -23.75 7.03 -42.22
N TRP A 204 -24.47 5.90 -42.15
CA TRP A 204 -25.50 5.76 -41.13
C TRP A 204 -24.92 5.42 -39.77
N ASN A 205 -23.82 4.69 -39.71
CA ASN A 205 -23.18 4.41 -38.43
C ASN A 205 -22.68 5.71 -37.80
N SER A 206 -22.70 5.74 -36.47
CA SER A 206 -22.23 6.93 -35.77
C SER A 206 -20.70 6.99 -35.74
N GLN A 207 -20.04 5.83 -35.76
CA GLN A 207 -18.61 5.71 -35.95
C GLN A 207 -18.34 4.57 -36.92
N LEU A 208 -17.16 4.61 -37.55
CA LEU A 208 -16.80 3.54 -38.48
C LEU A 208 -16.75 2.19 -37.78
N VAL A 209 -16.34 2.16 -36.52
CA VAL A 209 -16.21 0.92 -35.75
C VAL A 209 -17.14 1.01 -34.54
N ARG A 210 -18.16 0.17 -34.50
CA ARG A 210 -19.08 0.12 -33.39
C ARG A 210 -19.40 -1.33 -33.08
N TYR A 211 -19.57 -1.64 -31.80
CA TYR A 211 -19.98 -2.97 -31.39
C TYR A 211 -21.49 -3.07 -31.41
N ALA A 212 -21.98 -4.26 -31.79
CA ALA A 212 -23.41 -4.49 -31.89
C ALA A 212 -24.06 -4.50 -30.52
N GLY A 213 -25.33 -4.08 -30.47
CA GLY A 213 -26.12 -4.12 -29.25
C GLY A 213 -27.42 -4.86 -29.46
N TYR A 214 -27.55 -6.04 -28.85
CA TYR A 214 -28.66 -6.95 -29.11
C TYR A 214 -29.63 -6.96 -27.93
N ARG A 215 -30.88 -6.56 -28.17
CA ARG A 215 -31.93 -6.71 -27.17
C ARG A 215 -32.21 -8.19 -26.91
N GLN A 216 -33.07 -8.46 -25.93
CA GLN A 216 -33.53 -9.83 -25.73
C GLN A 216 -34.81 -9.84 -24.90
N GLN A 217 -35.12 -11.00 -24.33
CA GLN A 217 -36.40 -11.23 -23.66
C GLN A 217 -36.61 -10.26 -22.52
N ASP A 218 -35.57 -9.96 -21.74
CA ASP A 218 -35.71 -9.02 -20.63
C ASP A 218 -35.65 -7.56 -21.07
N GLY A 219 -35.42 -7.28 -22.35
CA GLY A 219 -35.10 -5.92 -22.73
C GLY A 219 -33.74 -5.45 -22.28
N SER A 220 -32.96 -6.30 -21.62
CA SER A 220 -31.55 -6.00 -21.41
C SER A 220 -30.78 -6.23 -22.71
N VAL A 221 -29.54 -5.74 -22.73
CA VAL A 221 -28.75 -5.71 -23.95
C VAL A 221 -27.46 -6.51 -23.75
N ARG A 222 -27.10 -7.29 -24.77
CA ARG A 222 -25.81 -7.96 -24.86
C ARG A 222 -25.01 -7.24 -25.94
N GLY A 223 -23.84 -6.73 -25.58
CA GLY A 223 -23.12 -5.80 -26.42
C GLY A 223 -23.25 -4.37 -25.93
N ASP A 224 -23.10 -3.44 -26.88
CA ASP A 224 -23.10 -2.03 -26.56
C ASP A 224 -24.52 -1.47 -26.62
N PRO A 225 -25.11 -1.02 -25.51
CA PRO A 225 -26.48 -0.47 -25.57
C PRO A 225 -26.59 0.79 -26.41
N ALA A 226 -25.52 1.59 -26.49
CA ALA A 226 -25.53 2.79 -27.34
C ALA A 226 -25.79 2.47 -28.81
N ASN A 227 -25.69 1.20 -29.22
CA ASN A 227 -25.79 0.85 -30.64
C ASN A 227 -26.98 -0.04 -30.93
N VAL A 228 -27.99 -0.05 -30.05
CA VAL A 228 -29.16 -0.90 -30.27
C VAL A 228 -29.85 -0.55 -31.58
N GLU A 229 -30.05 0.74 -31.83
CA GLU A 229 -30.81 1.15 -33.02
C GLU A 229 -30.07 0.79 -34.31
N ILE A 230 -28.81 1.20 -34.43
CA ILE A 230 -28.07 0.91 -35.65
C ILE A 230 -27.93 -0.60 -35.86
N THR A 231 -27.83 -1.38 -34.78
CA THR A 231 -27.84 -2.83 -34.92
C THR A 231 -29.18 -3.32 -35.50
N GLU A 232 -30.28 -2.83 -34.93
CA GLU A 232 -31.61 -3.13 -35.48
C GLU A 232 -31.65 -2.85 -36.98
N LEU A 233 -31.17 -1.67 -37.39
CA LEU A 233 -31.17 -1.29 -38.80
C LEU A 233 -30.36 -2.27 -39.63
N CYS A 234 -29.12 -2.54 -39.21
CA CYS A 234 -28.25 -3.44 -39.97
C CYS A 234 -28.91 -4.78 -40.21
N ILE A 235 -29.62 -5.30 -39.21
CA ILE A 235 -30.30 -6.58 -39.38
C ILE A 235 -31.44 -6.43 -40.38
N GLN A 236 -32.20 -5.35 -40.29
CA GLN A 236 -33.34 -5.17 -41.18
C GLN A 236 -32.95 -4.69 -42.57
N HIS A 237 -31.66 -4.51 -42.84
CA HIS A 237 -31.15 -4.27 -44.18
C HIS A 237 -30.29 -5.42 -44.68
N GLY A 238 -30.25 -6.54 -43.95
CA GLY A 238 -29.64 -7.74 -44.46
C GLY A 238 -28.74 -8.51 -43.52
N TRP A 239 -28.24 -7.86 -42.47
CA TRP A 239 -27.12 -8.42 -41.72
C TRP A 239 -27.54 -9.63 -40.88
N THR A 240 -26.68 -10.64 -40.89
CA THR A 240 -26.84 -11.81 -40.04
C THR A 240 -26.29 -11.47 -38.65
N PRO A 241 -27.15 -11.31 -37.64
CA PRO A 241 -26.67 -10.97 -36.30
C PRO A 241 -25.70 -12.02 -35.79
N GLY A 242 -24.79 -11.59 -34.91
CA GLY A 242 -23.66 -12.38 -34.53
C GLY A 242 -23.73 -12.90 -33.11
N ASN A 243 -22.56 -13.27 -32.59
CA ASN A 243 -22.38 -13.92 -31.30
C ASN A 243 -22.82 -13.03 -30.13
N GLY A 244 -21.86 -12.35 -29.51
CA GLY A 244 -22.11 -11.70 -28.25
C GLY A 244 -21.83 -10.21 -28.20
N ARG A 245 -20.89 -9.82 -27.33
CA ARG A 245 -20.86 -8.45 -26.82
C ARG A 245 -19.77 -7.59 -27.44
N PHE A 246 -19.05 -8.08 -28.45
CA PHE A 246 -18.02 -7.29 -29.14
C PHE A 246 -18.00 -7.63 -30.62
N ASP A 247 -19.17 -7.63 -31.26
CA ASP A 247 -19.28 -7.90 -32.69
C ASP A 247 -19.21 -6.57 -33.45
N VAL A 248 -18.21 -6.42 -34.32
CA VAL A 248 -18.10 -5.20 -35.12
C VAL A 248 -19.27 -5.12 -36.09
N LEU A 249 -20.02 -4.03 -35.99
CA LEU A 249 -21.17 -3.81 -36.87
C LEU A 249 -20.73 -3.62 -38.31
N PRO A 250 -21.55 -4.04 -39.27
CA PRO A 250 -21.30 -3.65 -40.66
C PRO A 250 -21.59 -2.17 -40.88
N LEU A 251 -21.13 -1.67 -42.03
CA LEU A 251 -21.36 -0.28 -42.40
C LEU A 251 -22.62 -0.17 -43.26
N LEU A 252 -23.48 0.78 -42.91
CA LEU A 252 -24.61 1.15 -43.77
C LEU A 252 -24.25 2.45 -44.47
N LEU A 253 -24.05 2.37 -45.79
CA LEU A 253 -23.52 3.48 -46.58
C LEU A 253 -24.56 3.90 -47.59
N GLN A 254 -24.81 5.20 -47.68
CA GLN A 254 -25.92 5.74 -48.47
C GLN A 254 -25.36 6.65 -49.55
N ALA A 255 -25.40 6.18 -50.80
CA ALA A 255 -25.14 7.04 -51.93
C ALA A 255 -26.36 7.94 -52.16
N PRO A 256 -26.19 9.08 -52.83
CA PRO A 256 -27.33 9.97 -53.05
C PRO A 256 -28.51 9.23 -53.65
N ASP A 257 -29.68 9.43 -53.03
CA ASP A 257 -30.96 8.89 -53.49
C ASP A 257 -31.04 7.37 -53.29
N GLU A 258 -30.16 6.61 -53.95
CA GLU A 258 -30.20 5.17 -53.80
C GLU A 258 -30.05 4.79 -52.34
N PRO A 259 -30.83 3.85 -51.82
CA PRO A 259 -30.95 3.65 -50.37
C PRO A 259 -29.67 3.10 -49.77
N PRO A 260 -29.60 2.93 -48.45
CA PRO A 260 -28.37 2.44 -47.84
C PRO A 260 -28.15 0.97 -48.12
N GLU A 261 -26.89 0.60 -48.34
CA GLU A 261 -26.49 -0.78 -48.60
C GLU A 261 -25.45 -1.20 -47.57
N LEU A 262 -25.53 -2.45 -47.14
CA LEU A 262 -24.64 -2.98 -46.12
C LEU A 262 -23.27 -3.32 -46.68
N PHE A 263 -22.23 -3.01 -45.91
CA PHE A 263 -20.88 -3.40 -46.26
C PHE A 263 -20.22 -3.98 -45.03
N LEU A 264 -19.57 -5.12 -45.20
CA LEU A 264 -18.93 -5.84 -44.10
C LEU A 264 -17.46 -5.45 -44.05
N LEU A 265 -16.99 -5.06 -42.87
CA LEU A 265 -15.59 -4.65 -42.71
C LEU A 265 -14.71 -5.88 -42.56
N PRO A 266 -13.63 -6.00 -43.33
CA PRO A 266 -12.76 -7.17 -43.21
C PRO A 266 -12.07 -7.18 -41.86
N PRO A 267 -12.10 -8.31 -41.14
CA PRO A 267 -11.60 -8.32 -39.75
C PRO A 267 -10.15 -7.91 -39.59
N GLU A 268 -9.29 -8.13 -40.60
CA GLU A 268 -7.90 -7.69 -40.50
C GLU A 268 -7.76 -6.18 -40.60
N LEU A 269 -8.81 -5.46 -40.96
CA LEU A 269 -8.77 -4.01 -41.02
C LEU A 269 -9.18 -3.37 -39.70
N VAL A 270 -9.87 -4.11 -38.85
CA VAL A 270 -10.42 -3.57 -37.61
C VAL A 270 -9.51 -4.06 -36.49
N LEU A 271 -8.50 -3.24 -36.18
CA LEU A 271 -7.55 -3.58 -35.13
C LEU A 271 -8.20 -3.43 -33.76
N GLU A 272 -8.09 -4.47 -32.94
CA GLU A 272 -8.69 -4.49 -31.62
C GLU A 272 -7.64 -4.83 -30.57
N VAL A 273 -7.98 -4.51 -29.33
CA VAL A 273 -7.05 -4.58 -28.21
C VAL A 273 -7.72 -5.38 -27.09
N PRO A 274 -7.27 -6.58 -26.79
CA PRO A 274 -7.81 -7.29 -25.63
C PRO A 274 -7.34 -6.62 -24.35
N LEU A 275 -8.22 -6.56 -23.36
CA LEU A 275 -7.94 -5.81 -22.15
C LEU A 275 -7.42 -6.73 -21.05
N GLU A 276 -6.24 -6.40 -20.54
CA GLU A 276 -5.62 -7.14 -19.46
CA GLU A 276 -5.62 -7.14 -19.47
C GLU A 276 -5.14 -6.14 -18.42
N HIS A 277 -4.94 -6.62 -17.22
CA HIS A 277 -4.45 -5.73 -16.20
C HIS A 277 -3.04 -6.15 -15.79
N PRO A 278 -2.15 -5.20 -15.54
CA PRO A 278 -0.74 -5.58 -15.30
C PRO A 278 -0.53 -6.39 -14.04
N THR A 279 -1.35 -6.21 -13.01
CA THR A 279 -1.20 -6.99 -11.80
C THR A 279 -2.42 -7.80 -11.40
N LEU A 280 -3.62 -7.49 -11.90
CA LEU A 280 -4.81 -8.27 -11.58
C LEU A 280 -4.96 -9.34 -12.65
N GLU A 281 -4.53 -10.56 -12.31
CA GLU A 281 -4.40 -11.64 -13.27
C GLU A 281 -5.72 -12.02 -13.90
N TRP A 282 -6.81 -12.00 -13.13
CA TRP A 282 -8.14 -12.40 -13.58
C TRP A 282 -8.78 -11.41 -14.55
N PHE A 283 -8.25 -10.20 -14.67
CA PHE A 283 -8.92 -9.18 -15.48
C PHE A 283 -9.09 -9.65 -16.93
N ALA A 284 -8.05 -10.28 -17.50
CA ALA A 284 -8.16 -10.80 -18.86
C ALA A 284 -9.27 -11.83 -18.99
N ALA A 285 -9.55 -12.61 -17.94
CA ALA A 285 -10.64 -13.58 -17.99
C ALA A 285 -12.00 -12.92 -18.17
N LEU A 286 -12.13 -11.61 -17.91
CA LEU A 286 -13.39 -10.95 -18.21
C LEU A 286 -13.68 -10.90 -19.70
N GLY A 287 -12.71 -11.21 -20.56
CA GLY A 287 -12.94 -11.17 -22.00
C GLY A 287 -13.27 -9.80 -22.55
N LEU A 288 -12.81 -8.72 -21.93
CA LEU A 288 -13.10 -7.38 -22.43
C LEU A 288 -12.13 -7.00 -23.54
N ARG A 289 -12.64 -6.27 -24.54
CA ARG A 289 -11.81 -5.71 -25.61
C ARG A 289 -12.31 -4.31 -25.98
N TRP A 290 -11.45 -3.54 -26.65
CA TRP A 290 -11.92 -2.35 -27.36
C TRP A 290 -11.15 -2.19 -28.66
N TYR A 291 -11.73 -1.42 -29.57
CA TYR A 291 -11.10 -1.20 -30.86
C TYR A 291 -10.12 -0.03 -30.79
N ALA A 292 -9.21 0.00 -31.74
CA ALA A 292 -8.10 0.94 -31.67
C ALA A 292 -8.46 2.32 -32.24
N LEU A 293 -9.39 2.38 -33.18
CA LEU A 293 -9.60 3.58 -33.97
C LEU A 293 -10.91 4.28 -33.62
N PRO A 294 -10.87 5.51 -33.04
CA PRO A 294 -12.10 6.30 -32.88
C PRO A 294 -12.39 7.14 -34.11
N ALA A 295 -13.45 6.83 -34.86
CA ALA A 295 -13.71 7.44 -36.17
C ALA A 295 -15.16 7.90 -36.27
N VAL A 296 -15.42 9.17 -35.91
CA VAL A 296 -16.76 9.73 -35.94
C VAL A 296 -17.20 9.95 -37.38
N SER A 297 -18.37 9.39 -37.75
CA SER A 297 -18.81 9.38 -39.13
C SER A 297 -20.24 9.90 -39.31
N ASN A 298 -20.79 10.58 -38.32
CA ASN A 298 -22.16 11.08 -38.44
C ASN A 298 -22.25 12.60 -38.38
N MET A 299 -21.12 13.31 -38.31
CA MET A 299 -21.17 14.76 -38.19
C MET A 299 -21.03 15.42 -39.55
N LEU A 300 -21.49 16.66 -39.61
CA LEU A 300 -21.47 17.43 -40.84
C LEU A 300 -20.30 18.39 -40.78
N LEU A 301 -19.46 18.35 -41.81
CA LEU A 301 -18.39 19.31 -41.99
C LEU A 301 -18.92 20.47 -42.84
N GLU A 302 -18.73 21.68 -42.34
CA GLU A 302 -19.17 22.88 -43.03
C GLU A 302 -17.98 23.81 -43.25
N ILE A 303 -17.79 24.23 -44.48
CA ILE A 303 -16.65 25.06 -44.86
C ILE A 303 -17.14 26.11 -45.85
N GLY A 304 -16.98 27.38 -45.50
CA GLY A 304 -17.29 28.47 -46.42
C GLY A 304 -18.70 28.41 -47.00
N GLY A 305 -19.70 28.11 -46.17
CA GLY A 305 -21.06 27.95 -46.64
C GLY A 305 -21.36 26.63 -47.32
N LEU A 306 -20.35 25.81 -47.59
CA LEU A 306 -20.57 24.50 -48.18
C LEU A 306 -20.74 23.47 -47.07
N GLU A 307 -21.46 22.40 -47.37
CA GLU A 307 -21.79 21.40 -46.37
C GLU A 307 -21.42 20.03 -46.89
N PHE A 308 -20.73 19.25 -46.06
CA PHE A 308 -20.26 17.91 -46.42
C PHE A 308 -20.85 16.93 -45.42
N PRO A 309 -22.03 16.37 -45.69
CA PRO A 309 -22.72 15.57 -44.66
C PRO A 309 -22.07 14.23 -44.38
N ALA A 310 -21.11 13.81 -45.20
CA ALA A 310 -20.34 12.58 -44.99
C ALA A 310 -18.87 12.97 -45.09
N ALA A 311 -18.22 13.11 -43.94
CA ALA A 311 -16.80 13.47 -43.87
C ALA A 311 -16.20 12.84 -42.63
N PRO A 312 -16.05 11.51 -42.64
CA PRO A 312 -15.62 10.79 -41.42
C PRO A 312 -14.20 11.16 -41.02
N PHE A 313 -13.99 11.38 -39.73
CA PHE A 313 -12.69 11.78 -39.22
C PHE A 313 -12.28 10.89 -38.07
N SER A 314 -10.97 10.73 -37.89
CA SER A 314 -10.50 9.81 -36.88
C SER A 314 -9.23 10.35 -36.25
N GLY A 315 -9.00 9.91 -35.02
CA GLY A 315 -7.79 10.27 -34.31
C GLY A 315 -7.28 9.08 -33.52
N TRP A 316 -6.90 9.30 -32.27
CA TRP A 316 -6.64 8.19 -31.36
C TRP A 316 -7.34 8.47 -30.04
N TYR A 317 -7.50 7.42 -29.25
CA TYR A 317 -8.31 7.47 -28.04
C TYR A 317 -7.58 8.15 -26.89
N MET A 318 -8.34 8.88 -26.07
CA MET A 318 -7.94 9.17 -24.70
C MET A 318 -8.50 8.05 -23.84
N SER A 319 -7.70 7.59 -22.86
CA SER A 319 -8.03 6.32 -22.19
C SER A 319 -9.33 6.37 -21.40
N THR A 320 -9.72 7.55 -20.86
CA THR A 320 -10.97 7.60 -20.12
C THR A 320 -12.18 7.41 -21.01
N GLU A 321 -12.05 7.68 -22.31
CA GLU A 321 -13.18 7.43 -23.20
C GLU A 321 -13.57 5.97 -23.15
N ILE A 322 -12.57 5.08 -23.09
CA ILE A 322 -12.78 3.65 -23.12
C ILE A 322 -13.05 3.13 -21.72
N GLY A 323 -12.12 3.41 -20.80
CA GLY A 323 -12.24 2.88 -19.46
C GLY A 323 -13.42 3.43 -18.71
N THR A 324 -13.60 4.75 -18.73
CA THR A 324 -14.61 5.33 -17.87
C THR A 324 -15.95 5.43 -18.59
N ARG A 325 -15.96 6.00 -19.80
CA ARG A 325 -17.25 6.20 -20.46
C ARG A 325 -17.79 4.90 -21.05
N ASN A 326 -17.03 4.25 -21.95
CA ASN A 326 -17.61 3.14 -22.71
C ASN A 326 -17.84 1.91 -21.85
N LEU A 327 -16.98 1.66 -20.87
CA LEU A 327 -17.06 0.46 -20.05
C LEU A 327 -17.73 0.69 -18.71
N CYS A 328 -17.67 1.91 -18.16
CA CYS A 328 -18.23 2.17 -16.83
C CYS A 328 -19.53 2.95 -16.81
N ASP A 329 -19.94 3.61 -17.90
CA ASP A 329 -21.24 4.27 -17.90
C ASP A 329 -22.34 3.27 -17.56
N PRO A 330 -23.33 3.65 -16.75
CA PRO A 330 -24.44 2.70 -16.48
C PRO A 330 -25.22 2.32 -17.73
N HIS A 331 -25.34 3.23 -18.69
CA HIS A 331 -26.05 2.98 -19.94
C HIS A 331 -25.13 2.47 -21.04
N ARG A 332 -23.94 1.97 -20.68
CA ARG A 332 -23.06 1.33 -21.65
C ARG A 332 -22.78 -0.09 -21.19
N TYR A 333 -21.50 -0.51 -21.19
CA TYR A 333 -21.21 -1.87 -20.77
C TYR A 333 -21.40 -2.06 -19.26
N ASN A 334 -21.17 -1.02 -18.46
CA ASN A 334 -21.63 -1.02 -17.07
C ASN A 334 -20.96 -2.14 -16.25
N ILE A 335 -19.63 -2.21 -16.36
CA ILE A 335 -18.85 -3.32 -15.79
C ILE A 335 -18.32 -3.01 -14.40
N LEU A 336 -18.51 -1.77 -13.92
CA LEU A 336 -17.91 -1.34 -12.67
C LEU A 336 -18.10 -2.35 -11.55
N GLU A 337 -19.33 -2.81 -11.35
CA GLU A 337 -19.58 -3.70 -10.22
C GLU A 337 -18.94 -5.07 -10.42
N ASP A 338 -18.95 -5.56 -11.66
CA ASP A 338 -18.29 -6.83 -11.95
C ASP A 338 -16.82 -6.77 -11.59
N VAL A 339 -16.13 -5.69 -11.97
CA VAL A 339 -14.73 -5.52 -11.62
C VAL A 339 -14.57 -5.33 -10.11
N ALA A 340 -15.56 -4.73 -9.45
CA ALA A 340 -15.47 -4.51 -8.00
C ALA A 340 -15.62 -5.82 -7.21
N VAL A 341 -16.55 -6.68 -7.64
CA VAL A 341 -16.69 -8.02 -7.07
C VAL A 341 -15.34 -8.76 -7.11
N CYS A 342 -14.71 -8.77 -8.29
CA CYS A 342 -13.43 -9.46 -8.46
C CYS A 342 -12.31 -8.83 -7.63
N MET A 343 -12.32 -7.51 -7.49
CA MET A 343 -11.34 -6.89 -6.62
C MET A 343 -11.63 -7.07 -5.13
N ASP A 344 -12.74 -7.74 -4.78
CA ASP A 344 -13.13 -7.93 -3.38
C ASP A 344 -13.31 -6.58 -2.66
N LEU A 345 -13.84 -5.58 -3.38
CA LEU A 345 -14.09 -4.25 -2.84
C LEU A 345 -15.43 -4.21 -2.11
N ASP A 346 -15.50 -3.38 -1.06
CA ASP A 346 -16.73 -3.35 -0.26
C ASP A 346 -17.87 -2.60 -0.95
N THR A 347 -18.67 -3.33 -1.72
CA THR A 347 -19.77 -2.75 -2.46
C THR A 347 -20.99 -2.49 -1.58
N ARG A 348 -20.92 -2.83 -0.29
CA ARG A 348 -22.04 -2.62 0.62
C ARG A 348 -22.28 -1.16 0.94
N THR A 349 -21.32 -0.29 0.66
CA THR A 349 -21.41 1.08 1.14
C THR A 349 -20.70 2.00 0.15
N THR A 350 -21.35 3.11 -0.21
CA THR A 350 -20.73 4.03 -1.16
C THR A 350 -19.47 4.66 -0.60
N SER A 351 -19.35 4.76 0.73
CA SER A 351 -18.25 5.47 1.36
C SER A 351 -16.94 4.68 1.38
N SER A 352 -16.96 3.44 0.91
CA SER A 352 -15.71 2.73 0.65
C SER A 352 -15.03 3.22 -0.61
N LEU A 353 -15.72 4.05 -1.40
CA LEU A 353 -15.28 4.49 -2.73
C LEU A 353 -14.88 3.30 -3.62
N TRP A 354 -15.72 2.25 -3.59
CA TRP A 354 -15.43 1.09 -4.44
C TRP A 354 -15.61 1.42 -5.91
N LYS A 355 -16.59 2.28 -6.22
CA LYS A 355 -16.75 2.67 -7.62
C LYS A 355 -15.50 3.34 -8.15
N ASP A 356 -14.86 4.20 -7.32
CA ASP A 356 -13.70 4.96 -7.75
C ASP A 356 -12.46 4.07 -7.88
N LYS A 357 -12.26 3.15 -6.95
CA LYS A 357 -11.12 2.25 -7.05
C LYS A 357 -11.25 1.34 -8.28
N ALA A 358 -12.46 0.82 -8.52
CA ALA A 358 -12.65 -0.06 -9.69
C ALA A 358 -12.46 0.69 -10.98
N ALA A 359 -12.92 1.94 -11.05
CA ALA A 359 -12.76 2.75 -12.26
C ALA A 359 -11.29 3.00 -12.56
N VAL A 360 -10.51 3.30 -11.54
CA VAL A 360 -9.10 3.60 -11.78
C VAL A 360 -8.39 2.37 -12.33
N GLU A 361 -8.68 1.20 -11.76
CA GLU A 361 -8.07 -0.02 -12.27
C GLU A 361 -8.50 -0.31 -13.71
N ILE A 362 -9.73 0.03 -14.08
CA ILE A 362 -10.18 -0.21 -15.45
C ILE A 362 -9.45 0.71 -16.43
N ASN A 363 -9.15 1.96 -16.02
CA ASN A 363 -8.33 2.83 -16.83
C ASN A 363 -6.86 2.38 -16.85
N VAL A 364 -6.35 1.89 -15.73
CA VAL A 364 -5.01 1.33 -15.73
C VAL A 364 -4.92 0.18 -16.75
N ALA A 365 -5.91 -0.71 -16.75
CA ALA A 365 -5.92 -1.83 -17.70
C ALA A 365 -5.96 -1.36 -19.14
N VAL A 366 -6.82 -0.38 -19.43
CA VAL A 366 -6.91 0.16 -20.79
C VAL A 366 -5.55 0.72 -21.23
N LEU A 367 -4.96 1.60 -20.43
CA LEU A 367 -3.65 2.16 -20.77
C LEU A 367 -2.60 1.06 -20.92
N HIS A 368 -2.55 0.13 -19.96
CA HIS A 368 -1.57 -0.95 -20.05
C HIS A 368 -1.78 -1.78 -21.31
N SER A 369 -3.04 -2.09 -21.64
CA SER A 369 -3.30 -3.03 -22.75
C SER A 369 -3.00 -2.39 -24.10
N TYR A 370 -3.31 -1.10 -24.27
CA TYR A 370 -2.98 -0.43 -25.53
C TYR A 370 -1.48 -0.28 -25.71
N GLN A 371 -0.77 0.02 -24.63
CA GLN A 371 0.69 0.14 -24.73
C GLN A 371 1.31 -1.20 -25.07
N LEU A 372 0.85 -2.27 -24.41
CA LEU A 372 1.38 -3.60 -24.67
C LEU A 372 1.15 -4.01 -26.12
N ALA A 373 -0.04 -3.72 -26.63
CA ALA A 373 -0.41 -3.96 -28.03
C ALA A 373 0.21 -2.93 -28.99
N LYS A 374 1.02 -2.02 -28.50
CA LYS A 374 1.60 -0.93 -29.32
C LYS A 374 0.54 -0.23 -30.17
N VAL A 375 -0.52 0.21 -29.50
CA VAL A 375 -1.58 1.02 -30.12
C VAL A 375 -1.56 2.37 -29.45
N THR A 376 -1.50 3.43 -30.24
CA THR A 376 -1.48 4.78 -29.73
C THR A 376 -2.68 5.03 -28.82
N ILE A 377 -2.41 5.51 -27.61
CA ILE A 377 -3.42 6.01 -26.69
C ILE A 377 -2.79 7.10 -25.84
N VAL A 378 -3.63 7.95 -25.24
CA VAL A 378 -3.15 9.05 -24.39
C VAL A 378 -3.96 9.07 -23.10
N ASP A 379 -3.28 9.15 -21.96
CA ASP A 379 -4.02 9.25 -20.70
C ASP A 379 -4.54 10.68 -20.54
N HIS A 380 -5.53 10.83 -19.65
CA HIS A 380 -6.21 12.13 -19.54
C HIS A 380 -5.32 13.22 -18.93
N HIS A 381 -4.29 12.88 -18.16
CA HIS A 381 -3.36 13.90 -17.67
C HIS A 381 -2.51 14.45 -18.80
N ALA A 382 -1.95 13.55 -19.63
CA ALA A 382 -1.18 13.99 -20.79
C ALA A 382 -2.06 14.82 -21.73
N ALA A 383 -3.28 14.32 -21.99
CA ALA A 383 -4.15 15.04 -22.92
C ALA A 383 -4.46 16.44 -22.40
N THR A 384 -4.85 16.56 -21.12
CA THR A 384 -5.23 17.88 -20.63
C THR A 384 -4.03 18.82 -20.54
N ALA A 385 -2.85 18.30 -20.24
CA ALA A 385 -1.68 19.17 -20.24
C ALA A 385 -1.39 19.67 -21.64
N SER A 386 -1.60 18.83 -22.65
CA SER A 386 -1.43 19.27 -24.03
CA SER A 386 -1.41 19.29 -24.03
C SER A 386 -2.46 20.32 -24.39
N PHE A 387 -3.67 20.17 -23.90
CA PHE A 387 -4.70 21.15 -24.20
C PHE A 387 -4.39 22.49 -23.57
N MET A 388 -3.72 22.52 -22.40
CA MET A 388 -3.36 23.82 -21.81
C MET A 388 -2.33 24.53 -22.66
N LYS A 389 -1.32 23.81 -23.15
CA LYS A 389 -0.37 24.39 -24.08
C LYS A 389 -1.07 24.85 -25.36
N HIS A 390 -2.03 24.07 -25.85
CA HIS A 390 -2.80 24.52 -27.00
C HIS A 390 -3.55 25.80 -26.69
N LEU A 391 -4.13 25.91 -25.49
CA LEU A 391 -4.79 27.16 -25.11
C LEU A 391 -3.81 28.32 -25.13
N GLU A 392 -2.56 28.09 -24.75
CA GLU A 392 -1.58 29.16 -24.78
C GLU A 392 -1.21 29.53 -26.21
N ASN A 393 -1.00 28.52 -27.07
CA ASN A 393 -0.72 28.78 -28.49
C ASN A 393 -1.87 29.59 -29.11
N GLU A 394 -3.10 29.17 -28.85
CA GLU A 394 -4.24 29.80 -29.51
C GLU A 394 -4.43 31.23 -29.02
N GLN A 395 -4.08 31.49 -27.76
CA GLN A 395 -4.17 32.86 -27.23
C GLN A 395 -3.28 33.80 -28.04
N LYS A 396 -2.03 33.41 -28.28
CA LYS A 396 -1.11 34.24 -29.04
C LYS A 396 -1.53 34.34 -30.50
N ALA A 397 -1.95 33.22 -31.10
CA ALA A 397 -2.16 33.15 -32.54
C ALA A 397 -3.47 33.80 -32.98
N ARG A 398 -4.56 33.56 -32.23
CA ARG A 398 -5.89 34.04 -32.63
C ARG A 398 -6.59 34.89 -31.58
N GLY A 399 -6.02 35.03 -30.38
CA GLY A 399 -6.66 35.81 -29.34
C GLY A 399 -7.70 35.06 -28.53
N GLY A 400 -7.70 33.73 -28.57
CA GLY A 400 -8.66 32.97 -27.78
C GLY A 400 -8.83 31.58 -28.35
N CYS A 401 -9.68 30.81 -27.68
CA CYS A 401 -9.99 29.46 -28.14
C CYS A 401 -11.35 29.02 -27.60
N PRO A 402 -12.31 28.68 -28.46
CA PRO A 402 -13.59 28.17 -27.96
C PRO A 402 -13.39 26.81 -27.33
N ALA A 403 -13.92 26.64 -26.13
CA ALA A 403 -13.73 25.42 -25.36
C ALA A 403 -14.96 25.20 -24.51
N ASP A 404 -15.39 23.97 -24.42
CA ASP A 404 -16.60 23.58 -23.71
C ASP A 404 -16.13 22.82 -22.48
N TRP A 405 -16.20 23.49 -21.33
CA TRP A 405 -15.57 23.01 -20.10
C TRP A 405 -16.06 21.61 -19.74
N ALA A 406 -17.36 21.40 -19.82
CA ALA A 406 -17.95 20.13 -19.45
C ALA A 406 -17.34 18.99 -20.24
N TRP A 407 -16.98 19.22 -21.50
CA TRP A 407 -16.42 18.16 -22.34
C TRP A 407 -14.90 18.10 -22.30
N ILE A 408 -14.25 19.20 -21.92
CA ILE A 408 -12.79 19.24 -21.87
C ILE A 408 -12.27 18.64 -20.57
N VAL A 409 -12.97 18.86 -19.44
CA VAL A 409 -12.57 18.23 -18.17
C VAL A 409 -12.85 16.74 -18.25
N PRO A 410 -11.88 15.88 -17.92
CA PRO A 410 -12.07 14.41 -18.08
C PRO A 410 -13.10 13.86 -17.10
N PRO A 411 -13.72 12.71 -17.41
CA PRO A 411 -14.82 12.19 -16.57
C PRO A 411 -14.39 11.51 -15.27
N ILE A 412 -13.11 11.27 -15.04
CA ILE A 412 -12.57 10.94 -13.73
C ILE A 412 -11.48 11.95 -13.42
N SER A 413 -11.20 12.12 -12.14
CA SER A 413 -10.04 12.89 -11.68
C SER A 413 -10.02 14.31 -12.25
N GLY A 414 -11.20 14.89 -12.41
CA GLY A 414 -11.33 16.17 -13.07
C GLY A 414 -10.46 17.28 -12.51
N SER A 415 -10.57 17.55 -11.20
CA SER A 415 -9.79 18.64 -10.62
C SER A 415 -8.31 18.31 -10.54
N LEU A 416 -7.93 17.03 -10.69
CA LEU A 416 -6.52 16.66 -10.74
C LEU A 416 -5.86 17.08 -12.04
N THR A 417 -6.65 17.55 -13.02
CA THR A 417 -6.09 17.94 -14.29
C THR A 417 -6.03 19.48 -14.37
N PRO A 418 -5.08 20.02 -15.13
CA PRO A 418 -4.92 21.49 -15.17
C PRO A 418 -6.03 22.23 -15.91
N VAL A 419 -6.99 21.54 -16.54
CA VAL A 419 -8.08 22.23 -17.21
C VAL A 419 -9.27 22.48 -16.29
N PHE A 420 -9.36 21.79 -15.16
CA PHE A 420 -10.46 22.01 -14.22
C PHE A 420 -10.52 23.46 -13.77
N HIS A 421 -9.39 24.03 -13.37
CA HIS A 421 -9.34 25.35 -12.77
C HIS A 421 -9.23 26.45 -13.81
N GLN A 422 -9.39 26.11 -15.09
CA GLN A 422 -9.30 27.04 -16.19
C GLN A 422 -10.71 27.43 -16.64
N GLU A 423 -11.06 28.72 -16.49
CA GLU A 423 -12.30 29.21 -17.09
C GLU A 423 -12.18 29.17 -18.61
N MET A 424 -13.29 28.86 -19.28
CA MET A 424 -13.30 28.70 -20.73
C MET A 424 -14.53 29.36 -21.32
N VAL A 425 -14.38 29.88 -22.54
CA VAL A 425 -15.46 30.52 -23.28
C VAL A 425 -15.87 29.57 -24.39
N ASN A 426 -17.18 29.37 -24.53
CA ASN A 426 -17.71 28.49 -25.55
C ASN A 426 -18.46 29.33 -26.57
N TYR A 427 -18.14 29.12 -27.84
CA TYR A 427 -18.78 29.84 -28.94
C TYR A 427 -18.47 29.07 -30.21
N PHE A 428 -19.16 29.44 -31.29
CA PHE A 428 -19.15 28.66 -32.54
C PHE A 428 -18.47 29.48 -33.63
N LEU A 429 -17.31 28.98 -34.08
CA LEU A 429 -16.61 29.53 -35.23
C LEU A 429 -16.83 28.62 -36.44
N SER A 430 -16.67 29.20 -37.61
CA SER A 430 -16.67 28.45 -38.85
C SER A 430 -15.28 28.49 -39.47
N PRO A 431 -14.83 27.40 -40.14
CA PRO A 431 -15.43 26.10 -40.43
C PRO A 431 -15.77 25.29 -39.20
N ALA A 432 -16.61 24.26 -39.33
CA ALA A 432 -17.04 23.53 -38.15
C ALA A 432 -17.54 22.15 -38.49
N PHE A 433 -17.41 21.25 -37.52
CA PHE A 433 -18.21 20.04 -37.45
C PHE A 433 -19.48 20.34 -36.67
N ARG A 434 -20.62 19.97 -37.24
CA ARG A 434 -21.92 20.19 -36.62
C ARG A 434 -22.66 18.87 -36.55
N TYR A 435 -23.47 18.72 -35.52
CA TYR A 435 -24.41 17.61 -35.51
C TYR A 435 -25.44 17.81 -36.60
N GLN A 436 -26.00 16.70 -37.08
CA GLN A 436 -27.01 16.75 -38.12
C GLN A 436 -28.05 15.68 -37.82
N PRO A 437 -29.24 15.80 -38.41
CA PRO A 437 -30.27 14.78 -38.19
C PRO A 437 -29.82 13.43 -38.72
N ASP A 438 -30.35 12.38 -38.12
CA ASP A 438 -29.99 11.04 -38.58
C ASP A 438 -30.69 10.74 -39.90
N PRO A 439 -30.07 9.91 -40.75
CA PRO A 439 -30.60 9.71 -42.10
C PRO A 439 -31.83 8.81 -42.15
N TRP A 440 -32.60 8.79 -41.07
CA TRP A 440 -33.89 8.12 -41.08
C TRP A 440 -34.93 9.01 -40.41
N LYS B 27 -41.78 27.00 -25.29
CA LYS B 27 -40.48 27.65 -25.32
C LYS B 27 -39.83 27.65 -23.94
N PHE B 28 -39.83 26.48 -23.30
CA PHE B 28 -39.09 26.22 -22.10
C PHE B 28 -38.02 25.18 -22.38
N PRO B 29 -36.80 25.38 -21.88
CA PRO B 29 -35.69 24.46 -22.20
C PRO B 29 -36.00 23.01 -21.89
N ARG B 30 -35.79 22.15 -22.88
CA ARG B 30 -35.90 20.71 -22.69
C ARG B 30 -34.59 20.17 -22.10
N VAL B 31 -34.72 19.37 -21.04
CA VAL B 31 -33.58 18.88 -20.26
C VAL B 31 -33.61 17.36 -20.25
N LYS B 32 -32.50 16.74 -20.64
CA LYS B 32 -32.44 15.28 -20.71
C LYS B 32 -31.46 14.70 -19.69
N ASN B 33 -31.83 13.56 -19.12
CA ASN B 33 -30.89 12.71 -18.40
C ASN B 33 -30.47 11.58 -19.34
N TRP B 34 -29.17 11.52 -19.63
CA TRP B 34 -28.66 10.56 -20.60
C TRP B 34 -28.44 9.18 -20.03
N GLU B 35 -28.32 9.05 -18.72
CA GLU B 35 -28.20 7.73 -18.11
C GLU B 35 -29.51 6.94 -18.26
N VAL B 36 -30.64 7.59 -18.01
CA VAL B 36 -31.93 6.91 -17.97
C VAL B 36 -32.80 7.19 -19.20
N GLY B 37 -32.59 8.31 -19.90
CA GLY B 37 -33.52 8.73 -20.94
C GLY B 37 -34.61 9.68 -20.48
N SER B 38 -34.62 10.07 -19.21
CA SER B 38 -35.58 11.05 -18.71
C SER B 38 -35.52 12.35 -19.51
N ILE B 39 -36.69 12.87 -19.84
CA ILE B 39 -36.83 14.22 -20.39
C ILE B 39 -37.76 15.02 -19.49
N THR B 40 -37.40 16.27 -19.21
CA THR B 40 -38.30 17.24 -18.60
C THR B 40 -38.06 18.59 -19.24
N TYR B 41 -38.89 19.55 -18.85
CA TYR B 41 -38.79 20.94 -19.32
C TYR B 41 -38.71 21.84 -18.09
N ASP B 42 -37.77 22.78 -18.11
CA ASP B 42 -37.60 23.71 -17.01
C ASP B 42 -38.44 24.96 -17.27
N THR B 43 -39.70 24.90 -16.82
CA THR B 43 -40.58 26.07 -16.87
C THR B 43 -40.18 27.14 -15.86
N LEU B 44 -39.46 26.77 -14.81
CA LEU B 44 -39.13 27.72 -13.74
C LEU B 44 -38.13 28.78 -14.22
N SER B 45 -37.22 28.42 -15.14
CA SER B 45 -36.21 29.35 -15.63
C SER B 45 -36.86 30.56 -16.30
N ALA B 46 -38.08 30.42 -16.81
CA ALA B 46 -38.79 31.54 -17.38
C ALA B 46 -39.03 32.66 -16.37
N GLN B 47 -39.03 32.33 -15.08
CA GLN B 47 -39.18 33.28 -13.99
C GLN B 47 -37.85 33.88 -13.52
N ALA B 48 -36.77 33.71 -14.28
CA ALA B 48 -35.45 34.14 -13.80
C ALA B 48 -35.41 35.63 -13.56
N GLN B 49 -34.97 36.01 -12.35
CA GLN B 49 -35.14 37.36 -11.81
C GLN B 49 -33.89 38.23 -11.96
N GLN B 50 -32.87 37.78 -12.67
CA GLN B 50 -31.69 38.58 -12.94
C GLN B 50 -30.98 38.01 -14.16
N ASP B 51 -29.92 38.69 -14.59
CA ASP B 51 -29.23 38.36 -15.83
C ASP B 51 -27.88 37.73 -15.54
N GLY B 52 -27.56 36.67 -16.27
CA GLY B 52 -26.29 36.01 -16.15
C GLY B 52 -25.29 36.50 -17.19
N PRO B 53 -24.11 35.87 -17.24
CA PRO B 53 -23.06 36.33 -18.16
C PRO B 53 -23.15 35.81 -19.59
N CYS B 54 -24.04 34.87 -19.90
CA CYS B 54 -24.05 34.26 -21.21
C CYS B 54 -24.93 35.06 -22.17
N THR B 55 -24.60 34.96 -23.46
CA THR B 55 -25.36 35.52 -24.56
C THR B 55 -25.49 34.45 -25.62
N PRO B 56 -26.31 34.66 -26.65
CA PRO B 56 -26.31 33.71 -27.77
C PRO B 56 -24.99 33.65 -28.51
N ARG B 57 -24.10 34.62 -28.30
CA ARG B 57 -22.81 34.59 -28.98
C ARG B 57 -21.83 33.66 -28.28
N ARG B 58 -21.89 33.59 -26.96
CA ARG B 58 -20.82 33.00 -26.16
C ARG B 58 -21.34 32.60 -24.79
N CYS B 59 -20.98 31.40 -24.35
CA CYS B 59 -21.36 30.90 -23.04
C CYS B 59 -20.21 31.11 -22.06
N LEU B 60 -20.51 31.77 -20.94
CA LEU B 60 -19.56 32.00 -19.85
C LEU B 60 -19.97 31.24 -18.59
N GLY B 61 -20.67 30.11 -18.76
CA GLY B 61 -21.14 29.34 -17.62
C GLY B 61 -20.06 28.83 -16.70
N SER B 62 -18.82 28.72 -17.18
CA SER B 62 -17.72 28.19 -16.39
C SER B 62 -17.02 29.27 -15.55
N LEU B 63 -17.34 30.55 -15.74
CA LEU B 63 -16.72 31.61 -14.94
C LEU B 63 -17.08 31.46 -13.47
N VAL B 64 -16.09 31.64 -12.60
CA VAL B 64 -16.33 31.52 -11.16
C VAL B 64 -17.13 32.72 -10.64
N PHE B 65 -16.81 33.93 -11.11
CA PHE B 65 -17.55 35.14 -10.74
C PHE B 65 -18.18 35.73 -12.00
N PRO B 66 -19.47 35.47 -12.27
CA PRO B 66 -20.16 35.94 -13.47
C PRO B 66 -20.41 37.45 -13.50
N ALA B 79 -33.79 53.69 -6.95
CA ALA B 79 -33.82 52.66 -5.92
C ALA B 79 -35.23 52.23 -5.49
N PRO B 80 -36.11 53.17 -5.08
CA PRO B 80 -37.34 52.77 -4.38
C PRO B 80 -38.33 51.99 -5.23
N GLU B 81 -38.29 52.09 -6.56
CA GLU B 81 -39.32 51.42 -7.35
C GLU B 81 -38.96 49.99 -7.69
N GLN B 82 -37.67 49.69 -7.85
CA GLN B 82 -37.24 48.31 -8.02
C GLN B 82 -37.22 47.57 -6.70
N LEU B 83 -36.92 48.27 -5.60
CA LEU B 83 -37.08 47.68 -4.28
C LEU B 83 -38.50 47.14 -4.12
N LEU B 84 -39.49 47.93 -4.54
CA LEU B 84 -40.88 47.55 -4.37
C LEU B 84 -41.27 46.31 -5.16
N SER B 85 -40.75 46.17 -6.39
CA SER B 85 -41.13 45.01 -7.18
C SER B 85 -40.46 43.74 -6.67
N GLN B 86 -39.23 43.85 -6.15
CA GLN B 86 -38.64 42.70 -5.46
C GLN B 86 -39.41 42.37 -4.18
N ALA B 87 -39.81 43.39 -3.42
CA ALA B 87 -40.59 43.15 -2.20
C ALA B 87 -41.91 42.46 -2.53
N ARG B 88 -42.62 42.96 -3.54
CA ARG B 88 -43.91 42.39 -3.93
C ARG B 88 -43.76 40.95 -4.37
N ASP B 89 -42.72 40.64 -5.14
CA ASP B 89 -42.52 39.27 -5.60
C ASP B 89 -42.26 38.35 -4.43
N PHE B 90 -41.44 38.78 -3.46
CA PHE B 90 -41.15 37.92 -2.32
C PHE B 90 -42.39 37.69 -1.48
N ILE B 91 -43.15 38.76 -1.20
CA ILE B 91 -44.40 38.63 -0.47
C ILE B 91 -45.32 37.63 -1.14
N ASN B 92 -45.44 37.72 -2.47
CA ASN B 92 -46.23 36.76 -3.24
C ASN B 92 -45.75 35.33 -3.03
N GLN B 93 -44.42 35.12 -3.08
CA GLN B 93 -43.87 33.78 -2.86
C GLN B 93 -44.25 33.29 -1.47
N TYR B 94 -44.03 34.13 -0.46
CA TYR B 94 -44.34 33.72 0.90
C TYR B 94 -45.80 33.33 1.03
N TYR B 95 -46.70 34.12 0.47
CA TYR B 95 -48.09 33.81 0.66
C TYR B 95 -48.53 32.58 -0.15
N SER B 96 -47.84 32.25 -1.24
CA SER B 96 -48.14 31.00 -1.93
C SER B 96 -47.70 29.80 -1.09
N SER B 97 -46.55 29.92 -0.42
CA SER B 97 -46.03 28.79 0.34
C SER B 97 -46.95 28.43 1.49
N ILE B 98 -47.67 29.41 2.04
CA ILE B 98 -48.62 29.16 3.11
C ILE B 98 -50.04 29.08 2.54
N LYS B 99 -50.16 28.70 1.27
CA LYS B 99 -51.44 28.49 0.58
C LYS B 99 -52.47 29.54 0.99
N ARG B 100 -52.05 30.81 0.94
CA ARG B 100 -52.90 31.93 1.33
C ARG B 100 -52.77 33.08 0.33
N SER B 101 -52.50 32.74 -0.95
CA SER B 101 -52.29 33.76 -1.96
CA SER B 101 -52.29 33.76 -1.97
C SER B 101 -53.60 34.48 -2.29
N GLY B 102 -53.49 35.78 -2.58
CA GLY B 102 -54.64 36.61 -2.89
C GLY B 102 -55.60 36.87 -1.75
N SER B 103 -55.34 36.33 -0.56
CA SER B 103 -56.24 36.47 0.58
C SER B 103 -56.13 37.88 1.16
N GLN B 104 -56.75 38.07 2.33
CA GLN B 104 -56.78 39.38 2.97
C GLN B 104 -55.45 39.72 3.62
N ALA B 105 -54.93 38.80 4.43
CA ALA B 105 -53.57 38.95 4.96
C ALA B 105 -52.58 39.33 3.87
N HIS B 106 -52.62 38.61 2.75
CA HIS B 106 -51.70 38.85 1.63
C HIS B 106 -51.77 40.30 1.17
N GLU B 107 -52.97 40.80 0.89
CA GLU B 107 -53.07 42.16 0.38
C GLU B 107 -52.69 43.19 1.44
N GLN B 108 -53.00 42.92 2.71
CA GLN B 108 -52.57 43.83 3.76
C GLN B 108 -51.04 43.93 3.79
N ARG B 109 -50.36 42.79 3.73
CA ARG B 109 -48.90 42.79 3.73
C ARG B 109 -48.35 43.60 2.55
N LEU B 110 -48.86 43.33 1.35
CA LEU B 110 -48.40 44.09 0.18
C LEU B 110 -48.60 45.59 0.37
N GLN B 111 -49.72 45.97 0.98
CA GLN B 111 -49.97 47.40 1.19
C GLN B 111 -49.10 47.95 2.33
N GLU B 112 -48.85 47.15 3.37
CA GLU B 112 -48.01 47.63 4.47
C GLU B 112 -46.56 47.84 4.01
N VAL B 113 -46.11 47.05 3.03
CA VAL B 113 -44.72 47.13 2.61
C VAL B 113 -44.51 48.37 1.76
N GLU B 114 -45.37 48.58 0.75
CA GLU B 114 -45.17 49.73 -0.12
C GLU B 114 -45.43 51.01 0.65
N ALA B 115 -46.36 50.98 1.60
CA ALA B 115 -46.49 52.06 2.55
C ALA B 115 -45.17 52.32 3.25
N GLU B 116 -44.59 51.29 3.86
CA GLU B 116 -43.40 51.49 4.66
C GLU B 116 -42.19 51.87 3.79
N VAL B 117 -42.15 51.39 2.54
CA VAL B 117 -41.09 51.85 1.63
C VAL B 117 -41.24 53.33 1.33
N ALA B 118 -42.46 53.78 1.05
CA ALA B 118 -42.74 55.21 0.93
C ALA B 118 -42.28 55.99 2.16
N ALA B 119 -42.59 55.48 3.35
CA ALA B 119 -42.32 56.23 4.57
C ALA B 119 -40.83 56.26 4.90
N THR B 120 -40.14 55.11 4.79
CA THR B 120 -38.79 54.99 5.30
C THR B 120 -37.74 54.66 4.25
N GLY B 121 -38.14 54.41 3.00
CA GLY B 121 -37.23 53.96 1.98
C GLY B 121 -36.84 52.50 2.05
N THR B 122 -37.24 51.79 3.10
CA THR B 122 -36.93 50.39 3.26
C THR B 122 -38.12 49.73 3.98
N TYR B 123 -37.94 48.48 4.42
CA TYR B 123 -38.97 47.81 5.19
C TYR B 123 -38.36 46.68 5.99
N GLN B 124 -39.17 46.12 6.90
CA GLN B 124 -38.74 45.09 7.84
C GLN B 124 -39.49 43.79 7.55
N LEU B 125 -38.75 42.68 7.52
CA LEU B 125 -39.38 41.38 7.37
C LEU B 125 -39.93 40.90 8.71
N ARG B 126 -41.07 40.21 8.66
CA ARG B 126 -41.53 39.47 9.83
C ARG B 126 -40.69 38.20 9.99
N GLU B 127 -40.65 37.70 11.22
CA GLU B 127 -39.84 36.52 11.54
C GLU B 127 -40.11 35.38 10.57
N SER B 128 -41.38 35.05 10.34
CA SER B 128 -41.69 33.93 9.45
CA SER B 128 -41.74 33.95 9.44
C SER B 128 -41.27 34.22 8.01
N GLU B 129 -41.34 35.47 7.57
CA GLU B 129 -40.85 35.80 6.24
C GLU B 129 -39.35 35.58 6.15
N LEU B 130 -38.62 35.93 7.22
CA LEU B 130 -37.17 35.77 7.21
C LEU B 130 -36.77 34.30 7.15
N VAL B 131 -37.48 33.46 7.89
CA VAL B 131 -37.21 32.03 7.88
C VAL B 131 -37.49 31.44 6.51
N PHE B 132 -38.61 31.84 5.91
CA PHE B 132 -38.96 31.40 4.57
C PHE B 132 -37.92 31.84 3.55
N GLY B 133 -37.47 33.09 3.64
CA GLY B 133 -36.55 33.62 2.65
C GLY B 133 -35.18 32.99 2.76
N ALA B 134 -34.73 32.70 3.98
CA ALA B 134 -33.41 32.07 4.16
C ALA B 134 -33.38 30.67 3.57
N LYS B 135 -34.43 29.88 3.81
CA LYS B 135 -34.54 28.56 3.20
C LYS B 135 -34.64 28.66 1.69
N GLN B 136 -35.39 29.65 1.17
CA GLN B 136 -35.52 29.81 -0.27
C GLN B 136 -34.19 30.17 -0.91
N ALA B 137 -33.38 31.00 -0.23
CA ALA B 137 -32.07 31.34 -0.76
C ALA B 137 -31.19 30.10 -0.89
N TRP B 138 -31.30 29.16 0.06
CA TRP B 138 -30.57 27.90 -0.02
C TRP B 138 -31.12 27.04 -1.14
N ARG B 139 -32.43 26.91 -1.20
CA ARG B 139 -33.10 26.17 -2.27
C ARG B 139 -32.74 26.71 -3.65
N ASN B 140 -32.49 28.01 -3.77
CA ASN B 140 -32.21 28.63 -5.05
C ASN B 140 -30.74 28.61 -5.43
N ALA B 141 -29.83 28.13 -4.56
CA ALA B 141 -28.40 28.26 -4.82
C ALA B 141 -27.95 27.24 -5.87
N PRO B 142 -27.66 27.64 -7.11
CA PRO B 142 -27.37 26.66 -8.17
C PRO B 142 -26.11 25.83 -7.93
N ARG B 143 -25.16 26.31 -7.13
CA ARG B 143 -23.90 25.60 -6.95
C ARG B 143 -23.89 24.67 -5.74
N CYS B 144 -25.02 24.53 -5.05
CA CYS B 144 -25.09 23.68 -3.87
C CYS B 144 -25.64 22.31 -4.23
N VAL B 145 -24.82 21.29 -4.01
CA VAL B 145 -25.26 19.91 -4.21
C VAL B 145 -26.04 19.39 -3.01
N GLY B 146 -26.04 20.11 -1.89
CA GLY B 146 -26.67 19.60 -0.69
C GLY B 146 -28.12 20.05 -0.47
N ARG B 147 -28.81 20.46 -1.53
CA ARG B 147 -30.07 21.15 -1.35
C ARG B 147 -31.26 20.24 -1.04
N ILE B 148 -31.09 18.91 -1.07
CA ILE B 148 -32.17 18.02 -0.61
C ILE B 148 -32.58 18.39 0.82
N GLN B 149 -31.67 19.01 1.60
CA GLN B 149 -31.86 19.39 3.00
C GLN B 149 -32.51 20.77 3.19
N TRP B 150 -32.86 21.48 2.12
CA TRP B 150 -33.12 22.92 2.20
C TRP B 150 -34.22 23.28 3.20
N GLY B 151 -35.15 22.35 3.48
CA GLY B 151 -36.22 22.63 4.42
C GLY B 151 -35.84 22.50 5.89
N LYS B 152 -34.74 21.80 6.19
CA LYS B 152 -34.23 21.62 7.55
C LYS B 152 -33.06 22.59 7.71
N LEU B 153 -33.40 23.85 8.00
CA LEU B 153 -32.41 24.91 8.22
C LEU B 153 -32.80 25.64 9.47
N GLN B 154 -31.91 25.67 10.46
CA GLN B 154 -32.14 26.46 11.65
C GLN B 154 -31.79 27.90 11.34
N VAL B 155 -32.74 28.81 11.56
CA VAL B 155 -32.56 30.22 11.28
C VAL B 155 -32.46 30.94 12.61
N PHE B 156 -31.33 31.60 12.85
CA PHE B 156 -31.16 32.42 14.03
C PHE B 156 -31.32 33.88 13.66
N ASP B 157 -32.23 34.56 14.35
CA ASP B 157 -32.55 35.95 14.07
C ASP B 157 -31.68 36.80 14.96
N ALA B 158 -30.63 37.38 14.38
CA ALA B 158 -29.73 38.29 15.07
C ALA B 158 -29.87 39.72 14.55
N ARG B 159 -31.05 40.06 14.04
CA ARG B 159 -31.27 41.39 13.49
C ARG B 159 -31.29 42.47 14.57
N ASP B 160 -31.30 42.11 15.85
CA ASP B 160 -31.18 43.06 16.94
C ASP B 160 -29.73 43.33 17.33
N CYS B 161 -28.76 42.66 16.68
CA CYS B 161 -27.37 42.79 17.10
C CYS B 161 -26.92 44.24 17.07
N ARG B 162 -26.08 44.61 18.02
CA ARG B 162 -25.77 46.01 18.29
C ARG B 162 -24.29 46.36 18.15
N SER B 163 -23.40 45.38 18.32
CA SER B 163 -21.98 45.65 18.38
C SER B 163 -21.23 44.43 17.86
N ALA B 164 -19.91 44.60 17.75
CA ALA B 164 -19.08 43.48 17.34
C ALA B 164 -18.99 42.44 18.46
N GLN B 165 -19.14 42.86 19.72
CA GLN B 165 -19.08 41.89 20.81
C GLN B 165 -20.35 41.04 20.87
N GLU B 166 -21.52 41.64 20.63
CA GLU B 166 -22.74 40.84 20.46
C GLU B 166 -22.62 39.92 19.24
N MET B 167 -22.16 40.46 18.11
CA MET B 167 -21.95 39.63 16.92
C MET B 167 -21.12 38.40 17.24
N PHE B 168 -20.03 38.58 17.98
CA PHE B 168 -19.16 37.46 18.34
C PHE B 168 -19.91 36.40 19.14
N THR B 169 -20.74 36.85 20.10
CA THR B 169 -21.52 35.91 20.90
C THR B 169 -22.53 35.15 20.04
N TYR B 170 -23.21 35.85 19.12
CA TYR B 170 -24.12 35.17 18.21
C TYR B 170 -23.40 34.12 17.37
N ILE B 171 -22.20 34.42 16.89
CA ILE B 171 -21.46 33.49 16.04
C ILE B 171 -21.03 32.26 16.83
N CYS B 172 -20.60 32.46 18.08
CA CYS B 172 -20.17 31.34 18.90
C CYS B 172 -21.34 30.41 19.22
N ASN B 173 -22.55 30.97 19.39
CA ASN B 173 -23.69 30.10 19.58
C ASN B 173 -24.09 29.40 18.28
N HIS B 174 -23.91 30.08 17.14
CA HIS B 174 -24.12 29.40 15.86
C HIS B 174 -23.17 28.22 15.71
N ILE B 175 -21.88 28.41 15.97
CA ILE B 175 -20.91 27.32 15.82
C ILE B 175 -21.23 26.19 16.79
N LYS B 176 -21.53 26.54 18.03
CA LYS B 176 -21.88 25.52 19.01
C LYS B 176 -23.13 24.75 18.57
N TYR B 177 -24.20 25.46 18.22
CA TYR B 177 -25.41 24.76 17.78
C TYR B 177 -25.14 23.92 16.55
N ALA B 178 -24.41 24.47 15.58
CA ALA B 178 -24.27 23.78 14.30
C ALA B 178 -23.38 22.56 14.43
N THR B 179 -22.35 22.64 15.26
CA THR B 179 -21.43 21.53 15.43
C THR B 179 -22.10 20.39 16.19
N ASN B 180 -22.77 20.70 17.32
CA ASN B 180 -23.55 19.73 18.09
C ASN B 180 -22.75 18.46 18.37
N ARG B 181 -21.51 18.66 18.85
CA ARG B 181 -20.57 17.59 19.21
C ARG B 181 -20.28 16.61 18.06
N GLY B 182 -20.43 17.02 16.80
CA GLY B 182 -20.16 16.18 15.65
C GLY B 182 -21.40 15.76 14.90
N ASN B 183 -22.58 15.90 15.49
CA ASN B 183 -23.82 15.60 14.78
C ASN B 183 -24.33 16.92 14.21
N LEU B 184 -23.75 17.30 13.07
CA LEU B 184 -23.87 18.67 12.59
C LEU B 184 -25.29 18.97 12.12
N ARG B 185 -25.70 20.21 12.32
CA ARG B 185 -27.01 20.70 11.89
C ARG B 185 -26.85 21.96 11.07
N SER B 186 -27.55 22.01 9.94
CA SER B 186 -27.55 23.21 9.10
C SER B 186 -28.14 24.42 9.83
N ALA B 187 -27.47 25.56 9.70
CA ALA B 187 -27.95 26.74 10.40
C ALA B 187 -27.56 27.99 9.64
N ILE B 188 -28.32 29.07 9.84
CA ILE B 188 -27.91 30.39 9.37
C ILE B 188 -28.17 31.42 10.47
N THR B 189 -27.26 32.37 10.62
CA THR B 189 -27.48 33.48 11.53
C THR B 189 -27.55 34.78 10.74
N VAL B 190 -28.63 35.54 10.91
CA VAL B 190 -28.89 36.71 10.11
C VAL B 190 -28.72 37.96 10.98
N PHE B 191 -27.72 38.78 10.65
CA PHE B 191 -27.43 40.04 11.32
C PHE B 191 -28.18 41.18 10.64
N PRO B 192 -28.18 42.39 11.20
CA PRO B 192 -29.11 43.41 10.71
C PRO B 192 -28.90 43.70 9.23
N GLN B 193 -30.00 43.98 8.54
CA GLN B 193 -29.94 44.28 7.13
C GLN B 193 -29.18 45.58 6.86
N ARG B 194 -28.73 45.71 5.61
CA ARG B 194 -28.18 46.97 5.13
C ARG B 194 -29.25 48.05 5.22
N CYS B 195 -28.88 49.21 5.73
N CYS B 195 -28.89 49.20 5.76
CA CYS B 195 -29.81 50.30 5.94
CA CYS B 195 -29.88 50.27 5.85
C CYS B 195 -29.15 51.60 5.49
C CYS B 195 -29.22 51.62 5.58
N PRO B 196 -29.91 52.51 4.87
CA PRO B 196 -29.33 53.82 4.58
C PRO B 196 -29.09 54.57 5.89
N GLY B 197 -27.91 55.18 5.99
CA GLY B 197 -27.54 55.95 7.17
C GLY B 197 -26.61 55.24 8.12
N ARG B 198 -26.32 53.96 7.88
CA ARG B 198 -25.46 53.17 8.76
C ARG B 198 -24.57 52.26 7.90
N GLY B 199 -23.39 51.96 8.43
CA GLY B 199 -22.53 51.00 7.78
C GLY B 199 -23.08 49.57 7.92
N ASP B 200 -22.44 48.66 7.19
CA ASP B 200 -22.83 47.26 7.21
C ASP B 200 -22.12 46.51 8.33
N PHE B 201 -22.86 45.63 8.99
CA PHE B 201 -22.22 44.49 9.63
C PHE B 201 -21.53 43.65 8.55
N ARG B 202 -20.29 43.24 8.82
CA ARG B 202 -19.55 42.39 7.88
C ARG B 202 -18.66 41.43 8.66
N ILE B 203 -18.61 40.18 8.22
CA ILE B 203 -17.58 39.23 8.66
C ILE B 203 -16.50 39.20 7.59
N TRP B 204 -15.27 39.53 7.97
CA TRP B 204 -14.20 39.63 6.99
C TRP B 204 -13.74 38.25 6.55
N ASN B 205 -13.73 37.29 7.47
CA ASN B 205 -13.40 35.90 7.14
C ASN B 205 -14.34 35.32 6.10
N SER B 206 -13.77 34.60 5.13
CA SER B 206 -14.61 33.96 4.13
C SER B 206 -15.32 32.73 4.68
N GLN B 207 -14.77 32.09 5.71
CA GLN B 207 -15.49 31.09 6.50
C GLN B 207 -15.20 31.32 7.97
N LEU B 208 -16.10 30.85 8.83
CA LEU B 208 -15.92 31.06 10.27
C LEU B 208 -14.70 30.29 10.80
N VAL B 209 -14.41 29.12 10.23
CA VAL B 209 -13.25 28.32 10.61
C VAL B 209 -12.33 28.25 9.40
N ARG B 210 -11.10 28.74 9.53
CA ARG B 210 -10.13 28.73 8.43
C ARG B 210 -8.75 28.54 9.02
N TYR B 211 -7.87 27.89 8.26
CA TYR B 211 -6.48 27.77 8.67
C TYR B 211 -5.64 28.90 8.08
N ALA B 212 -4.75 29.44 8.91
CA ALA B 212 -3.85 30.51 8.51
C ALA B 212 -2.90 30.06 7.40
N GLY B 213 -2.57 30.99 6.51
CA GLY B 213 -1.53 30.79 5.53
C GLY B 213 -0.45 31.84 5.67
N TYR B 214 0.79 31.40 5.85
CA TYR B 214 1.91 32.28 6.15
C TYR B 214 2.89 32.26 4.98
N ARG B 215 3.11 33.43 4.35
CA ARG B 215 4.24 33.56 3.45
C ARG B 215 5.53 33.20 4.17
N GLN B 216 6.55 32.83 3.39
CA GLN B 216 7.72 32.19 3.96
C GLN B 216 9.00 32.84 3.45
N GLN B 217 10.12 32.30 3.93
CA GLN B 217 11.42 32.60 3.33
C GLN B 217 11.48 32.11 1.89
N ASP B 218 11.11 30.85 1.67
CA ASP B 218 11.10 30.25 0.33
C ASP B 218 10.16 30.96 -0.67
N GLY B 219 9.62 32.16 -0.38
CA GLY B 219 8.49 32.71 -1.10
C GLY B 219 7.22 31.90 -1.01
N SER B 220 7.27 30.75 -0.32
CA SER B 220 6.21 29.76 -0.31
C SER B 220 5.11 30.15 0.68
N VAL B 221 4.22 29.21 0.97
CA VAL B 221 3.19 29.41 1.97
C VAL B 221 3.20 28.25 2.95
N ARG B 222 3.28 28.56 4.24
CA ARG B 222 3.05 27.58 5.28
C ARG B 222 1.58 27.66 5.71
N GLY B 223 0.89 26.52 5.64
CA GLY B 223 -0.54 26.50 5.96
C GLY B 223 -1.40 26.57 4.72
N ASP B 224 -2.56 27.24 4.79
CA ASP B 224 -3.50 27.20 3.67
C ASP B 224 -3.24 28.39 2.74
N PRO B 225 -2.75 28.17 1.52
CA PRO B 225 -2.44 29.31 0.63
C PRO B 225 -3.66 30.15 0.27
N ALA B 226 -4.86 29.60 0.41
CA ALA B 226 -6.06 30.34 0.08
C ALA B 226 -6.35 31.45 1.10
N ASN B 227 -5.77 31.38 2.31
CA ASN B 227 -6.06 32.34 3.36
C ASN B 227 -4.89 33.27 3.66
N VAL B 228 -4.03 33.51 2.67
CA VAL B 228 -2.89 34.39 2.88
C VAL B 228 -3.36 35.83 3.18
N GLU B 229 -4.30 36.33 2.36
CA GLU B 229 -4.74 37.72 2.51
C GLU B 229 -5.40 37.94 3.86
N ILE B 230 -6.30 37.04 4.25
CA ILE B 230 -6.99 37.24 5.53
C ILE B 230 -6.02 37.07 6.68
N THR B 231 -5.04 36.17 6.53
CA THR B 231 -4.04 36.00 7.58
C THR B 231 -3.27 37.29 7.81
N GLU B 232 -2.81 37.92 6.72
CA GLU B 232 -2.09 39.18 6.85
C GLU B 232 -2.95 40.28 7.46
N LEU B 233 -4.26 40.29 7.20
CA LEU B 233 -5.12 41.25 7.87
C LEU B 233 -5.21 40.99 9.36
N CYS B 234 -5.38 39.72 9.76
CA CYS B 234 -5.44 39.41 11.18
C CYS B 234 -4.17 39.87 11.89
N ILE B 235 -3.00 39.59 11.31
CA ILE B 235 -1.73 39.99 11.92
C ILE B 235 -1.68 41.49 12.09
N GLN B 236 -2.11 42.23 11.07
CA GLN B 236 -2.00 43.67 11.19
C GLN B 236 -3.12 44.29 12.03
N HIS B 237 -4.10 43.51 12.48
CA HIS B 237 -5.02 43.96 13.52
C HIS B 237 -4.68 43.37 14.88
N GLY B 238 -3.43 42.99 15.11
CA GLY B 238 -2.97 42.65 16.44
C GLY B 238 -2.79 41.17 16.73
N TRP B 239 -3.34 40.28 15.92
CA TRP B 239 -3.20 38.85 16.19
C TRP B 239 -1.73 38.45 16.19
N THR B 240 -1.34 37.71 17.23
CA THR B 240 0.01 37.15 17.30
C THR B 240 0.02 35.82 16.55
N PRO B 241 0.62 35.76 15.35
CA PRO B 241 0.49 34.55 14.52
C PRO B 241 1.17 33.35 15.15
N GLY B 242 0.76 32.17 14.66
CA GLY B 242 1.45 30.93 14.96
C GLY B 242 2.45 30.58 13.86
N ASN B 243 2.88 29.33 13.87
CA ASN B 243 3.82 28.91 12.84
C ASN B 243 3.51 27.51 12.34
N GLY B 244 2.27 27.04 12.51
CA GLY B 244 1.87 25.72 12.07
C GLY B 244 1.14 25.74 10.73
N ARG B 245 0.79 24.53 10.29
CA ARG B 245 0.03 24.36 9.07
C ARG B 245 -1.47 24.38 9.29
N PHE B 246 -1.93 24.26 10.54
CA PHE B 246 -3.35 24.21 10.84
C PHE B 246 -3.66 25.12 12.03
N ASP B 247 -3.22 26.37 11.96
CA ASP B 247 -3.56 27.35 12.97
C ASP B 247 -4.91 27.93 12.61
N VAL B 248 -5.88 27.80 13.51
CA VAL B 248 -7.20 28.37 13.26
C VAL B 248 -7.12 29.90 13.36
N LEU B 249 -7.61 30.58 12.33
CA LEU B 249 -7.59 32.03 12.26
C LEU B 249 -8.59 32.66 13.22
N PRO B 250 -8.32 33.85 13.73
CA PRO B 250 -9.31 34.59 14.49
C PRO B 250 -10.37 35.22 13.57
N LEU B 251 -11.48 35.63 14.18
CA LEU B 251 -12.55 36.31 13.45
C LEU B 251 -12.32 37.82 13.44
N LEU B 252 -12.40 38.42 12.25
CA LEU B 252 -12.41 39.86 12.07
C LEU B 252 -13.86 40.27 11.84
N LEU B 253 -14.47 40.86 12.88
CA LEU B 253 -15.88 41.21 12.89
C LEU B 253 -16.02 42.73 12.88
N GLN B 254 -16.77 43.24 11.91
CA GLN B 254 -16.94 44.66 11.69
C GLN B 254 -18.39 45.05 11.99
N ALA B 255 -18.57 45.88 13.02
CA ALA B 255 -19.84 46.54 13.30
C ALA B 255 -19.99 47.80 12.43
N PRO B 256 -21.20 48.30 12.26
CA PRO B 256 -21.40 49.45 11.35
C PRO B 256 -20.52 50.64 11.72
N ASP B 257 -19.82 51.16 10.70
CA ASP B 257 -19.02 52.38 10.81
C ASP B 257 -17.90 52.25 11.82
N GLU B 258 -17.41 51.03 12.01
CA GLU B 258 -16.30 50.68 12.90
C GLU B 258 -15.22 49.97 12.11
N PRO B 259 -13.97 50.08 12.51
CA PRO B 259 -12.94 49.18 11.99
C PRO B 259 -13.22 47.77 12.47
N PRO B 260 -12.74 46.74 11.76
CA PRO B 260 -12.97 45.37 12.24
C PRO B 260 -12.28 45.15 13.58
N GLU B 261 -12.88 44.31 14.39
CA GLU B 261 -12.32 43.98 15.69
C GLU B 261 -12.02 42.49 15.70
N LEU B 262 -10.91 42.13 16.34
CA LEU B 262 -10.37 40.78 16.31
C LEU B 262 -10.93 39.97 17.47
N PHE B 263 -11.46 38.78 17.17
CA PHE B 263 -11.99 37.90 18.20
C PHE B 263 -11.43 36.49 18.01
N LEU B 264 -10.89 35.91 19.08
CA LEU B 264 -10.30 34.59 19.04
C LEU B 264 -11.36 33.54 19.34
N LEU B 265 -11.43 32.51 18.52
CA LEU B 265 -12.35 31.41 18.77
C LEU B 265 -11.82 30.53 19.89
N PRO B 266 -12.61 30.26 20.93
CA PRO B 266 -12.20 29.30 21.95
C PRO B 266 -11.91 27.95 21.33
N PRO B 267 -10.76 27.35 21.66
CA PRO B 267 -10.36 26.10 20.96
C PRO B 267 -11.38 24.99 21.10
N GLU B 268 -12.04 24.88 22.27
CA GLU B 268 -13.06 23.86 22.47
C GLU B 268 -14.31 24.10 21.64
N LEU B 269 -14.40 25.25 20.97
CA LEU B 269 -15.52 25.50 20.08
C LEU B 269 -15.28 24.97 18.68
N VAL B 270 -14.03 24.85 18.26
CA VAL B 270 -13.67 24.48 16.89
C VAL B 270 -13.32 22.99 16.87
N LEU B 271 -14.28 22.17 16.43
CA LEU B 271 -14.07 20.73 16.37
C LEU B 271 -13.26 20.37 15.14
N GLU B 272 -12.15 19.66 15.34
CA GLU B 272 -11.27 19.22 14.28
C GLU B 272 -11.20 17.69 14.24
N VAL B 273 -10.83 17.16 13.07
CA VAL B 273 -10.66 15.74 12.82
C VAL B 273 -9.24 15.46 12.36
N PRO B 274 -8.41 14.84 13.17
CA PRO B 274 -7.12 14.33 12.66
C PRO B 274 -7.36 13.26 11.61
N LEU B 275 -6.54 13.28 10.55
CA LEU B 275 -6.75 12.39 9.41
C LEU B 275 -5.82 11.18 9.51
N GLU B 276 -6.42 10.00 9.48
CA GLU B 276 -5.71 8.73 9.35
C GLU B 276 -6.34 7.96 8.20
N HIS B 277 -5.64 6.90 7.77
CA HIS B 277 -6.09 6.01 6.73
C HIS B 277 -6.32 4.62 7.33
N PRO B 278 -7.37 3.93 6.90
CA PRO B 278 -7.70 2.64 7.54
C PRO B 278 -6.67 1.56 7.32
N THR B 279 -5.93 1.58 6.21
CA THR B 279 -4.89 0.60 5.95
C THR B 279 -3.58 1.24 5.49
N LEU B 280 -3.41 2.55 5.56
CA LEU B 280 -2.09 3.14 5.27
C LEU B 280 -1.63 3.83 6.56
N GLU B 281 -0.92 3.07 7.41
CA GLU B 281 -0.65 3.52 8.77
C GLU B 281 0.28 4.71 8.81
N TRP B 282 1.15 4.86 7.81
CA TRP B 282 2.02 6.03 7.78
C TRP B 282 1.25 7.32 7.56
N PHE B 283 0.00 7.25 7.07
CA PHE B 283 -0.74 8.45 6.74
C PHE B 283 -0.99 9.32 7.96
N ALA B 284 -1.25 8.71 9.13
CA ALA B 284 -1.47 9.50 10.34
C ALA B 284 -0.23 10.31 10.71
N ALA B 285 0.95 9.86 10.30
CA ALA B 285 2.20 10.56 10.57
C ALA B 285 2.39 11.80 9.71
N LEU B 286 1.56 12.01 8.68
CA LEU B 286 1.62 13.28 7.93
C LEU B 286 1.13 14.45 8.77
N GLY B 287 0.43 14.20 9.87
CA GLY B 287 -0.10 15.23 10.73
C GLY B 287 -1.25 16.02 10.18
N LEU B 288 -1.93 15.52 9.14
CA LEU B 288 -3.04 16.25 8.56
C LEU B 288 -4.24 16.28 9.50
N ARG B 289 -4.96 17.41 9.43
CA ARG B 289 -6.21 17.67 10.16
C ARG B 289 -7.16 18.40 9.23
N TRP B 290 -8.45 18.32 9.51
CA TRP B 290 -9.37 19.31 8.98
C TRP B 290 -10.42 19.61 10.04
N TYR B 291 -11.21 20.65 9.81
CA TYR B 291 -12.22 21.03 10.78
C TYR B 291 -13.59 20.46 10.40
N ALA B 292 -14.46 20.36 11.40
CA ALA B 292 -15.78 19.75 11.24
C ALA B 292 -16.76 20.63 10.46
N LEU B 293 -16.74 21.94 10.70
CA LEU B 293 -17.86 22.81 10.36
C LEU B 293 -17.55 23.66 9.15
N PRO B 294 -18.14 23.41 7.99
CA PRO B 294 -17.98 24.36 6.87
C PRO B 294 -19.00 25.46 7.04
N ALA B 295 -18.55 26.69 7.28
CA ALA B 295 -19.44 27.80 7.60
C ALA B 295 -19.05 29.00 6.76
N VAL B 296 -19.77 29.25 5.66
CA VAL B 296 -19.48 30.35 4.77
C VAL B 296 -19.97 31.65 5.40
N SER B 297 -19.11 32.67 5.44
CA SER B 297 -19.43 33.87 6.19
C SER B 297 -19.32 35.16 5.38
N ASN B 298 -19.01 35.11 4.09
CA ASN B 298 -18.78 36.33 3.32
C ASN B 298 -19.80 36.54 2.19
N MET B 299 -20.88 35.78 2.14
CA MET B 299 -21.86 36.01 1.11
C MET B 299 -22.99 36.92 1.60
N LEU B 300 -23.61 37.59 0.65
CA LEU B 300 -24.75 38.44 0.93
C LEU B 300 -26.05 37.66 0.71
N LEU B 301 -26.95 37.77 1.67
CA LEU B 301 -28.29 37.20 1.58
C LEU B 301 -29.26 38.29 1.14
N GLU B 302 -29.90 38.10 -0.01
CA GLU B 302 -30.91 39.02 -0.52
C GLU B 302 -32.29 38.38 -0.42
N ILE B 303 -33.22 39.06 0.24
CA ILE B 303 -34.60 38.62 0.41
C ILE B 303 -35.52 39.79 0.08
N GLY B 304 -36.33 39.64 -0.96
CA GLY B 304 -37.31 40.66 -1.31
C GLY B 304 -36.75 42.06 -1.38
N GLY B 305 -35.59 42.21 -2.00
CA GLY B 305 -34.91 43.48 -2.13
C GLY B 305 -34.09 43.90 -0.94
N LEU B 306 -34.26 43.28 0.22
CA LEU B 306 -33.46 43.61 1.38
C LEU B 306 -32.17 42.82 1.34
N GLU B 307 -31.08 43.42 1.77
CA GLU B 307 -29.76 42.81 1.66
C GLU B 307 -29.19 42.62 3.06
N PHE B 308 -28.71 41.41 3.33
CA PHE B 308 -28.11 41.10 4.63
C PHE B 308 -26.64 40.80 4.38
N PRO B 309 -25.75 41.80 4.50
CA PRO B 309 -24.34 41.56 4.16
C PRO B 309 -23.66 40.60 5.11
N ALA B 310 -24.26 40.31 6.25
CA ALA B 310 -23.69 39.41 7.23
C ALA B 310 -24.75 38.38 7.59
N ALA B 311 -24.60 37.17 7.08
CA ALA B 311 -25.55 36.09 7.35
C ALA B 311 -24.84 34.75 7.18
N PRO B 312 -23.95 34.40 8.12
CA PRO B 312 -23.12 33.18 7.92
C PRO B 312 -23.97 31.91 8.03
N PHE B 313 -23.72 30.97 7.11
CA PHE B 313 -24.46 29.72 7.10
C PHE B 313 -23.52 28.52 7.09
N SER B 314 -23.98 27.41 7.66
CA SER B 314 -23.13 26.24 7.79
C SER B 314 -23.96 24.98 7.54
N GLY B 315 -23.28 23.95 7.04
CA GLY B 315 -23.90 22.64 6.85
C GLY B 315 -22.96 21.56 7.35
N TRP B 316 -22.61 20.62 6.48
CA TRP B 316 -21.57 19.66 6.77
C TRP B 316 -20.84 19.35 5.47
N TYR B 317 -19.63 18.82 5.60
CA TYR B 317 -18.80 18.61 4.44
C TYR B 317 -19.25 17.42 3.61
N MET B 318 -19.14 17.59 2.29
CA MET B 318 -18.92 16.47 1.38
C MET B 318 -17.43 16.18 1.29
N SER B 319 -17.08 14.90 1.25
CA SER B 319 -15.69 14.51 1.51
C SER B 319 -14.71 14.98 0.44
N THR B 320 -15.17 15.15 -0.80
CA THR B 320 -14.26 15.62 -1.84
C THR B 320 -13.85 17.08 -1.64
N GLU B 321 -14.66 17.89 -0.95
CA GLU B 321 -14.19 19.24 -0.67
C GLU B 321 -12.90 19.21 0.15
N ILE B 322 -12.83 18.29 1.12
CA ILE B 322 -11.64 18.20 1.96
C ILE B 322 -10.55 17.40 1.27
N GLY B 323 -10.89 16.21 0.77
CA GLY B 323 -9.87 15.32 0.25
C GLY B 323 -9.31 15.77 -1.07
N THR B 324 -10.17 16.15 -2.00
CA THR B 324 -9.74 16.58 -3.32
C THR B 324 -9.43 18.06 -3.40
N ARG B 325 -10.36 18.93 -2.97
CA ARG B 325 -10.10 20.35 -3.15
C ARG B 325 -9.05 20.86 -2.18
N ASN B 326 -9.36 20.83 -0.88
CA ASN B 326 -8.49 21.49 0.09
C ASN B 326 -7.13 20.82 0.22
N LEU B 327 -7.05 19.50 0.10
CA LEU B 327 -5.77 18.83 0.30
C LEU B 327 -4.98 18.57 -0.97
N CYS B 328 -5.65 18.33 -2.11
CA CYS B 328 -4.94 17.94 -3.33
C CYS B 328 -4.75 19.06 -4.35
N ASP B 329 -5.55 20.12 -4.31
CA ASP B 329 -5.36 21.22 -5.26
C ASP B 329 -3.90 21.66 -5.21
N PRO B 330 -3.24 21.87 -6.34
CA PRO B 330 -1.84 22.31 -6.25
C PRO B 330 -1.68 23.68 -5.61
N HIS B 331 -2.66 24.57 -5.75
CA HIS B 331 -2.63 25.87 -5.09
C HIS B 331 -3.14 25.83 -3.66
N ARG B 332 -3.41 24.65 -3.11
CA ARG B 332 -3.83 24.51 -1.72
C ARG B 332 -2.74 23.73 -0.96
N TYR B 333 -3.09 22.76 -0.13
CA TYR B 333 -2.08 22.07 0.66
C TYR B 333 -1.22 21.16 -0.20
N ASN B 334 -1.66 20.86 -1.42
CA ASN B 334 -0.83 20.26 -2.47
C ASN B 334 -0.05 19.02 -1.97
N ILE B 335 -0.79 18.09 -1.37
CA ILE B 335 -0.17 16.91 -0.73
C ILE B 335 -0.11 15.69 -1.67
N LEU B 336 -0.62 15.81 -2.90
CA LEU B 336 -0.92 14.60 -3.68
C LEU B 336 0.35 13.83 -4.05
N GLU B 337 1.40 14.52 -4.48
CA GLU B 337 2.63 13.83 -4.86
C GLU B 337 3.30 13.15 -3.67
N ASP B 338 3.32 13.84 -2.52
CA ASP B 338 3.93 13.25 -1.33
C ASP B 338 3.19 11.99 -0.90
N VAL B 339 1.85 12.01 -0.98
CA VAL B 339 1.10 10.82 -0.62
C VAL B 339 1.38 9.70 -1.61
N ALA B 340 1.40 10.02 -2.91
CA ALA B 340 1.70 9.01 -3.92
C ALA B 340 3.08 8.41 -3.70
N VAL B 341 4.07 9.25 -3.38
CA VAL B 341 5.42 8.76 -3.16
C VAL B 341 5.45 7.83 -1.96
N CYS B 342 4.75 8.19 -0.88
CA CYS B 342 4.69 7.31 0.26
C CYS B 342 3.99 5.98 -0.09
N MET B 343 3.03 6.00 -1.02
CA MET B 343 2.34 4.80 -1.47
C MET B 343 3.18 3.95 -2.42
N ASP B 344 4.41 4.37 -2.74
CA ASP B 344 5.30 3.61 -3.63
C ASP B 344 4.71 3.47 -5.02
N LEU B 345 4.00 4.51 -5.46
CA LEU B 345 3.52 4.60 -6.82
C LEU B 345 4.60 5.15 -7.74
N ASP B 346 4.54 4.73 -9.00
CA ASP B 346 5.46 5.21 -10.01
C ASP B 346 5.03 6.60 -10.45
N THR B 347 5.70 7.62 -9.93
CA THR B 347 5.33 9.00 -10.24
C THR B 347 6.15 9.57 -11.39
N ARG B 348 6.97 8.73 -12.05
CA ARG B 348 7.77 9.18 -13.20
C ARG B 348 6.90 9.43 -14.43
N THR B 349 5.78 8.72 -14.57
CA THR B 349 4.91 8.86 -15.73
C THR B 349 3.45 8.97 -15.31
N THR B 350 2.68 9.75 -16.07
CA THR B 350 1.28 9.95 -15.69
C THR B 350 0.42 8.74 -15.99
N SER B 351 0.84 7.91 -16.95
CA SER B 351 0.08 6.75 -17.40
C SER B 351 -0.07 5.65 -16.35
N SER B 352 0.71 5.70 -15.26
CA SER B 352 0.45 4.84 -14.10
C SER B 352 -0.82 5.26 -13.34
N LEU B 353 -1.35 6.45 -13.61
CA LEU B 353 -2.50 7.03 -12.88
C LEU B 353 -2.22 7.15 -11.37
N TRP B 354 -0.98 7.49 -11.02
CA TRP B 354 -0.65 7.68 -9.61
C TRP B 354 -1.47 8.81 -8.99
N LYS B 355 -1.78 9.85 -9.75
CA LYS B 355 -2.57 10.95 -9.19
C LYS B 355 -3.96 10.45 -8.79
N ASP B 356 -4.63 9.76 -9.71
CA ASP B 356 -5.96 9.22 -9.44
C ASP B 356 -5.95 8.28 -8.23
N LYS B 357 -4.92 7.41 -8.11
CA LYS B 357 -4.85 6.46 -7.01
C LYS B 357 -4.59 7.15 -5.67
N ALA B 358 -3.58 8.01 -5.60
CA ALA B 358 -3.37 8.79 -4.38
C ALA B 358 -4.60 9.60 -4.01
N ALA B 359 -5.23 10.24 -4.99
CA ALA B 359 -6.40 11.06 -4.67
C ALA B 359 -7.50 10.20 -4.06
N VAL B 360 -7.70 8.98 -4.59
CA VAL B 360 -8.78 8.16 -4.06
C VAL B 360 -8.50 7.81 -2.60
N GLU B 361 -7.28 7.38 -2.30
CA GLU B 361 -6.96 7.00 -0.92
C GLU B 361 -7.02 8.20 0.03
N ILE B 362 -6.68 9.40 -0.42
CA ILE B 362 -6.84 10.55 0.46
C ILE B 362 -8.31 10.78 0.78
N ASN B 363 -9.18 10.63 -0.20
CA ASN B 363 -10.61 10.76 0.08
C ASN B 363 -11.08 9.66 1.02
N VAL B 364 -10.58 8.42 0.85
CA VAL B 364 -10.88 7.33 1.77
C VAL B 364 -10.47 7.69 3.20
N ALA B 365 -9.29 8.32 3.34
CA ALA B 365 -8.85 8.69 4.69
C ALA B 365 -9.74 9.78 5.30
N VAL B 366 -10.25 10.71 4.47
CA VAL B 366 -11.15 11.74 4.99
C VAL B 366 -12.43 11.11 5.51
N LEU B 367 -13.03 10.23 4.71
CA LEU B 367 -14.28 9.57 5.11
C LEU B 367 -14.09 8.74 6.36
N HIS B 368 -13.07 7.89 6.38
CA HIS B 368 -12.80 7.03 7.53
C HIS B 368 -12.51 7.87 8.77
N SER B 369 -11.75 8.95 8.61
CA SER B 369 -11.41 9.78 9.77
C SER B 369 -12.65 10.47 10.36
N TYR B 370 -13.50 11.04 9.51
CA TYR B 370 -14.70 11.71 10.01
C TYR B 370 -15.68 10.71 10.65
N GLN B 371 -15.87 9.54 10.03
CA GLN B 371 -16.70 8.51 10.64
C GLN B 371 -16.13 8.05 11.97
N LEU B 372 -14.81 7.89 12.06
CA LEU B 372 -14.19 7.51 13.33
C LEU B 372 -14.43 8.57 14.40
N ALA B 373 -14.28 9.84 14.03
CA ALA B 373 -14.47 10.92 14.96
C ALA B 373 -15.94 11.24 15.22
N LYS B 374 -16.86 10.50 14.60
CA LYS B 374 -18.30 10.73 14.75
C LYS B 374 -18.68 12.16 14.36
N VAL B 375 -18.14 12.60 13.23
CA VAL B 375 -18.49 13.89 12.64
C VAL B 375 -19.20 13.61 11.32
N THR B 376 -20.40 14.17 11.17
CA THR B 376 -21.17 14.11 9.94
C THR B 376 -20.32 14.44 8.71
N ILE B 377 -20.42 13.58 7.71
CA ILE B 377 -19.80 13.80 6.41
C ILE B 377 -20.56 12.95 5.41
N VAL B 378 -20.56 13.37 4.16
CA VAL B 378 -21.24 12.64 3.11
C VAL B 378 -20.26 12.47 1.95
N ASP B 379 -20.18 11.25 1.42
CA ASP B 379 -19.33 11.07 0.24
C ASP B 379 -20.07 11.57 -1.00
N HIS B 380 -19.32 11.76 -2.09
CA HIS B 380 -19.92 12.36 -3.28
C HIS B 380 -20.91 11.44 -3.98
N HIS B 381 -20.82 10.11 -3.80
CA HIS B 381 -21.84 9.24 -4.36
C HIS B 381 -23.17 9.44 -3.65
N ALA B 382 -23.15 9.46 -2.32
CA ALA B 382 -24.40 9.67 -1.58
C ALA B 382 -24.96 11.06 -1.83
N ALA B 383 -24.10 12.06 -1.96
CA ALA B 383 -24.56 13.44 -2.10
C ALA B 383 -25.16 13.69 -3.47
N THR B 384 -24.44 13.29 -4.54
CA THR B 384 -24.99 13.42 -5.89
C THR B 384 -26.29 12.63 -6.04
N ALA B 385 -26.40 11.48 -5.37
CA ALA B 385 -27.65 10.73 -5.49
C ALA B 385 -28.80 11.46 -4.81
N SER B 386 -28.55 12.05 -3.65
CA SER B 386 -29.64 12.79 -3.03
C SER B 386 -29.99 14.06 -3.82
N PHE B 387 -29.02 14.65 -4.50
CA PHE B 387 -29.32 15.81 -5.35
C PHE B 387 -30.26 15.45 -6.47
N MET B 388 -30.06 14.26 -7.09
CA MET B 388 -30.99 13.81 -8.12
C MET B 388 -32.41 13.72 -7.57
N LYS B 389 -32.55 13.23 -6.33
CA LYS B 389 -33.85 13.22 -5.70
C LYS B 389 -34.36 14.63 -5.47
N HIS B 390 -33.46 15.59 -5.24
CA HIS B 390 -33.89 16.98 -5.13
C HIS B 390 -34.38 17.51 -6.46
N LEU B 391 -33.64 17.22 -7.54
CA LEU B 391 -34.08 17.61 -8.87
C LEU B 391 -35.48 17.09 -9.15
N GLU B 392 -35.77 15.87 -8.70
CA GLU B 392 -37.09 15.30 -8.94
C GLU B 392 -38.14 15.96 -8.05
N ASN B 393 -37.82 16.17 -6.76
CA ASN B 393 -38.76 16.89 -5.90
C ASN B 393 -39.11 18.25 -6.48
N GLU B 394 -38.11 18.94 -7.04
CA GLU B 394 -38.25 20.30 -7.51
C GLU B 394 -38.98 20.40 -8.84
N GLN B 395 -38.77 19.44 -9.74
CA GLN B 395 -39.56 19.44 -10.98
C GLN B 395 -41.04 19.37 -10.66
N LYS B 396 -41.42 18.56 -9.66
CA LYS B 396 -42.82 18.43 -9.30
C LYS B 396 -43.35 19.70 -8.65
N ALA B 397 -42.57 20.28 -7.72
CA ALA B 397 -43.06 21.40 -6.93
C ALA B 397 -43.02 22.73 -7.69
N ARG B 398 -41.93 23.00 -8.40
CA ARG B 398 -41.71 24.31 -9.02
C ARG B 398 -41.51 24.27 -10.53
N GLY B 399 -41.43 23.09 -11.15
CA GLY B 399 -41.19 23.03 -12.58
C GLY B 399 -39.75 23.19 -13.01
N GLY B 400 -38.80 22.75 -12.18
CA GLY B 400 -37.41 22.95 -12.48
C GLY B 400 -36.57 23.22 -11.25
N CYS B 401 -35.29 23.39 -11.47
CA CYS B 401 -34.31 23.61 -10.42
C CYS B 401 -33.08 24.27 -11.04
N PRO B 402 -32.73 25.49 -10.62
CA PRO B 402 -31.50 26.10 -11.12
C PRO B 402 -30.29 25.31 -10.63
N ALA B 403 -29.36 25.04 -11.53
CA ALA B 403 -28.23 24.19 -11.18
C ALA B 403 -27.05 24.45 -12.09
N ASP B 404 -25.87 24.51 -11.51
CA ASP B 404 -24.62 24.86 -12.18
C ASP B 404 -23.82 23.56 -12.32
N TRP B 405 -23.92 22.94 -13.50
CA TRP B 405 -23.38 21.60 -13.73
C TRP B 405 -21.95 21.50 -13.25
N ALA B 406 -21.12 22.47 -13.62
CA ALA B 406 -19.69 22.38 -13.33
C ALA B 406 -19.38 22.45 -11.85
N TRP B 407 -20.34 22.88 -11.03
CA TRP B 407 -20.16 22.86 -9.58
C TRP B 407 -20.92 21.72 -8.92
N ILE B 408 -21.96 21.20 -9.55
CA ILE B 408 -22.72 20.08 -9.00
C ILE B 408 -21.96 18.77 -9.19
N VAL B 409 -21.29 18.61 -10.31
CA VAL B 409 -20.49 17.40 -10.56
C VAL B 409 -19.23 17.45 -9.69
N PRO B 410 -18.98 16.41 -8.88
CA PRO B 410 -17.81 16.41 -7.98
C PRO B 410 -16.50 16.46 -8.74
N PRO B 411 -15.42 16.91 -8.08
CA PRO B 411 -14.15 17.12 -8.77
C PRO B 411 -13.35 15.85 -9.04
N ILE B 412 -13.65 14.72 -8.38
CA ILE B 412 -13.18 13.41 -8.84
C ILE B 412 -14.39 12.59 -9.23
N SER B 413 -14.14 11.60 -10.09
CA SER B 413 -15.10 10.53 -10.40
C SER B 413 -16.42 11.06 -10.94
N GLY B 414 -16.38 12.18 -11.65
CA GLY B 414 -17.62 12.87 -11.99
C GLY B 414 -18.64 11.98 -12.68
N SER B 415 -18.18 11.20 -13.66
CA SER B 415 -19.11 10.43 -14.48
C SER B 415 -19.57 9.15 -13.81
N LEU B 416 -18.99 8.82 -12.64
CA LEU B 416 -19.48 7.73 -11.83
C LEU B 416 -20.69 8.11 -10.99
N THR B 417 -21.01 9.40 -10.92
CA THR B 417 -22.16 9.92 -10.20
C THR B 417 -23.31 10.16 -11.16
N PRO B 418 -24.54 10.14 -10.66
CA PRO B 418 -25.70 10.33 -11.54
C PRO B 418 -25.89 11.75 -12.04
N VAL B 419 -25.25 12.75 -11.44
CA VAL B 419 -25.43 14.10 -11.93
C VAL B 419 -24.68 14.35 -13.22
N PHE B 420 -23.57 13.63 -13.44
CA PHE B 420 -22.78 13.83 -14.65
C PHE B 420 -23.64 13.82 -15.91
N HIS B 421 -24.55 12.86 -16.03
CA HIS B 421 -25.31 12.65 -17.25
C HIS B 421 -26.61 13.44 -17.27
N GLN B 422 -26.80 14.32 -16.30
CA GLN B 422 -28.01 15.10 -16.15
C GLN B 422 -27.74 16.49 -16.72
N GLU B 423 -28.34 16.80 -17.86
CA GLU B 423 -28.35 18.18 -18.30
C GLU B 423 -28.99 19.05 -17.22
N MET B 424 -28.48 20.28 -17.10
CA MET B 424 -28.96 21.21 -16.09
C MET B 424 -29.06 22.60 -16.69
N VAL B 425 -29.98 23.40 -16.14
CA VAL B 425 -30.24 24.77 -16.55
C VAL B 425 -29.83 25.69 -15.39
N ASN B 426 -28.93 26.62 -15.66
CA ASN B 426 -28.46 27.55 -14.64
C ASN B 426 -29.16 28.91 -14.78
N TYR B 427 -29.64 29.45 -13.67
CA TYR B 427 -30.31 30.75 -13.68
C TYR B 427 -30.42 31.26 -12.25
N PHE B 428 -30.72 32.54 -12.14
CA PHE B 428 -30.72 33.25 -10.87
C PHE B 428 -32.15 33.52 -10.43
N LEU B 429 -32.54 32.90 -9.32
CA LEU B 429 -33.79 33.19 -8.64
C LEU B 429 -33.49 33.94 -7.35
N SER B 430 -34.50 34.65 -6.84
CA SER B 430 -34.40 35.31 -5.56
C SER B 430 -35.55 34.86 -4.67
N PRO B 431 -35.35 34.80 -3.33
CA PRO B 431 -34.16 35.00 -2.50
C PRO B 431 -32.89 34.27 -2.98
N ALA B 432 -31.74 34.91 -2.76
CA ALA B 432 -30.50 34.33 -3.25
C ALA B 432 -29.36 34.65 -2.29
N PHE B 433 -28.37 33.78 -2.29
CA PHE B 433 -27.06 34.12 -1.76
C PHE B 433 -26.22 34.63 -2.93
N ARG B 434 -25.62 35.80 -2.75
CA ARG B 434 -24.85 36.47 -3.79
C ARG B 434 -23.44 36.70 -3.28
N TYR B 435 -22.50 36.74 -4.21
CA TYR B 435 -21.17 37.22 -3.88
C TYR B 435 -21.20 38.72 -3.67
N GLN B 436 -20.28 39.20 -2.85
CA GLN B 436 -20.15 40.62 -2.61
C GLN B 436 -18.67 40.96 -2.51
N PRO B 437 -18.28 42.19 -2.78
CA PRO B 437 -16.86 42.54 -2.70
C PRO B 437 -16.35 42.47 -1.27
N ASP B 438 -15.05 42.24 -1.14
CA ASP B 438 -14.41 42.22 0.16
C ASP B 438 -14.54 43.59 0.81
N PRO B 439 -14.67 43.64 2.14
CA PRO B 439 -14.86 44.93 2.81
C PRO B 439 -13.60 45.74 2.92
N TRP B 440 -12.44 45.18 2.58
CA TRP B 440 -11.19 45.91 2.66
C TRP B 440 -10.67 46.32 1.28
N PHE C 28 27.52 -37.67 28.95
CA PHE C 28 27.66 -36.28 29.40
C PHE C 28 28.08 -35.35 28.25
N PRO C 29 27.11 -34.68 27.63
CA PRO C 29 27.41 -33.84 26.45
C PRO C 29 28.43 -32.75 26.75
N ARG C 30 29.43 -32.65 25.87
CA ARG C 30 30.35 -31.52 25.92
C ARG C 30 29.74 -30.29 25.25
N VAL C 31 29.90 -29.14 25.90
CA VAL C 31 29.23 -27.90 25.55
C VAL C 31 30.28 -26.81 25.50
N LYS C 32 30.49 -26.23 24.32
CA LYS C 32 31.56 -25.27 24.12
C LYS C 32 31.00 -23.88 23.86
N ASN C 33 31.67 -22.86 24.41
CA ASN C 33 31.45 -21.47 24.03
C ASN C 33 32.52 -21.09 23.01
N TRP C 34 32.10 -20.79 21.79
CA TRP C 34 33.02 -20.55 20.70
C TRP C 34 33.55 -19.13 20.66
N GLU C 35 33.01 -18.23 21.47
CA GLU C 35 33.59 -16.90 21.55
C GLU C 35 34.76 -16.87 22.53
N VAL C 36 34.56 -17.48 23.71
CA VAL C 36 35.58 -17.55 24.76
C VAL C 36 36.51 -18.73 24.54
N GLY C 37 35.96 -19.86 24.10
CA GLY C 37 36.68 -21.11 24.10
C GLY C 37 36.45 -21.98 25.31
N SER C 38 35.53 -21.61 26.20
CA SER C 38 35.33 -22.34 27.44
C SER C 38 34.49 -23.60 27.23
N ILE C 39 34.77 -24.61 28.05
CA ILE C 39 34.18 -25.94 27.96
C ILE C 39 33.49 -26.28 29.28
N THR C 40 32.27 -26.82 29.18
CA THR C 40 31.60 -27.44 30.31
C THR C 40 30.98 -28.76 29.84
N TYR C 41 30.50 -29.55 30.81
CA TYR C 41 29.83 -30.82 30.55
C TYR C 41 28.48 -30.82 31.25
N ASP C 42 27.41 -31.01 30.49
CA ASP C 42 26.07 -31.03 31.07
C ASP C 42 25.82 -32.41 31.67
N THR C 43 25.96 -32.50 33.00
CA THR C 43 25.62 -33.72 33.72
C THR C 43 24.16 -33.74 34.19
N LEU C 44 23.44 -32.62 34.09
CA LEU C 44 22.03 -32.59 34.49
C LEU C 44 21.11 -33.16 33.41
N SER C 45 21.53 -33.11 32.15
CA SER C 45 20.72 -33.67 31.08
C SER C 45 20.41 -35.13 31.34
N ALA C 46 21.34 -35.88 31.95
CA ALA C 46 21.12 -37.29 32.25
C ALA C 46 19.89 -37.52 33.12
N GLN C 47 19.44 -36.50 33.84
CA GLN C 47 18.29 -36.59 34.72
C GLN C 47 16.97 -36.19 34.04
N ALA C 48 16.96 -36.04 32.72
CA ALA C 48 15.77 -35.56 32.01
C ALA C 48 14.60 -36.51 32.21
N GLN C 49 13.58 -36.03 32.93
CA GLN C 49 12.44 -36.88 33.29
C GLN C 49 11.75 -37.44 32.05
N GLN C 50 11.47 -36.59 31.07
CA GLN C 50 10.68 -36.96 29.91
C GLN C 50 11.56 -37.04 28.67
N ASP C 51 10.92 -37.17 27.51
CA ASP C 51 11.61 -37.35 26.23
C ASP C 51 11.02 -36.40 25.20
N GLY C 52 11.88 -35.68 24.48
CA GLY C 52 11.48 -34.76 23.45
C GLY C 52 11.47 -35.35 22.06
N PRO C 53 11.33 -34.49 21.05
CA PRO C 53 10.99 -34.94 19.69
C PRO C 53 12.14 -35.49 18.86
N CYS C 54 13.39 -35.39 19.33
CA CYS C 54 14.52 -35.73 18.51
C CYS C 54 14.83 -37.23 18.54
N THR C 55 15.50 -37.70 17.49
CA THR C 55 16.04 -39.06 17.45
C THR C 55 17.44 -38.99 16.83
N PRO C 56 18.24 -40.06 16.92
CA PRO C 56 19.56 -40.03 16.22
C PRO C 56 19.44 -39.83 14.73
N ARG C 57 18.27 -40.05 14.15
CA ARG C 57 18.06 -39.94 12.72
C ARG C 57 17.67 -38.53 12.27
N ARG C 58 16.96 -37.76 13.09
CA ARG C 58 16.43 -36.44 12.70
C ARG C 58 16.27 -35.55 13.93
N CYS C 59 16.81 -34.33 13.85
CA CYS C 59 16.65 -33.33 14.90
C CYS C 59 15.43 -32.44 14.62
N LEU C 60 14.54 -32.32 15.62
CA LEU C 60 13.35 -31.48 15.55
C LEU C 60 13.39 -30.37 16.59
N GLY C 61 14.58 -29.97 17.01
CA GLY C 61 14.73 -28.90 18.00
C GLY C 61 14.12 -27.56 17.61
N SER C 62 13.85 -27.33 16.32
CA SER C 62 13.30 -26.04 15.92
C SER C 62 11.77 -26.03 15.88
N LEU C 63 11.12 -27.17 16.10
CA LEU C 63 9.67 -27.22 16.16
C LEU C 63 9.15 -26.54 17.44
N VAL C 64 8.09 -25.76 17.28
CA VAL C 64 7.54 -24.98 18.39
C VAL C 64 6.79 -25.88 19.37
N PHE C 65 5.91 -26.75 18.85
CA PHE C 65 5.17 -27.71 19.68
C PHE C 65 5.73 -29.11 19.49
N PRO C 66 6.55 -29.62 20.42
CA PRO C 66 6.98 -31.01 20.40
C PRO C 66 6.28 -31.87 21.48
N ALA C 79 -3.94 -44.48 37.49
CA ALA C 79 -2.55 -44.89 37.66
C ALA C 79 -1.98 -44.36 38.98
N PRO C 80 -2.36 -44.98 40.11
CA PRO C 80 -1.76 -44.59 41.39
C PRO C 80 -0.28 -44.88 41.47
N GLU C 81 0.20 -45.93 40.78
CA GLU C 81 1.63 -46.22 40.76
C GLU C 81 2.41 -45.06 40.15
N GLN C 82 1.93 -44.55 39.00
CA GLN C 82 2.64 -43.48 38.29
C GLN C 82 2.63 -42.17 39.08
N LEU C 83 1.54 -41.87 39.76
CA LEU C 83 1.48 -40.63 40.54
C LEU C 83 2.52 -40.64 41.65
N LEU C 84 2.59 -41.75 42.39
CA LEU C 84 3.48 -41.80 43.55
C LEU C 84 4.95 -41.72 43.15
N SER C 85 5.29 -42.25 41.98
CA SER C 85 6.67 -42.17 41.50
C SER C 85 7.09 -40.72 41.30
N GLN C 86 6.33 -39.96 40.50
CA GLN C 86 6.60 -38.54 40.36
C GLN C 86 6.60 -37.85 41.72
N ALA C 87 5.52 -38.06 42.49
CA ALA C 87 5.38 -37.37 43.77
C ALA C 87 6.58 -37.64 44.68
N ARG C 88 7.05 -38.88 44.72
CA ARG C 88 8.21 -39.20 45.54
C ARG C 88 9.46 -38.45 45.06
N ASP C 89 9.62 -38.30 43.74
CA ASP C 89 10.81 -37.63 43.24
C ASP C 89 10.76 -36.13 43.47
N PHE C 90 9.58 -35.53 43.41
CA PHE C 90 9.48 -34.11 43.73
C PHE C 90 9.82 -33.84 45.19
N ILE C 91 9.33 -34.69 46.10
CA ILE C 91 9.58 -34.50 47.52
C ILE C 91 11.06 -34.61 47.83
N ASN C 92 11.74 -35.59 47.22
CA ASN C 92 13.19 -35.68 47.35
C ASN C 92 13.87 -34.44 46.81
N GLN C 93 13.37 -33.89 45.71
CA GLN C 93 13.94 -32.66 45.20
C GLN C 93 13.82 -31.55 46.24
N TYR C 94 12.63 -31.42 46.83
CA TYR C 94 12.40 -30.36 47.80
C TYR C 94 13.33 -30.50 49.00
N TYR C 95 13.40 -31.70 49.57
CA TYR C 95 14.16 -31.83 50.82
C TYR C 95 15.66 -31.73 50.59
N SER C 96 16.15 -32.24 49.46
CA SER C 96 17.54 -31.98 49.10
C SER C 96 17.77 -30.49 48.94
N SER C 97 16.80 -29.77 48.36
CA SER C 97 16.95 -28.34 48.09
C SER C 97 16.94 -27.49 49.35
N ILE C 98 16.62 -28.06 50.51
CA ILE C 98 16.73 -27.32 51.77
C ILE C 98 17.66 -28.03 52.74
N LYS C 99 18.45 -28.98 52.25
CA LYS C 99 19.47 -29.69 53.04
C LYS C 99 18.84 -30.49 54.17
N ARG C 100 17.62 -30.99 53.95
CA ARG C 100 16.87 -31.73 54.98
C ARG C 100 16.43 -33.09 54.49
N SER C 101 17.19 -33.69 53.56
CA SER C 101 16.83 -34.99 52.99
C SER C 101 17.36 -36.09 53.88
N GLY C 102 16.72 -37.26 53.80
CA GLY C 102 17.02 -38.33 54.73
C GLY C 102 16.57 -38.01 56.15
N SER C 103 16.68 -36.73 56.52
CA SER C 103 16.16 -36.24 57.79
C SER C 103 14.67 -36.56 57.88
N GLN C 104 14.26 -37.05 59.04
CA GLN C 104 12.96 -37.70 59.15
C GLN C 104 11.77 -36.74 59.05
N ALA C 105 11.99 -35.42 58.89
CA ALA C 105 10.91 -34.58 58.39
C ALA C 105 10.62 -34.86 56.91
N HIS C 106 11.66 -35.19 56.15
CA HIS C 106 11.48 -35.67 54.78
C HIS C 106 10.75 -37.01 54.78
N GLU C 107 11.06 -37.89 55.73
CA GLU C 107 10.43 -39.21 55.74
C GLU C 107 8.97 -39.14 56.14
N GLN C 108 8.58 -38.16 56.97
CA GLN C 108 7.18 -38.01 57.33
C GLN C 108 6.34 -37.55 56.15
N ARG C 109 6.90 -36.68 55.31
CA ARG C 109 6.15 -36.21 54.14
C ARG C 109 5.92 -37.33 53.14
N LEU C 110 6.90 -38.22 52.97
CA LEU C 110 6.72 -39.34 52.05
C LEU C 110 5.56 -40.23 52.47
N GLN C 111 5.51 -40.61 53.76
CA GLN C 111 4.43 -41.48 54.22
C GLN C 111 3.08 -40.76 54.13
N GLU C 112 3.07 -39.43 54.27
CA GLU C 112 1.83 -38.68 54.21
C GLU C 112 1.24 -38.70 52.80
N VAL C 113 2.06 -38.46 51.79
CA VAL C 113 1.55 -38.46 50.42
C VAL C 113 1.07 -39.86 50.02
N GLU C 114 1.81 -40.89 50.43
CA GLU C 114 1.37 -42.26 50.19
C GLU C 114 -0.02 -42.50 50.77
N ALA C 115 -0.24 -42.05 52.00
CA ALA C 115 -1.54 -42.25 52.63
C ALA C 115 -2.61 -41.41 51.95
N GLU C 116 -2.27 -40.20 51.54
CA GLU C 116 -3.27 -39.33 50.94
C GLU C 116 -3.69 -39.88 49.58
N VAL C 117 -2.74 -40.35 48.79
CA VAL C 117 -3.09 -40.94 47.50
C VAL C 117 -3.99 -42.16 47.70
N ALA C 118 -3.68 -42.98 48.71
CA ALA C 118 -4.48 -44.18 48.96
C ALA C 118 -5.94 -43.85 49.23
N ALA C 119 -6.20 -42.84 50.07
CA ALA C 119 -7.56 -42.50 50.45
C ALA C 119 -8.29 -41.65 49.43
N THR C 120 -7.58 -40.99 48.51
CA THR C 120 -8.22 -40.05 47.60
C THR C 120 -7.74 -40.09 46.16
N GLY C 121 -6.71 -40.87 45.83
CA GLY C 121 -6.22 -40.93 44.47
C GLY C 121 -5.35 -39.77 44.05
N THR C 122 -5.34 -38.67 44.81
CA THR C 122 -4.45 -37.55 44.53
C THR C 122 -3.75 -37.15 45.82
N TYR C 123 -3.11 -35.99 45.82
CA TYR C 123 -2.57 -35.45 47.06
C TYR C 123 -2.41 -33.95 46.92
N GLN C 124 -2.28 -33.28 48.06
CA GLN C 124 -2.16 -31.82 48.09
C GLN C 124 -0.72 -31.44 48.40
N LEU C 125 -0.23 -30.41 47.72
CA LEU C 125 1.05 -29.83 48.06
C LEU C 125 0.95 -28.94 49.29
N ARG C 126 1.94 -29.00 50.16
CA ARG C 126 2.12 -27.93 51.14
C ARG C 126 2.42 -26.64 50.39
N GLU C 127 2.07 -25.51 51.02
CA GLU C 127 2.28 -24.21 50.38
C GLU C 127 3.75 -24.00 50.01
N SER C 128 4.67 -24.41 50.88
CA SER C 128 6.08 -24.18 50.60
C SER C 128 6.55 -25.07 49.45
N GLU C 129 6.16 -26.34 49.46
CA GLU C 129 6.40 -27.19 48.29
C GLU C 129 5.84 -26.54 47.04
N LEU C 130 4.68 -25.89 47.14
CA LEU C 130 4.09 -25.23 45.99
C LEU C 130 4.98 -24.09 45.52
N VAL C 131 5.43 -23.25 46.46
CA VAL C 131 6.35 -22.16 46.12
C VAL C 131 7.59 -22.71 45.41
N PHE C 132 8.23 -23.70 46.02
CA PHE C 132 9.45 -24.25 45.46
C PHE C 132 9.20 -24.87 44.09
N GLY C 133 8.03 -25.49 43.89
CA GLY C 133 7.73 -26.09 42.61
C GLY C 133 7.55 -25.08 41.50
N ALA C 134 6.78 -24.03 41.77
CA ALA C 134 6.56 -22.99 40.76
C ALA C 134 7.87 -22.36 40.33
N LYS C 135 8.77 -22.12 41.29
CA LYS C 135 10.07 -21.53 40.97
C LYS C 135 10.93 -22.49 40.15
N GLN C 136 10.91 -23.78 40.49
CA GLN C 136 11.66 -24.78 39.74
C GLN C 136 11.15 -24.88 38.30
N ALA C 137 9.83 -24.86 38.11
CA ALA C 137 9.27 -24.97 36.77
C ALA C 137 9.76 -23.82 35.89
N TRP C 138 9.87 -22.61 36.45
CA TRP C 138 10.51 -21.50 35.74
C TRP C 138 11.99 -21.77 35.52
N ARG C 139 12.68 -22.25 36.55
CA ARG C 139 14.10 -22.52 36.44
C ARG C 139 14.38 -23.54 35.33
N ASN C 140 13.42 -24.43 35.09
CA ASN C 140 13.60 -25.50 34.12
C ASN C 140 13.07 -25.15 32.74
N ALA C 141 12.49 -23.97 32.55
CA ALA C 141 11.92 -23.59 31.25
C ALA C 141 13.03 -23.32 30.24
N PRO C 142 13.23 -24.20 29.26
CA PRO C 142 14.37 -24.04 28.35
C PRO C 142 14.28 -22.80 27.46
N ARG C 143 13.10 -22.26 27.23
CA ARG C 143 12.94 -21.15 26.31
C ARG C 143 12.99 -19.78 26.97
N CYS C 144 13.15 -19.69 28.29
CA CYS C 144 13.10 -18.41 28.99
C CYS C 144 14.52 -17.86 29.17
N VAL C 145 14.75 -16.67 28.60
CA VAL C 145 16.04 -16.00 28.76
C VAL C 145 16.09 -15.20 30.05
N GLY C 146 15.00 -15.13 30.78
CA GLY C 146 14.92 -14.29 31.97
C GLY C 146 15.18 -15.00 33.27
N ARG C 147 15.72 -16.23 33.20
CA ARG C 147 15.77 -17.10 34.37
C ARG C 147 16.78 -16.66 35.42
N ILE C 148 17.63 -15.67 35.17
CA ILE C 148 18.46 -15.15 36.25
C ILE C 148 17.59 -14.76 37.44
N GLN C 149 16.33 -14.42 37.20
CA GLN C 149 15.39 -13.96 38.21
C GLN C 149 14.61 -15.09 38.90
N TRP C 150 14.96 -16.36 38.66
CA TRP C 150 14.05 -17.44 39.02
C TRP C 150 13.80 -17.56 40.52
N GLY C 151 14.79 -17.21 41.35
CA GLY C 151 14.56 -17.21 42.79
C GLY C 151 13.57 -16.16 43.28
N LYS C 152 13.37 -15.07 42.52
CA LYS C 152 12.49 -13.98 42.96
C LYS C 152 11.17 -14.12 42.19
N LEU C 153 10.22 -14.80 42.81
CA LEU C 153 8.91 -15.08 42.24
C LEU C 153 7.88 -15.10 43.36
N GLN C 154 6.84 -14.28 43.24
CA GLN C 154 5.73 -14.26 44.17
C GLN C 154 4.67 -15.28 43.72
N VAL C 155 4.35 -16.22 44.59
CA VAL C 155 3.36 -17.26 44.31
C VAL C 155 2.09 -16.93 45.06
N PHE C 156 0.99 -16.82 44.33
CA PHE C 156 -0.32 -16.55 44.93
C PHE C 156 -1.10 -17.86 44.93
N ASP C 157 -1.35 -18.39 46.12
CA ASP C 157 -2.05 -19.66 46.29
C ASP C 157 -3.55 -19.41 46.13
N ALA C 158 -4.07 -19.68 44.93
CA ALA C 158 -5.49 -19.56 44.63
C ALA C 158 -6.18 -20.91 44.58
N ARG C 159 -5.63 -21.93 45.25
CA ARG C 159 -6.15 -23.28 45.11
C ARG C 159 -7.45 -23.52 45.86
N ASP C 160 -7.90 -22.56 46.68
CA ASP C 160 -9.22 -22.63 47.28
C ASP C 160 -10.28 -21.94 46.44
N CYS C 161 -9.98 -21.68 45.17
CA CYS C 161 -10.92 -21.01 44.30
C CYS C 161 -12.10 -21.93 43.98
N ARG C 162 -13.26 -21.32 43.78
CA ARG C 162 -14.51 -22.05 43.57
C ARG C 162 -15.40 -21.47 42.49
N SER C 163 -15.05 -20.33 41.91
CA SER C 163 -15.98 -19.60 41.06
C SER C 163 -15.20 -18.80 40.02
N ALA C 164 -15.75 -18.73 38.81
CA ALA C 164 -15.16 -17.84 37.80
C ALA C 164 -15.16 -16.39 38.27
N GLN C 165 -16.11 -16.02 39.13
CA GLN C 165 -16.05 -14.69 39.74
C GLN C 165 -14.84 -14.56 40.65
N GLU C 166 -14.65 -15.52 41.56
CA GLU C 166 -13.48 -15.48 42.43
C GLU C 166 -12.20 -15.54 41.62
N MET C 167 -12.23 -16.28 40.51
CA MET C 167 -11.06 -16.36 39.64
C MET C 167 -10.70 -14.98 39.11
N PHE C 168 -11.70 -14.22 38.66
CA PHE C 168 -11.44 -12.86 38.18
C PHE C 168 -10.85 -11.98 39.27
N THR C 169 -11.22 -12.23 40.54
CA THR C 169 -10.67 -11.43 41.62
C THR C 169 -9.20 -11.74 41.84
N TYR C 170 -8.87 -13.03 42.00
CA TYR C 170 -7.47 -13.43 42.06
C TYR C 170 -6.66 -12.84 40.90
N ILE C 171 -7.23 -12.87 39.70
CA ILE C 171 -6.51 -12.42 38.52
C ILE C 171 -6.19 -10.93 38.64
N CYS C 172 -7.21 -10.12 38.97
CA CYS C 172 -7.00 -8.68 39.15
C CYS C 172 -5.96 -8.37 40.22
N ASN C 173 -6.04 -9.05 41.38
CA ASN C 173 -5.01 -8.89 42.40
C ASN C 173 -3.63 -9.15 41.82
N HIS C 174 -3.48 -10.26 41.09
CA HIS C 174 -2.24 -10.57 40.40
C HIS C 174 -1.79 -9.41 39.54
N ILE C 175 -2.67 -8.92 38.67
CA ILE C 175 -2.30 -7.83 37.77
C ILE C 175 -1.88 -6.60 38.56
N LYS C 176 -2.67 -6.22 39.56
CA LYS C 176 -2.30 -5.07 40.38
C LYS C 176 -0.94 -5.30 41.05
N TYR C 177 -0.74 -6.48 41.64
CA TYR C 177 0.54 -6.77 42.29
C TYR C 177 1.69 -6.77 41.27
N ALA C 178 1.48 -7.40 40.11
CA ALA C 178 2.57 -7.54 39.14
C ALA C 178 2.92 -6.21 38.50
N THR C 179 1.91 -5.41 38.15
CA THR C 179 2.16 -4.13 37.50
C THR C 179 2.85 -3.16 38.45
N ASN C 180 2.37 -3.05 39.69
CA ASN C 180 2.99 -2.24 40.74
C ASN C 180 3.40 -0.86 40.23
N ARG C 181 2.48 -0.23 39.50
CA ARG C 181 2.65 1.12 38.96
C ARG C 181 3.88 1.23 38.05
N GLY C 182 4.23 0.16 37.32
CA GLY C 182 5.35 0.20 36.40
C GLY C 182 6.62 -0.45 36.93
N ASN C 183 6.76 -0.58 38.24
CA ASN C 183 7.87 -1.31 38.84
C ASN C 183 7.49 -2.80 38.86
N LEU C 184 7.62 -3.44 37.70
CA LEU C 184 7.08 -4.78 37.53
C LEU C 184 7.76 -5.78 38.45
N ARG C 185 6.97 -6.70 39.00
CA ARG C 185 7.47 -7.81 39.80
C ARG C 185 6.89 -9.12 39.30
N SER C 186 7.75 -10.15 39.20
CA SER C 186 7.30 -11.46 38.75
C SER C 186 6.27 -12.04 39.70
N ALA C 187 5.32 -12.78 39.15
CA ALA C 187 4.32 -13.40 39.99
C ALA C 187 3.65 -14.53 39.23
N ILE C 188 3.13 -15.49 39.98
CA ILE C 188 2.29 -16.55 39.46
C ILE C 188 1.13 -16.74 40.43
N THR C 189 -0.06 -16.98 39.88
CA THR C 189 -1.24 -17.32 40.67
C THR C 189 -1.67 -18.73 40.30
N VAL C 190 -1.79 -19.61 41.29
CA VAL C 190 -2.04 -21.02 41.05
C VAL C 190 -3.46 -21.37 41.46
N PHE C 191 -4.28 -21.71 40.48
CA PHE C 191 -5.66 -22.14 40.70
C PHE C 191 -5.70 -23.64 40.94
N PRO C 192 -6.85 -24.21 41.33
CA PRO C 192 -6.84 -25.58 41.85
C PRO C 192 -6.42 -26.61 40.80
N GLN C 193 -5.66 -27.60 41.25
CA GLN C 193 -5.17 -28.66 40.37
C GLN C 193 -6.35 -29.41 39.76
N ARG C 194 -6.05 -30.24 38.77
CA ARG C 194 -7.08 -31.08 38.17
C ARG C 194 -7.27 -32.33 39.02
N CYS C 195 -8.53 -32.71 39.25
CA CYS C 195 -8.99 -33.84 40.05
C CYS C 195 -9.61 -34.89 39.16
N PRO C 196 -9.57 -36.17 39.55
CA PRO C 196 -10.35 -37.16 38.81
C PRO C 196 -11.83 -36.83 38.92
N GLY C 197 -12.55 -37.01 37.80
CA GLY C 197 -13.98 -36.73 37.74
C GLY C 197 -14.30 -35.33 38.20
N ARG C 198 -14.05 -34.35 37.33
CA ARG C 198 -13.93 -32.95 37.73
C ARG C 198 -14.43 -32.08 36.59
N GLY C 199 -14.18 -30.78 36.71
CA GLY C 199 -13.94 -29.93 35.58
C GLY C 199 -12.58 -29.27 35.75
N ASP C 200 -11.99 -28.79 34.67
CA ASP C 200 -10.74 -28.05 34.76
C ASP C 200 -11.01 -26.56 34.90
N PHE C 201 -10.36 -25.93 35.89
CA PHE C 201 -10.20 -24.49 35.83
C PHE C 201 -9.34 -24.15 34.61
N ARG C 202 -9.83 -23.24 33.77
CA ARG C 202 -9.08 -22.85 32.60
C ARG C 202 -9.25 -21.36 32.36
N ILE C 203 -8.17 -20.71 31.94
CA ILE C 203 -8.22 -19.36 31.39
C ILE C 203 -8.13 -19.50 29.88
N TRP C 204 -9.14 -19.01 29.18
CA TRP C 204 -9.20 -19.24 27.74
C TRP C 204 -8.23 -18.35 26.97
N ASN C 205 -7.95 -17.15 27.47
CA ASN C 205 -7.01 -16.26 26.79
C ASN C 205 -5.60 -16.78 26.90
N SER C 206 -4.83 -16.63 25.80
CA SER C 206 -3.43 -17.04 25.81
C SER C 206 -2.59 -16.14 26.73
N GLN C 207 -2.93 -14.86 26.83
CA GLN C 207 -2.36 -13.98 27.84
C GLN C 207 -3.47 -13.22 28.52
N LEU C 208 -3.14 -12.70 29.72
CA LEU C 208 -4.12 -11.90 30.46
C LEU C 208 -4.43 -10.59 29.72
N VAL C 209 -3.41 -9.94 29.16
CA VAL C 209 -3.59 -8.72 28.37
C VAL C 209 -3.30 -9.05 26.91
N ARG C 210 -4.27 -8.77 26.04
CA ARG C 210 -4.18 -9.10 24.64
C ARG C 210 -5.05 -8.12 23.86
N TYR C 211 -4.56 -7.71 22.71
CA TYR C 211 -5.29 -6.82 21.84
C TYR C 211 -6.18 -7.58 20.87
N ALA C 212 -7.37 -7.01 20.63
CA ALA C 212 -8.35 -7.61 19.76
C ALA C 212 -7.82 -7.73 18.34
N GLY C 213 -8.20 -8.82 17.67
CA GLY C 213 -7.89 -9.00 16.27
C GLY C 213 -9.18 -9.14 15.48
N TYR C 214 -9.59 -8.09 14.80
CA TYR C 214 -10.87 -8.05 14.10
C TYR C 214 -10.67 -8.39 12.64
N ARG C 215 -11.27 -9.47 12.18
CA ARG C 215 -11.20 -9.79 10.76
C ARG C 215 -11.98 -8.76 9.96
N GLN C 216 -11.33 -8.17 8.98
CA GLN C 216 -11.97 -7.24 8.08
C GLN C 216 -12.49 -7.98 6.85
N GLN C 217 -13.37 -7.31 6.10
CA GLN C 217 -14.01 -7.97 4.98
C GLN C 217 -13.19 -7.90 3.69
N ASP C 218 -12.06 -7.19 3.70
CA ASP C 218 -11.05 -7.37 2.67
C ASP C 218 -10.11 -8.52 3.00
N GLY C 219 -10.52 -9.43 3.90
CA GLY C 219 -9.68 -10.52 4.35
C GLY C 219 -8.67 -10.14 5.42
N SER C 220 -8.25 -8.88 5.42
CA SER C 220 -7.19 -8.43 6.32
C SER C 220 -7.69 -8.42 7.77
N VAL C 221 -6.83 -7.94 8.66
CA VAL C 221 -7.13 -7.92 10.09
C VAL C 221 -6.75 -6.55 10.63
N ARG C 222 -7.68 -5.94 11.36
CA ARG C 222 -7.42 -4.75 12.16
C ARG C 222 -7.23 -5.19 13.61
N GLY C 223 -6.10 -4.81 14.19
CA GLY C 223 -5.69 -5.33 15.48
C GLY C 223 -4.58 -6.36 15.36
N ASP C 224 -4.49 -7.19 16.40
CA ASP C 224 -3.46 -8.21 16.46
C ASP C 224 -3.95 -9.46 15.74
N PRO C 225 -3.39 -9.81 14.58
CA PRO C 225 -3.80 -11.05 13.89
C PRO C 225 -3.66 -12.29 14.74
N ALA C 226 -2.74 -12.29 15.70
CA ALA C 226 -2.57 -13.45 16.57
C ALA C 226 -3.83 -13.78 17.37
N ASN C 227 -4.73 -12.80 17.57
CA ASN C 227 -5.84 -12.99 18.49
C ASN C 227 -7.19 -12.98 17.79
N VAL C 228 -7.23 -13.30 16.50
CA VAL C 228 -8.49 -13.34 15.77
C VAL C 228 -9.44 -14.38 16.38
N GLU C 229 -8.91 -15.57 16.70
CA GLU C 229 -9.75 -16.66 17.20
C GLU C 229 -10.33 -16.34 18.57
N ILE C 230 -9.48 -15.93 19.53
CA ILE C 230 -9.99 -15.61 20.87
C ILE C 230 -10.93 -14.42 20.82
N THR C 231 -10.76 -13.52 19.83
CA THR C 231 -11.64 -12.36 19.74
C THR C 231 -13.03 -12.75 19.24
N GLU C 232 -13.09 -13.67 18.28
CA GLU C 232 -14.38 -14.17 17.84
C GLU C 232 -15.11 -14.89 18.97
N LEU C 233 -14.36 -15.65 19.79
CA LEU C 233 -14.96 -16.33 20.93
C LEU C 233 -15.44 -15.35 21.98
N CYS C 234 -14.78 -14.20 22.11
CA CYS C 234 -15.27 -13.22 23.07
C CYS C 234 -16.59 -12.61 22.59
N ILE C 235 -16.70 -12.37 21.29
CA ILE C 235 -17.93 -11.82 20.76
C ILE C 235 -19.08 -12.80 20.93
N GLN C 236 -18.84 -14.08 20.65
CA GLN C 236 -19.89 -15.10 20.79
C GLN C 236 -20.44 -15.12 22.21
N HIS C 237 -19.56 -14.94 23.20
CA HIS C 237 -19.97 -15.03 24.61
C HIS C 237 -20.36 -13.68 25.19
N GLY C 238 -20.80 -12.74 24.37
CA GLY C 238 -21.48 -11.53 24.82
C GLY C 238 -20.73 -10.24 24.56
N TRP C 239 -19.41 -10.28 24.42
CA TRP C 239 -18.64 -9.05 24.40
C TRP C 239 -19.03 -8.17 23.22
N THR C 240 -19.16 -6.88 23.48
CA THR C 240 -19.43 -5.91 22.42
C THR C 240 -18.11 -5.47 21.80
N PRO C 241 -17.83 -5.83 20.55
CA PRO C 241 -16.51 -5.55 20.00
C PRO C 241 -16.30 -4.08 19.71
N GLY C 242 -15.08 -3.61 19.96
CA GLY C 242 -14.66 -2.30 19.53
C GLY C 242 -14.28 -2.30 18.06
N ASN C 243 -13.52 -1.29 17.67
CA ASN C 243 -13.12 -1.13 16.28
C ASN C 243 -11.66 -0.76 16.08
N GLY C 244 -10.91 -0.47 17.15
CA GLY C 244 -9.56 0.05 17.03
C GLY C 244 -8.49 -1.05 16.90
N ARG C 245 -7.25 -0.59 16.73
CA ARG C 245 -6.08 -1.45 16.57
C ARG C 245 -5.50 -1.94 17.89
N PHE C 246 -5.95 -1.38 19.03
CA PHE C 246 -5.36 -1.70 20.32
C PHE C 246 -6.45 -1.80 21.38
N ASP C 247 -7.45 -2.64 21.13
CA ASP C 247 -8.55 -2.85 22.07
C ASP C 247 -8.21 -4.02 22.99
N VAL C 248 -8.12 -3.76 24.29
CA VAL C 248 -7.83 -4.79 25.27
C VAL C 248 -9.00 -5.76 25.33
N LEU C 249 -8.74 -7.03 25.05
CA LEU C 249 -9.79 -8.04 25.05
C LEU C 249 -10.28 -8.30 26.47
N PRO C 250 -11.51 -8.80 26.62
CA PRO C 250 -11.95 -9.30 27.92
C PRO C 250 -11.44 -10.71 28.16
N LEU C 251 -11.56 -11.15 29.41
CA LEU C 251 -11.15 -12.48 29.80
C LEU C 251 -12.29 -13.49 29.69
N LEU C 252 -11.98 -14.66 29.11
CA LEU C 252 -12.89 -15.80 29.12
C LEU C 252 -12.42 -16.77 30.20
N LEU C 253 -13.12 -16.78 31.33
CA LEU C 253 -12.76 -17.57 32.50
C LEU C 253 -13.74 -18.72 32.69
N GLN C 254 -13.21 -19.90 32.99
CA GLN C 254 -14.01 -21.12 33.05
C GLN C 254 -13.74 -21.83 34.37
N ALA C 255 -14.72 -21.84 35.26
CA ALA C 255 -14.72 -22.70 36.42
C ALA C 255 -15.08 -24.12 36.00
N PRO C 256 -14.75 -25.11 36.82
CA PRO C 256 -15.03 -26.51 36.44
C PRO C 256 -16.48 -26.74 36.03
N ASP C 257 -16.65 -27.33 34.84
CA ASP C 257 -17.92 -27.84 34.32
C ASP C 257 -18.84 -26.73 33.82
N GLU C 258 -18.78 -25.56 34.45
CA GLU C 258 -19.57 -24.45 33.98
C GLU C 258 -19.00 -23.93 32.65
N PRO C 259 -19.77 -23.17 31.89
CA PRO C 259 -19.25 -22.59 30.64
C PRO C 259 -18.39 -21.37 30.91
N PRO C 260 -17.61 -20.94 29.92
CA PRO C 260 -16.78 -19.73 30.12
C PRO C 260 -17.64 -18.49 30.28
N GLU C 261 -17.41 -17.77 31.38
CA GLU C 261 -18.04 -16.48 31.62
C GLU C 261 -17.08 -15.37 31.21
N LEU C 262 -17.65 -14.29 30.67
CA LEU C 262 -16.88 -13.19 30.12
C LEU C 262 -16.71 -12.10 31.17
N PHE C 263 -15.49 -11.56 31.27
CA PHE C 263 -15.14 -10.55 32.26
C PHE C 263 -14.33 -9.44 31.61
N LEU C 264 -14.72 -8.19 31.85
CA LEU C 264 -13.95 -7.04 31.39
C LEU C 264 -12.89 -6.65 32.42
N LEU C 265 -11.76 -6.18 31.93
CA LEU C 265 -10.80 -5.71 32.91
C LEU C 265 -10.97 -4.21 33.11
N PRO C 266 -10.84 -3.74 34.35
CA PRO C 266 -10.87 -2.28 34.59
C PRO C 266 -9.74 -1.60 33.86
N PRO C 267 -10.03 -0.57 33.05
CA PRO C 267 -8.94 0.15 32.37
C PRO C 267 -7.86 0.62 33.32
N GLU C 268 -8.24 1.03 34.54
CA GLU C 268 -7.29 1.43 35.58
C GLU C 268 -6.27 0.34 35.90
N LEU C 269 -6.52 -0.90 35.48
CA LEU C 269 -5.69 -2.02 35.87
C LEU C 269 -4.69 -2.41 34.79
N VAL C 270 -5.00 -2.16 33.52
CA VAL C 270 -4.15 -2.55 32.40
C VAL C 270 -3.26 -1.36 32.05
N LEU C 271 -2.03 -1.37 32.57
CA LEU C 271 -1.08 -0.29 32.31
C LEU C 271 -0.53 -0.40 30.90
N GLU C 272 -0.62 0.69 30.13
CA GLU C 272 -0.21 0.71 28.74
C GLU C 272 0.83 1.80 28.51
N VAL C 273 1.68 1.61 27.50
CA VAL C 273 2.75 2.54 27.18
C VAL C 273 2.58 3.05 25.75
N PRO C 274 2.34 4.35 25.55
CA PRO C 274 2.32 4.90 24.19
C PRO C 274 3.73 5.00 23.65
N LEU C 275 3.91 4.59 22.40
CA LEU C 275 5.26 4.46 21.85
C LEU C 275 5.65 5.73 21.12
N GLU C 276 6.80 6.27 21.50
CA GLU C 276 7.36 7.46 20.87
CA GLU C 276 7.35 7.45 20.85
C GLU C 276 8.84 7.20 20.62
N HIS C 277 9.44 8.03 19.75
CA HIS C 277 10.85 7.87 19.45
C HIS C 277 11.66 9.04 19.99
N PRO C 278 12.84 8.79 20.58
CA PRO C 278 13.62 9.91 21.14
C PRO C 278 13.93 11.02 20.13
N THR C 279 14.02 10.73 18.84
CA THR C 279 14.37 11.78 17.88
C THR C 279 13.52 11.81 16.63
N LEU C 280 12.72 10.79 16.33
CA LEU C 280 11.86 10.78 15.15
C LEU C 280 10.49 11.27 15.62
N GLU C 281 10.21 12.55 15.38
CA GLU C 281 9.06 13.19 16.02
C GLU C 281 7.75 12.61 15.54
N TRP C 282 7.69 12.13 14.29
CA TRP C 282 6.47 11.58 13.73
C TRP C 282 6.11 10.22 14.31
N PHE C 283 7.05 9.53 14.96
CA PHE C 283 6.79 8.17 15.42
C PHE C 283 5.58 8.12 16.34
N ALA C 284 5.47 9.10 17.25
CA ALA C 284 4.32 9.19 18.14
C ALA C 284 3.01 9.16 17.37
N ALA C 285 2.96 9.84 16.22
CA ALA C 285 1.72 10.00 15.49
C ALA C 285 1.23 8.68 14.86
N LEU C 286 2.03 7.62 14.90
CA LEU C 286 1.55 6.34 14.39
C LEU C 286 0.57 5.69 15.35
N GLY C 287 0.41 6.23 16.55
CA GLY C 287 -0.55 5.72 17.51
C GLY C 287 -0.23 4.34 18.04
N LEU C 288 1.05 3.96 18.04
CA LEU C 288 1.42 2.64 18.50
C LEU C 288 1.47 2.61 20.02
N ARG C 289 0.99 1.52 20.59
CA ARG C 289 0.95 1.30 22.02
C ARG C 289 1.40 -0.12 22.29
N TRP C 290 1.82 -0.38 23.53
CA TRP C 290 1.83 -1.74 24.03
C TRP C 290 1.56 -1.72 25.53
N TYR C 291 1.37 -2.91 26.09
CA TYR C 291 1.01 -3.06 27.49
C TYR C 291 2.21 -3.48 28.34
N ALA C 292 2.16 -3.10 29.62
CA ALA C 292 3.30 -3.28 30.50
C ALA C 292 3.55 -4.75 30.82
N LEU C 293 2.49 -5.54 30.96
CA LEU C 293 2.61 -6.80 31.69
C LEU C 293 2.53 -8.01 30.77
N PRO C 294 3.62 -8.77 30.57
CA PRO C 294 3.54 -10.07 29.89
C PRO C 294 3.10 -11.14 30.86
N ALA C 295 1.89 -11.67 30.66
CA ALA C 295 1.29 -12.60 31.62
C ALA C 295 0.69 -13.79 30.87
N VAL C 296 1.44 -14.88 30.78
CA VAL C 296 1.04 -16.08 30.04
C VAL C 296 0.01 -16.85 30.87
N SER C 297 -1.13 -17.17 30.28
CA SER C 297 -2.23 -17.73 31.03
C SER C 297 -2.74 -19.06 30.51
N ASN C 298 -2.16 -19.60 29.45
CA ASN C 298 -2.68 -20.81 28.83
C ASN C 298 -1.78 -22.03 29.05
N MET C 299 -0.78 -21.92 29.92
CA MET C 299 0.12 -23.06 30.10
C MET C 299 -0.24 -23.84 31.35
N LEU C 300 0.14 -25.10 31.35
CA LEU C 300 -0.15 -26.03 32.43
C LEU C 300 1.10 -26.20 33.27
N LEU C 301 0.96 -25.97 34.57
CA LEU C 301 2.04 -26.13 35.53
C LEU C 301 1.96 -27.51 36.17
N GLU C 302 3.06 -28.26 36.10
CA GLU C 302 3.10 -29.64 36.57
C GLU C 302 4.13 -29.77 37.69
N ILE C 303 3.69 -30.19 38.86
CA ILE C 303 4.54 -30.35 40.03
C ILE C 303 4.28 -31.72 40.63
N GLY C 304 5.32 -32.53 40.72
CA GLY C 304 5.24 -33.79 41.46
C GLY C 304 4.11 -34.69 41.00
N GLY C 305 3.82 -34.70 39.70
CA GLY C 305 2.75 -35.51 39.16
C GLY C 305 1.39 -34.85 39.21
N LEU C 306 1.25 -33.70 39.87
CA LEU C 306 0.02 -32.94 39.87
C LEU C 306 0.10 -31.89 38.77
N GLU C 307 -1.05 -31.53 38.22
CA GLU C 307 -1.14 -30.67 37.07
C GLU C 307 -2.10 -29.51 37.38
N PHE C 308 -1.68 -28.31 37.00
CA PHE C 308 -2.46 -27.10 37.28
C PHE C 308 -2.80 -26.45 35.94
N PRO C 309 -3.99 -26.71 35.41
CA PRO C 309 -4.31 -26.20 34.07
C PRO C 309 -4.52 -24.69 34.03
N ALA C 310 -4.73 -24.06 35.18
CA ALA C 310 -4.83 -22.61 35.29
C ALA C 310 -3.80 -22.15 36.32
N ALA C 311 -2.73 -21.54 35.85
CA ALA C 311 -1.70 -20.98 36.72
C ALA C 311 -0.95 -19.88 35.97
N PRO C 312 -1.58 -18.73 35.75
CA PRO C 312 -0.96 -17.70 34.92
C PRO C 312 0.24 -17.09 35.65
N PHE C 313 1.27 -16.77 34.88
CA PHE C 313 2.51 -16.21 35.42
C PHE C 313 2.94 -15.02 34.59
N SER C 314 3.65 -14.10 35.22
CA SER C 314 4.00 -12.86 34.55
C SER C 314 5.38 -12.39 34.98
N GLY C 315 6.02 -11.66 34.08
CA GLY C 315 7.31 -11.06 34.35
C GLY C 315 7.32 -9.62 33.86
N TRP C 316 8.42 -9.24 33.19
CA TRP C 316 8.45 -8.01 32.44
C TRP C 316 9.03 -8.31 31.06
N TYR C 317 8.83 -7.38 30.13
CA TYR C 317 9.17 -7.63 28.74
C TYR C 317 10.66 -7.43 28.45
N MET C 318 11.16 -8.21 27.51
CA MET C 318 12.39 -7.89 26.77
C MET C 318 11.97 -7.13 25.52
N SER C 319 12.70 -6.06 25.19
CA SER C 319 12.21 -5.09 24.22
C SER C 319 12.03 -5.68 22.82
N THR C 320 12.83 -6.69 22.43
CA THR C 320 12.61 -7.32 21.13
C THR C 320 11.30 -8.08 21.06
N GLU C 321 10.73 -8.49 22.20
CA GLU C 321 9.40 -9.11 22.16
C GLU C 321 8.38 -8.15 21.58
N ILE C 322 8.44 -6.89 22.01
CA ILE C 322 7.49 -5.88 21.56
C ILE C 322 7.89 -5.36 20.19
N GLY C 323 9.10 -4.81 20.08
CA GLY C 323 9.47 -4.10 18.87
C GLY C 323 9.64 -5.02 17.67
N THR C 324 10.33 -6.15 17.85
CA THR C 324 10.62 -7.01 16.73
C THR C 324 9.54 -8.06 16.49
N ARG C 325 9.09 -8.74 17.53
CA ARG C 325 8.13 -9.81 17.26
C ARG C 325 6.71 -9.27 17.14
N ASN C 326 6.23 -8.59 18.18
CA ASN C 326 4.81 -8.22 18.19
C ASN C 326 4.51 -7.17 17.12
N LEU C 327 5.42 -6.23 16.90
CA LEU C 327 5.14 -5.11 16.00
C LEU C 327 5.67 -5.34 14.60
N CYS C 328 6.73 -6.12 14.45
CA CYS C 328 7.39 -6.29 13.15
C CYS C 328 7.13 -7.60 12.45
N ASP C 329 6.69 -8.65 13.15
CA ASP C 329 6.45 -9.91 12.47
C ASP C 329 5.43 -9.71 11.36
N PRO C 330 5.64 -10.32 10.18
CA PRO C 330 4.70 -10.12 9.07
C PRO C 330 3.31 -10.63 9.36
N HIS C 331 3.16 -11.56 10.29
CA HIS C 331 1.88 -12.09 10.67
C HIS C 331 1.36 -11.51 11.98
N ARG C 332 2.01 -10.46 12.50
CA ARG C 332 1.48 -9.70 13.63
C ARG C 332 1.14 -8.28 13.15
N TYR C 333 1.55 -7.25 13.88
CA TYR C 333 1.17 -5.90 13.45
C TYR C 333 1.87 -5.48 12.15
N ASN C 334 3.05 -6.03 11.86
CA ASN C 334 3.68 -5.89 10.54
C ASN C 334 3.81 -4.42 10.10
N ILE C 335 4.39 -3.61 11.00
CA ILE C 335 4.49 -2.17 10.78
C ILE C 335 5.81 -1.75 10.15
N LEU C 336 6.71 -2.71 9.88
CA LEU C 336 8.06 -2.38 9.41
C LEU C 336 8.05 -1.39 8.25
N GLU C 337 7.27 -1.69 7.22
CA GLU C 337 7.33 -0.86 6.03
C GLU C 337 6.76 0.53 6.31
N ASP C 338 5.77 0.62 7.20
CA ASP C 338 5.20 1.92 7.54
C ASP C 338 6.26 2.83 8.15
N VAL C 339 7.02 2.31 9.10
CA VAL C 339 8.09 3.08 9.72
C VAL C 339 9.16 3.43 8.69
N ALA C 340 9.45 2.51 7.78
CA ALA C 340 10.54 2.72 6.83
C ALA C 340 10.16 3.77 5.80
N VAL C 341 8.91 3.75 5.35
CA VAL C 341 8.39 4.85 4.54
C VAL C 341 8.57 6.17 5.28
N CYS C 342 8.26 6.18 6.57
CA CYS C 342 8.37 7.44 7.32
C CYS C 342 9.82 7.89 7.46
N MET C 343 10.75 6.95 7.49
CA MET C 343 12.17 7.26 7.57
C MET C 343 12.78 7.60 6.24
N ASP C 344 12.03 7.49 5.14
CA ASP C 344 12.54 7.78 3.80
C ASP C 344 13.65 6.80 3.39
N LEU C 345 13.50 5.55 3.79
CA LEU C 345 14.47 4.52 3.46
C LEU C 345 14.16 3.90 2.10
N ASP C 346 15.19 3.42 1.42
CA ASP C 346 15.00 2.89 0.06
C ASP C 346 14.40 1.50 0.17
N THR C 347 13.08 1.41 0.02
CA THR C 347 12.38 0.15 0.17
C THR C 347 12.29 -0.65 -1.12
N ARG C 348 12.92 -0.17 -2.20
CA ARG C 348 12.87 -0.85 -3.48
C ARG C 348 13.96 -1.89 -3.64
N THR C 349 14.94 -1.94 -2.73
CA THR C 349 16.02 -2.91 -2.81
C THR C 349 16.33 -3.42 -1.41
N THR C 350 16.37 -4.75 -1.28
CA THR C 350 16.67 -5.36 0.02
C THR C 350 18.05 -4.99 0.52
N SER C 351 18.97 -4.69 -0.40
CA SER C 351 20.37 -4.50 -0.01
C SER C 351 20.64 -3.15 0.62
N SER C 352 19.64 -2.26 0.70
CA SER C 352 19.76 -1.07 1.53
C SER C 352 19.58 -1.40 3.00
N LEU C 353 19.09 -2.60 3.33
CA LEU C 353 18.84 -3.03 4.71
C LEU C 353 17.86 -2.10 5.40
N TRP C 354 16.86 -1.63 4.64
CA TRP C 354 15.84 -0.77 5.22
C TRP C 354 15.06 -1.50 6.29
N LYS C 355 14.87 -2.81 6.12
CA LYS C 355 14.19 -3.58 7.15
C LYS C 355 14.98 -3.58 8.45
N ASP C 356 16.32 -3.65 8.34
CA ASP C 356 17.14 -3.69 9.55
C ASP C 356 17.14 -2.33 10.25
N LYS C 357 17.29 -1.26 9.48
CA LYS C 357 17.30 0.08 10.07
C LYS C 357 15.94 0.42 10.68
N ALA C 358 14.85 0.04 10.01
CA ALA C 358 13.54 0.35 10.58
C ALA C 358 13.32 -0.43 11.87
N ALA C 359 13.69 -1.71 11.87
CA ALA C 359 13.54 -2.55 13.06
C ALA C 359 14.31 -1.97 14.24
N VAL C 360 15.55 -1.52 14.01
CA VAL C 360 16.36 -1.00 15.10
C VAL C 360 15.68 0.21 15.72
N GLU C 361 15.10 1.08 14.90
CA GLU C 361 14.46 2.27 15.42
C GLU C 361 13.16 1.95 16.13
N ILE C 362 12.44 0.91 15.71
CA ILE C 362 11.27 0.49 16.46
C ILE C 362 11.68 -0.01 17.84
N ASN C 363 12.77 -0.79 17.92
CA ASN C 363 13.24 -1.27 19.22
C ASN C 363 13.76 -0.11 20.08
N VAL C 364 14.42 0.88 19.48
CA VAL C 364 14.82 2.08 20.21
C VAL C 364 13.60 2.79 20.78
N ALA C 365 12.56 2.97 19.96
CA ALA C 365 11.34 3.63 20.42
C ALA C 365 10.68 2.85 21.56
N VAL C 366 10.76 1.52 21.53
CA VAL C 366 10.18 0.73 22.59
C VAL C 366 10.93 0.95 23.90
N LEU C 367 12.25 0.84 23.85
CA LEU C 367 13.06 1.02 25.04
C LEU C 367 12.92 2.43 25.61
N HIS C 368 12.95 3.44 24.74
CA HIS C 368 12.79 4.82 25.18
C HIS C 368 11.41 5.06 25.81
N SER C 369 10.35 4.49 25.23
CA SER C 369 9.01 4.77 25.73
C SER C 369 8.75 4.13 27.09
N TYR C 370 9.20 2.88 27.27
CA TYR C 370 9.04 2.22 28.56
C TYR C 370 9.85 2.93 29.64
N GLN C 371 11.09 3.33 29.32
CA GLN C 371 11.90 4.06 30.28
C GLN C 371 11.24 5.39 30.65
N LEU C 372 10.68 6.08 29.66
CA LEU C 372 10.03 7.37 29.91
C LEU C 372 8.85 7.21 30.86
N ALA C 373 8.04 6.18 30.65
CA ALA C 373 6.84 5.86 31.43
C ALA C 373 7.14 5.10 32.71
N LYS C 374 8.41 4.86 33.03
CA LYS C 374 8.81 4.17 34.26
C LYS C 374 8.21 2.77 34.36
N VAL C 375 8.23 2.05 33.24
CA VAL C 375 7.76 0.66 33.18
C VAL C 375 8.97 -0.22 32.97
N THR C 376 9.11 -1.25 33.80
CA THR C 376 10.27 -2.14 33.69
C THR C 376 10.34 -2.73 32.28
N ILE C 377 11.51 -2.60 31.66
CA ILE C 377 11.80 -3.25 30.40
C ILE C 377 13.29 -3.59 30.41
N VAL C 378 13.67 -4.57 29.59
CA VAL C 378 15.08 -4.96 29.54
C VAL C 378 15.46 -5.18 28.07
N ASP C 379 16.61 -4.65 27.66
CA ASP C 379 17.01 -4.85 26.28
C ASP C 379 17.62 -6.25 26.10
N HIS C 380 17.80 -6.67 24.84
CA HIS C 380 18.28 -8.03 24.58
C HIS C 380 19.75 -8.21 24.91
N HIS C 381 20.57 -7.15 24.88
CA HIS C 381 21.98 -7.28 25.26
C HIS C 381 22.11 -7.53 26.76
N ALA C 382 21.41 -6.74 27.57
CA ALA C 382 21.44 -6.96 29.01
C ALA C 382 20.78 -8.29 29.36
N ALA C 383 19.68 -8.61 28.67
CA ALA C 383 18.99 -9.86 28.94
C ALA C 383 19.90 -11.05 28.69
N THR C 384 20.59 -11.06 27.56
CA THR C 384 21.41 -12.21 27.22
C THR C 384 22.66 -12.27 28.08
N ALA C 385 23.19 -11.11 28.49
CA ALA C 385 24.31 -11.10 29.42
C ALA C 385 23.91 -11.69 30.77
N SER C 386 22.70 -11.39 31.25
CA SER C 386 22.26 -12.00 32.50
CA SER C 386 22.24 -11.99 32.49
C SER C 386 22.06 -13.50 32.32
N PHE C 387 21.61 -13.93 31.15
CA PHE C 387 21.39 -15.36 30.97
C PHE C 387 22.71 -16.12 30.97
N MET C 388 23.78 -15.52 30.45
CA MET C 388 25.09 -16.16 30.58
C MET C 388 25.48 -16.33 32.04
N LYS C 389 25.22 -15.32 32.87
CA LYS C 389 25.48 -15.46 34.31
C LYS C 389 24.67 -16.61 34.89
N HIS C 390 23.38 -16.68 34.54
CA HIS C 390 22.55 -17.80 34.93
C HIS C 390 23.18 -19.14 34.56
N LEU C 391 23.74 -19.23 33.35
CA LEU C 391 24.39 -20.48 32.92
C LEU C 391 25.57 -20.82 33.81
N GLU C 392 26.39 -19.82 34.17
CA GLU C 392 27.46 -20.02 35.14
C GLU C 392 26.91 -20.51 36.46
N ASN C 393 25.92 -19.79 37.01
CA ASN C 393 25.31 -20.15 38.29
C ASN C 393 24.77 -21.57 38.24
N GLU C 394 24.07 -21.90 37.16
CA GLU C 394 23.46 -23.21 37.07
C GLU C 394 24.51 -24.30 36.83
N GLN C 395 25.61 -23.98 36.18
CA GLN C 395 26.65 -25.00 36.02
C GLN C 395 27.22 -25.39 37.38
N LYS C 396 27.38 -24.42 38.28
CA LYS C 396 27.85 -24.77 39.62
C LYS C 396 26.76 -25.45 40.43
N ALA C 397 25.51 -24.98 40.34
CA ALA C 397 24.50 -25.48 41.28
C ALA C 397 24.03 -26.89 40.92
N ARG C 398 23.87 -27.19 39.64
CA ARG C 398 23.24 -28.44 39.23
C ARG C 398 24.00 -29.23 38.17
N GLY C 399 25.09 -28.69 37.62
CA GLY C 399 25.81 -29.40 36.59
C GLY C 399 25.29 -29.16 35.19
N GLY C 400 24.39 -28.20 35.00
CA GLY C 400 23.89 -27.90 33.68
C GLY C 400 22.69 -26.97 33.75
N CYS C 401 22.14 -26.71 32.57
CA CYS C 401 20.99 -25.84 32.44
C CYS C 401 20.31 -26.11 31.11
N PRO C 402 19.06 -26.58 31.12
CA PRO C 402 18.36 -26.79 29.84
C PRO C 402 18.05 -25.46 29.18
N ALA C 403 18.32 -25.40 27.87
CA ALA C 403 18.21 -24.18 27.11
C ALA C 403 17.94 -24.52 25.65
N ASP C 404 17.07 -23.74 25.05
CA ASP C 404 16.60 -23.91 23.68
C ASP C 404 17.21 -22.77 22.86
N TRP C 405 18.28 -23.07 22.12
CA TRP C 405 19.10 -22.02 21.53
C TRP C 405 18.28 -21.10 20.63
N ALA C 406 17.35 -21.68 19.87
CA ALA C 406 16.56 -20.90 18.93
C ALA C 406 15.66 -19.89 19.64
N TRP C 407 15.33 -20.13 20.91
CA TRP C 407 14.50 -19.22 21.69
C TRP C 407 15.29 -18.31 22.62
N ILE C 408 16.52 -18.71 22.97
CA ILE C 408 17.39 -17.87 23.79
C ILE C 408 18.04 -16.77 22.97
N VAL C 409 18.50 -17.09 21.76
CA VAL C 409 19.12 -16.05 20.93
C VAL C 409 18.05 -15.04 20.50
N PRO C 410 18.28 -13.75 20.68
CA PRO C 410 17.27 -12.73 20.34
C PRO C 410 16.98 -12.69 18.84
N PRO C 411 15.80 -12.18 18.45
CA PRO C 411 15.41 -12.19 17.04
C PRO C 411 16.01 -11.07 16.19
N ILE C 412 16.61 -10.04 16.78
CA ILE C 412 17.53 -9.18 16.05
C ILE C 412 18.88 -9.23 16.76
N SER C 413 19.94 -8.94 16.00
CA SER C 413 21.30 -8.82 16.53
C SER C 413 21.78 -10.09 17.26
N GLY C 414 21.34 -11.26 16.83
CA GLY C 414 21.68 -12.49 17.50
C GLY C 414 23.15 -12.61 17.88
N SER C 415 24.03 -12.64 16.87
CA SER C 415 25.45 -12.88 17.12
C SER C 415 26.15 -11.72 17.83
N LEU C 416 25.48 -10.58 18.04
CA LEU C 416 26.05 -9.50 18.83
C LEU C 416 25.90 -9.71 20.34
N THR C 417 25.13 -10.72 20.75
CA THR C 417 24.88 -11.06 22.14
C THR C 417 25.71 -12.28 22.51
N PRO C 418 26.07 -12.46 23.80
CA PRO C 418 26.98 -13.55 24.17
C PRO C 418 26.37 -14.95 24.07
N VAL C 419 25.04 -15.10 23.88
CA VAL C 419 24.45 -16.43 23.86
C VAL C 419 24.59 -17.11 22.49
N PHE C 420 24.71 -16.33 21.42
CA PHE C 420 24.74 -16.88 20.08
C PHE C 420 25.86 -17.91 19.93
N HIS C 421 27.04 -17.62 20.47
CA HIS C 421 28.18 -18.50 20.30
C HIS C 421 28.22 -19.57 21.38
N GLN C 422 27.19 -19.63 22.21
CA GLN C 422 27.11 -20.59 23.32
C GLN C 422 26.32 -21.81 22.86
N GLU C 423 26.98 -22.96 22.80
CA GLU C 423 26.26 -24.21 22.59
C GLU C 423 25.36 -24.47 23.78
N MET C 424 24.25 -25.14 23.54
CA MET C 424 23.22 -25.32 24.54
C MET C 424 22.60 -26.69 24.39
N VAL C 425 22.27 -27.32 25.52
CA VAL C 425 21.62 -28.62 25.57
C VAL C 425 20.18 -28.39 26.03
N ASN C 426 19.24 -28.96 25.30
CA ASN C 426 17.82 -28.75 25.58
C ASN C 426 17.21 -30.07 26.04
N TYR C 427 16.48 -30.03 27.15
CA TYR C 427 15.85 -31.22 27.70
C TYR C 427 14.78 -30.81 28.69
N PHE C 428 13.96 -31.79 29.11
CA PHE C 428 12.76 -31.53 29.90
C PHE C 428 12.96 -32.05 31.33
N LEU C 429 13.00 -31.11 32.29
CA LEU C 429 13.01 -31.44 33.71
C LEU C 429 11.66 -31.09 34.32
N SER C 430 11.27 -31.87 35.32
CA SER C 430 10.11 -31.55 36.14
C SER C 430 10.58 -31.02 37.50
N PRO C 431 9.83 -30.09 38.13
CA PRO C 431 8.60 -29.41 37.71
C PRO C 431 8.75 -28.62 36.42
N ALA C 432 7.64 -28.34 35.74
CA ALA C 432 7.73 -27.73 34.41
C ALA C 432 6.44 -27.00 34.05
N PHE C 433 6.59 -26.00 33.19
CA PHE C 433 5.45 -25.44 32.46
C PHE C 433 5.31 -26.19 31.14
N ARG C 434 4.09 -26.61 30.81
CA ARG C 434 3.82 -27.39 29.62
C ARG C 434 2.73 -26.74 28.81
N TYR C 435 2.84 -26.87 27.49
CA TYR C 435 1.72 -26.50 26.62
C TYR C 435 0.59 -27.49 26.81
N GLN C 436 -0.64 -27.00 26.63
CA GLN C 436 -1.82 -27.83 26.77
C GLN C 436 -2.80 -27.47 25.67
N PRO C 437 -3.70 -28.38 25.30
CA PRO C 437 -4.65 -28.09 24.24
C PRO C 437 -5.58 -26.96 24.65
N ASP C 438 -6.04 -26.21 23.66
CA ASP C 438 -6.97 -25.13 23.92
C ASP C 438 -8.25 -25.68 24.54
N PRO C 439 -8.92 -24.90 25.38
CA PRO C 439 -10.09 -25.41 26.11
C PRO C 439 -11.32 -25.66 25.26
N TRP C 440 -11.33 -25.22 24.00
CA TRP C 440 -12.44 -25.48 23.09
C TRP C 440 -12.03 -26.50 22.02
N LYS D 27 4.63 -40.86 11.79
CA LYS D 27 6.01 -41.32 11.59
C LYS D 27 6.78 -40.31 10.75
N PHE D 28 6.03 -39.36 10.17
CA PHE D 28 6.63 -38.31 9.39
C PHE D 28 6.48 -37.00 10.13
N PRO D 29 7.58 -36.28 10.38
CA PRO D 29 7.50 -35.02 11.13
C PRO D 29 6.65 -34.00 10.40
N ARG D 30 5.63 -33.49 11.08
CA ARG D 30 4.90 -32.37 10.56
C ARG D 30 5.67 -31.10 10.84
N VAL D 31 5.93 -30.30 9.80
CA VAL D 31 6.70 -29.07 9.95
C VAL D 31 5.88 -27.90 9.39
N LYS D 32 5.86 -26.80 10.13
CA LYS D 32 4.95 -25.68 9.92
C LYS D 32 5.73 -24.40 9.66
N ASN D 33 5.14 -23.50 8.88
CA ASN D 33 5.64 -22.14 8.71
C ASN D 33 4.69 -21.20 9.44
N TRP D 34 5.21 -20.44 10.42
CA TRP D 34 4.31 -19.65 11.26
C TRP D 34 3.97 -18.30 10.69
N GLU D 35 4.77 -17.78 9.76
CA GLU D 35 4.41 -16.52 9.11
C GLU D 35 3.20 -16.72 8.20
N VAL D 36 3.14 -17.85 7.52
CA VAL D 36 2.13 -18.11 6.52
C VAL D 36 1.06 -19.09 7.02
N GLY D 37 1.40 -20.00 7.93
CA GLY D 37 0.46 -20.97 8.45
C GLY D 37 0.52 -22.33 7.78
N SER D 38 1.36 -22.49 6.76
CA SER D 38 1.35 -23.70 5.96
C SER D 38 2.09 -24.84 6.67
N ILE D 39 1.75 -26.06 6.25
CA ILE D 39 2.17 -27.27 6.92
C ILE D 39 2.65 -28.27 5.87
N THR D 40 3.81 -28.86 6.09
CA THR D 40 4.28 -29.94 5.24
C THR D 40 4.78 -31.08 6.13
N TYR D 41 5.03 -32.22 5.51
CA TYR D 41 5.56 -33.38 6.18
C TYR D 41 6.88 -33.75 5.54
N ASP D 42 7.89 -33.99 6.36
CA ASP D 42 9.21 -34.34 5.83
C ASP D 42 9.28 -35.88 5.77
N THR D 43 8.93 -36.43 4.60
CA THR D 43 9.13 -37.86 4.39
C THR D 43 10.60 -38.16 4.10
N LEU D 44 11.35 -37.19 3.57
CA LEU D 44 12.73 -37.43 3.19
C LEU D 44 13.57 -37.87 4.39
N SER D 45 13.28 -37.33 5.58
CA SER D 45 14.09 -37.62 6.77
C SER D 45 14.09 -39.10 7.11
N ALA D 46 13.04 -39.83 6.71
CA ALA D 46 13.00 -41.26 6.98
C ALA D 46 14.12 -42.00 6.25
N GLN D 47 14.71 -41.40 5.23
CA GLN D 47 15.79 -41.99 4.46
C GLN D 47 17.17 -41.64 5.01
N ALA D 48 17.24 -40.82 6.04
CA ALA D 48 18.52 -40.60 6.69
C ALA D 48 18.96 -41.86 7.41
N GLN D 49 20.23 -42.21 7.26
CA GLN D 49 20.83 -43.13 8.22
C GLN D 49 22.34 -42.97 8.24
N GLN D 50 22.79 -41.76 8.57
CA GLN D 50 23.92 -41.54 9.44
C GLN D 50 23.38 -40.78 10.63
N ASP D 51 23.71 -41.27 11.82
CA ASP D 51 23.06 -40.75 13.01
C ASP D 51 23.59 -39.35 13.35
N GLY D 52 22.73 -38.55 13.97
CA GLY D 52 23.10 -37.26 14.49
C GLY D 52 23.31 -37.34 15.98
N PRO D 53 23.57 -36.20 16.62
CA PRO D 53 23.87 -36.19 18.06
C PRO D 53 22.67 -36.29 18.98
N CYS D 54 21.43 -36.14 18.50
CA CYS D 54 20.30 -35.99 19.39
C CYS D 54 19.70 -37.34 19.79
N THR D 55 19.00 -37.35 20.94
CA THR D 55 18.28 -38.51 21.44
C THR D 55 16.93 -38.02 21.95
N PRO D 56 15.97 -38.90 22.26
CA PRO D 56 14.76 -38.43 22.99
C PRO D 56 15.09 -37.76 24.31
N ARG D 57 16.21 -38.14 24.94
CA ARG D 57 16.54 -37.58 26.24
C ARG D 57 16.93 -36.11 26.14
N ARG D 58 17.64 -35.71 25.07
CA ARG D 58 18.13 -34.34 25.02
C ARG D 58 18.55 -34.00 23.60
N CYS D 59 18.28 -32.75 23.21
CA CYS D 59 18.59 -32.23 21.88
C CYS D 59 19.92 -31.51 21.89
N LEU D 60 20.79 -31.88 20.94
CA LEU D 60 22.13 -31.33 20.79
C LEU D 60 22.28 -30.59 19.46
N GLY D 61 21.18 -30.06 18.93
CA GLY D 61 21.17 -29.48 17.60
C GLY D 61 21.98 -28.22 17.46
N SER D 62 22.31 -27.54 18.56
CA SER D 62 23.11 -26.33 18.48
C SER D 62 24.61 -26.60 18.56
N LEU D 63 25.04 -27.85 18.70
CA LEU D 63 26.47 -28.14 18.75
C LEU D 63 27.12 -27.97 17.38
N VAL D 64 28.27 -27.28 17.35
CA VAL D 64 28.94 -27.01 16.08
C VAL D 64 29.48 -28.31 15.47
N PHE D 65 30.11 -29.16 16.28
CA PHE D 65 30.64 -30.45 15.83
C PHE D 65 29.94 -31.59 16.55
N PRO D 66 29.02 -32.30 15.90
CA PRO D 66 28.52 -33.60 16.39
C PRO D 66 29.48 -34.75 16.08
N ALA D 79 34.06 -53.67 5.60
CA ALA D 79 34.17 -52.68 4.53
C ALA D 79 33.38 -53.06 3.27
N PRO D 80 33.57 -54.27 2.73
CA PRO D 80 32.91 -54.59 1.45
C PRO D 80 31.38 -54.47 1.49
N GLU D 81 30.74 -54.98 2.54
CA GLU D 81 29.28 -54.95 2.61
C GLU D 81 28.75 -53.53 2.80
N GLN D 82 29.39 -52.75 3.68
CA GLN D 82 28.90 -51.40 3.92
C GLN D 82 29.19 -50.48 2.74
N LEU D 83 30.33 -50.67 2.07
CA LEU D 83 30.64 -49.88 0.87
C LEU D 83 29.66 -50.15 -0.25
N LEU D 84 29.31 -51.43 -0.47
CA LEU D 84 28.42 -51.78 -1.58
C LEU D 84 27.02 -51.22 -1.38
N SER D 85 26.52 -51.23 -0.15
CA SER D 85 25.17 -50.71 0.04
C SER D 85 25.13 -49.18 -0.10
N GLN D 86 26.22 -48.49 0.23
CA GLN D 86 26.29 -47.06 -0.02
C GLN D 86 26.49 -46.75 -1.50
N ALA D 87 27.32 -47.55 -2.17
CA ALA D 87 27.48 -47.39 -3.61
C ALA D 87 26.19 -47.69 -4.35
N ARG D 88 25.50 -48.77 -3.96
CA ARG D 88 24.24 -49.11 -4.61
C ARG D 88 23.23 -47.98 -4.45
N ASP D 89 23.03 -47.50 -3.22
CA ASP D 89 22.06 -46.44 -3.03
C ASP D 89 22.41 -45.22 -3.87
N PHE D 90 23.70 -44.94 -4.02
CA PHE D 90 24.10 -43.79 -4.82
C PHE D 90 23.80 -44.01 -6.30
N ILE D 91 24.11 -45.20 -6.84
CA ILE D 91 23.77 -45.49 -8.23
C ILE D 91 22.28 -45.30 -8.46
N ASN D 92 21.47 -45.80 -7.52
CA ASN D 92 20.02 -45.62 -7.60
C ASN D 92 19.65 -44.14 -7.63
N GLN D 93 20.28 -43.33 -6.79
CA GLN D 93 20.04 -41.89 -6.84
C GLN D 93 20.36 -41.35 -8.21
N TYR D 94 21.48 -41.76 -8.78
CA TYR D 94 21.89 -41.23 -10.08
C TYR D 94 20.88 -41.58 -11.16
N TYR D 95 20.51 -42.85 -11.27
CA TYR D 95 19.62 -43.23 -12.36
C TYR D 95 18.22 -42.69 -12.14
N SER D 96 17.81 -42.50 -10.89
CA SER D 96 16.55 -41.81 -10.64
C SER D 96 16.58 -40.36 -11.12
N SER D 97 17.72 -39.68 -10.92
CA SER D 97 17.80 -38.27 -11.29
C SER D 97 17.59 -38.06 -12.78
N ILE D 98 18.06 -39.00 -13.62
CA ILE D 98 17.89 -38.89 -15.06
C ILE D 98 16.68 -39.70 -15.54
N LYS D 99 15.82 -40.13 -14.63
CA LYS D 99 14.54 -40.75 -14.98
C LYS D 99 14.74 -42.05 -15.77
N ARG D 100 15.74 -42.82 -15.38
CA ARG D 100 16.08 -44.08 -16.02
C ARG D 100 16.22 -45.20 -15.01
N SER D 101 15.41 -45.15 -13.94
CA SER D 101 15.41 -46.21 -12.94
CA SER D 101 15.43 -46.21 -12.95
C SER D 101 14.92 -47.52 -13.54
N GLY D 102 15.50 -48.63 -13.06
CA GLY D 102 15.12 -49.95 -13.54
C GLY D 102 15.49 -50.26 -14.98
N SER D 103 16.13 -49.34 -15.69
CA SER D 103 16.59 -49.61 -17.05
C SER D 103 17.73 -50.63 -17.05
N GLN D 104 18.09 -51.09 -18.25
CA GLN D 104 19.22 -52.00 -18.38
C GLN D 104 20.53 -51.32 -18.02
N ALA D 105 20.72 -50.07 -18.46
CA ALA D 105 21.90 -49.31 -18.07
C ALA D 105 22.06 -49.24 -16.56
N HIS D 106 20.95 -49.02 -15.84
CA HIS D 106 20.96 -48.98 -14.38
C HIS D 106 21.39 -50.32 -13.79
N GLU D 107 20.81 -51.42 -14.28
CA GLU D 107 21.17 -52.74 -13.76
C GLU D 107 22.64 -53.02 -13.99
N GLN D 108 23.14 -52.66 -15.17
CA GLN D 108 24.49 -53.07 -15.53
C GLN D 108 25.53 -52.28 -14.74
N ARG D 109 25.24 -51.00 -14.47
CA ARG D 109 26.14 -50.20 -13.65
C ARG D 109 26.20 -50.74 -12.23
N LEU D 110 25.08 -51.19 -11.68
CA LEU D 110 25.08 -51.78 -10.33
C LEU D 110 25.95 -53.01 -10.30
N GLN D 111 25.79 -53.89 -11.28
CA GLN D 111 26.59 -55.11 -11.36
C GLN D 111 28.05 -54.78 -11.60
N GLU D 112 28.32 -53.80 -12.43
CA GLU D 112 29.70 -53.41 -12.68
C GLU D 112 30.35 -52.88 -11.40
N VAL D 113 29.60 -52.16 -10.57
CA VAL D 113 30.14 -51.70 -9.29
C VAL D 113 30.31 -52.87 -8.33
N GLU D 114 29.32 -53.77 -8.27
CA GLU D 114 29.46 -54.97 -7.45
C GLU D 114 30.73 -55.76 -7.81
N ALA D 115 31.04 -55.87 -9.10
CA ALA D 115 32.20 -56.66 -9.49
C ALA D 115 33.51 -55.93 -9.19
N GLU D 116 33.54 -54.62 -9.43
CA GLU D 116 34.76 -53.87 -9.13
C GLU D 116 35.06 -53.88 -7.64
N VAL D 117 34.03 -53.82 -6.80
CA VAL D 117 34.26 -53.82 -5.34
C VAL D 117 34.75 -55.20 -4.89
N ALA D 118 34.24 -56.27 -5.48
CA ALA D 118 34.68 -57.62 -5.09
C ALA D 118 36.12 -57.88 -5.50
N ALA D 119 36.53 -57.40 -6.67
CA ALA D 119 37.91 -57.61 -7.12
C ALA D 119 38.89 -56.69 -6.40
N THR D 120 38.54 -55.42 -6.23
CA THR D 120 39.51 -54.42 -5.79
C THR D 120 39.29 -53.92 -4.37
N GLY D 121 38.14 -54.19 -3.76
CA GLY D 121 37.78 -53.53 -2.53
C GLY D 121 37.24 -52.13 -2.68
N THR D 122 37.33 -51.54 -3.87
CA THR D 122 36.85 -50.17 -4.09
C THR D 122 36.24 -50.09 -5.48
N TYR D 123 35.90 -48.87 -5.92
CA TYR D 123 35.43 -48.68 -7.29
C TYR D 123 35.71 -47.25 -7.71
N GLN D 124 35.52 -46.98 -9.00
CA GLN D 124 35.72 -45.65 -9.57
C GLN D 124 34.39 -45.09 -10.06
N LEU D 125 34.15 -43.80 -9.79
CA LEU D 125 32.96 -43.12 -10.29
C LEU D 125 33.13 -42.80 -11.76
N ARG D 126 32.06 -42.98 -12.53
CA ARG D 126 32.01 -42.36 -13.84
C ARG D 126 32.06 -40.85 -13.68
N GLU D 127 32.56 -40.17 -14.72
CA GLU D 127 32.60 -38.70 -14.68
C GLU D 127 31.21 -38.11 -14.46
N SER D 128 30.19 -38.67 -15.11
CA SER D 128 28.84 -38.15 -14.93
CA SER D 128 28.83 -38.16 -14.94
C SER D 128 28.35 -38.36 -13.50
N GLU D 129 28.75 -39.47 -12.88
CA GLU D 129 28.40 -39.73 -11.49
C GLU D 129 29.12 -38.80 -10.54
N LEU D 130 30.35 -38.41 -10.86
CA LEU D 130 31.08 -37.46 -10.05
C LEU D 130 30.40 -36.10 -10.06
N VAL D 131 30.01 -35.62 -11.25
CA VAL D 131 29.28 -34.35 -11.34
C VAL D 131 28.02 -34.41 -10.49
N PHE D 132 27.23 -35.46 -10.70
CA PHE D 132 25.97 -35.60 -9.99
C PHE D 132 26.20 -35.70 -8.47
N GLY D 133 27.19 -36.50 -8.05
CA GLY D 133 27.47 -36.65 -6.63
C GLY D 133 27.84 -35.36 -5.93
N ALA D 134 28.67 -34.52 -6.58
CA ALA D 134 29.08 -33.27 -5.95
C ALA D 134 27.91 -32.33 -5.80
N LYS D 135 27.04 -32.28 -6.81
CA LYS D 135 25.85 -31.44 -6.72
C LYS D 135 24.93 -31.91 -5.60
N GLN D 136 24.75 -33.23 -5.48
CA GLN D 136 23.94 -33.79 -4.40
C GLN D 136 24.52 -33.47 -3.04
N ALA D 137 25.85 -33.51 -2.92
CA ALA D 137 26.47 -33.15 -1.64
C ALA D 137 26.09 -31.71 -1.25
N TRP D 138 26.10 -30.80 -2.21
CA TRP D 138 25.71 -29.42 -1.93
C TRP D 138 24.26 -29.34 -1.50
N ARG D 139 23.37 -29.85 -2.36
CA ARG D 139 21.94 -29.94 -2.10
C ARG D 139 21.63 -30.51 -0.71
N ASN D 140 22.48 -31.41 -0.20
CA ASN D 140 22.23 -32.10 1.05
C ASN D 140 22.84 -31.40 2.27
N ALA D 141 23.59 -30.33 2.08
CA ALA D 141 24.27 -29.62 3.15
C ALA D 141 23.27 -28.85 4.01
N PRO D 142 22.99 -29.28 5.25
CA PRO D 142 21.92 -28.65 6.04
C PRO D 142 22.25 -27.24 6.49
N ARG D 143 23.52 -26.85 6.53
CA ARG D 143 23.90 -25.54 7.01
C ARG D 143 24.08 -24.50 5.91
N CYS D 144 23.75 -24.83 4.67
CA CYS D 144 23.98 -23.92 3.55
C CYS D 144 22.68 -23.25 3.14
N VAL D 145 22.66 -21.91 3.20
CA VAL D 145 21.49 -21.12 2.82
C VAL D 145 21.44 -20.85 1.33
N GLY D 146 22.52 -21.12 0.61
CA GLY D 146 22.60 -20.78 -0.78
C GLY D 146 22.30 -21.92 -1.74
N ARG D 147 21.52 -22.89 -1.28
CA ARG D 147 21.33 -24.11 -2.07
C ARG D 147 20.35 -23.94 -3.23
N ILE D 148 19.64 -22.82 -3.35
CA ILE D 148 18.84 -22.60 -4.55
C ILE D 148 19.69 -22.82 -5.80
N GLN D 149 21.00 -22.65 -5.69
CA GLN D 149 21.94 -22.73 -6.81
C GLN D 149 22.53 -24.13 -7.03
N TRP D 150 22.08 -25.15 -6.29
CA TRP D 150 22.82 -26.42 -6.24
C TRP D 150 23.00 -27.02 -7.62
N GLY D 151 22.09 -26.76 -8.54
CA GLY D 151 22.21 -27.34 -9.88
C GLY D 151 23.22 -26.67 -10.78
N LYS D 152 23.60 -25.42 -10.47
CA LYS D 152 24.61 -24.67 -11.23
C LYS D 152 25.93 -24.76 -10.47
N LEU D 153 26.68 -25.82 -10.73
CA LEU D 153 27.95 -26.05 -10.07
C LEU D 153 28.93 -26.53 -11.12
N GLN D 154 30.06 -25.84 -11.26
CA GLN D 154 31.14 -26.28 -12.12
C GLN D 154 32.00 -27.31 -11.38
N VAL D 155 32.11 -28.52 -11.91
CA VAL D 155 32.82 -29.61 -11.25
C VAL D 155 34.12 -29.86 -12.02
N PHE D 156 35.25 -29.54 -11.41
CA PHE D 156 36.55 -29.82 -12.02
C PHE D 156 37.03 -31.20 -11.58
N ASP D 157 37.28 -32.08 -12.54
CA ASP D 157 37.69 -33.46 -12.26
C ASP D 157 39.21 -33.50 -12.21
N ALA D 158 39.76 -33.52 -11.00
CA ALA D 158 41.20 -33.56 -10.79
C ALA D 158 41.66 -34.89 -10.23
N ARG D 159 40.91 -35.97 -10.50
CA ARG D 159 41.25 -37.28 -9.96
C ARG D 159 42.53 -37.86 -10.55
N ASP D 160 43.12 -37.22 -11.56
CA ASP D 160 44.41 -37.69 -12.09
C ASP D 160 45.58 -36.87 -11.56
N CYS D 161 45.37 -36.05 -10.54
CA CYS D 161 46.45 -35.28 -9.94
C CYS D 161 47.47 -36.22 -9.29
N ARG D 162 48.76 -35.87 -9.43
CA ARG D 162 49.84 -36.72 -8.92
C ARG D 162 50.71 -36.07 -7.84
N SER D 163 50.66 -34.75 -7.66
CA SER D 163 51.67 -34.11 -6.84
C SER D 163 51.14 -32.81 -6.25
N ALA D 164 51.88 -32.27 -5.29
CA ALA D 164 51.49 -30.99 -4.70
C ALA D 164 51.52 -29.89 -5.75
N GLN D 165 52.49 -29.95 -6.66
CA GLN D 165 52.62 -28.95 -7.71
C GLN D 165 51.38 -28.93 -8.61
N GLU D 166 50.91 -30.11 -9.03
CA GLU D 166 49.72 -30.13 -9.87
C GLU D 166 48.47 -29.84 -9.05
N MET D 167 48.47 -30.15 -7.75
CA MET D 167 47.41 -29.66 -6.88
C MET D 167 47.27 -28.15 -6.99
N PHE D 168 48.41 -27.44 -6.88
CA PHE D 168 48.38 -25.98 -6.87
C PHE D 168 47.90 -25.42 -8.20
N THR D 169 48.29 -26.05 -9.30
CA THR D 169 47.80 -25.68 -10.62
C THR D 169 46.29 -25.79 -10.69
N TYR D 170 45.74 -26.94 -10.29
CA TYR D 170 44.29 -27.12 -10.30
C TYR D 170 43.60 -26.12 -9.38
N ILE D 171 44.22 -25.77 -8.26
CA ILE D 171 43.61 -24.81 -7.34
C ILE D 171 43.60 -23.41 -7.97
N CYS D 172 44.69 -23.02 -8.61
CA CYS D 172 44.73 -21.68 -9.23
C CYS D 172 43.74 -21.58 -10.38
N ASN D 173 43.56 -22.66 -11.15
CA ASN D 173 42.56 -22.63 -12.21
C ASN D 173 41.16 -22.53 -11.62
N HIS D 174 40.92 -23.22 -10.51
CA HIS D 174 39.64 -23.10 -9.82
C HIS D 174 39.41 -21.64 -9.41
N ILE D 175 40.38 -21.05 -8.70
CA ILE D 175 40.26 -19.68 -8.23
C ILE D 175 40.00 -18.73 -9.40
N LYS D 176 40.76 -18.88 -10.49
CA LYS D 176 40.56 -18.02 -11.65
C LYS D 176 39.17 -18.21 -12.22
N TYR D 177 38.75 -19.45 -12.42
CA TYR D 177 37.43 -19.71 -12.97
C TYR D 177 36.34 -19.15 -12.06
N ALA D 178 36.43 -19.46 -10.76
CA ALA D 178 35.38 -19.10 -9.83
C ALA D 178 35.28 -17.59 -9.63
N THR D 179 36.42 -16.89 -9.67
CA THR D 179 36.42 -15.45 -9.44
C THR D 179 35.86 -14.70 -10.64
N ASN D 180 36.25 -15.10 -11.85
CA ASN D 180 35.70 -14.56 -13.08
C ASN D 180 35.62 -13.03 -13.02
N ARG D 181 36.73 -12.43 -12.57
CA ARG D 181 36.93 -10.98 -12.53
C ARG D 181 35.80 -10.25 -11.81
N GLY D 182 35.15 -10.92 -10.86
CA GLY D 182 34.11 -10.32 -10.04
C GLY D 182 32.77 -11.03 -10.15
N ASN D 183 32.48 -11.62 -11.32
CA ASN D 183 31.20 -12.28 -11.57
C ASN D 183 31.32 -13.74 -11.15
N LEU D 184 31.11 -14.00 -9.86
CA LEU D 184 31.52 -15.26 -9.25
C LEU D 184 30.72 -16.44 -9.77
N ARG D 185 31.40 -17.57 -9.94
CA ARG D 185 30.78 -18.81 -10.38
C ARG D 185 31.08 -19.89 -9.36
N SER D 186 30.04 -20.57 -8.88
CA SER D 186 30.22 -21.69 -7.97
C SER D 186 31.03 -22.79 -8.65
N ALA D 187 31.99 -23.35 -7.93
CA ALA D 187 32.79 -24.44 -8.46
C ALA D 187 33.31 -25.32 -7.34
N ILE D 188 33.67 -26.55 -7.72
CA ILE D 188 34.35 -27.51 -6.86
C ILE D 188 35.41 -28.24 -7.69
N THR D 189 36.57 -28.46 -7.08
CA THR D 189 37.64 -29.25 -7.68
C THR D 189 37.79 -30.51 -6.85
N VAL D 190 37.68 -31.67 -7.49
CA VAL D 190 37.72 -32.94 -6.78
C VAL D 190 39.06 -33.63 -7.08
N PHE D 191 39.88 -33.76 -6.05
CA PHE D 191 41.15 -34.47 -6.14
C PHE D 191 40.97 -35.98 -5.90
N PRO D 192 42.02 -36.79 -6.05
CA PRO D 192 41.83 -38.26 -6.00
C PRO D 192 41.24 -38.76 -4.68
N GLN D 193 40.41 -39.79 -4.80
CA GLN D 193 39.75 -40.37 -3.63
C GLN D 193 40.75 -41.07 -2.73
N ARG D 194 40.40 -41.16 -1.46
CA ARG D 194 41.12 -41.99 -0.52
C ARG D 194 41.24 -43.41 -1.06
N CYS D 195 42.43 -43.98 -0.93
N CYS D 195 42.44 -43.99 -0.95
CA CYS D 195 42.78 -45.32 -1.38
CA CYS D 195 42.58 -45.39 -1.33
C CYS D 195 43.52 -46.05 -0.25
C CYS D 195 43.61 -46.09 -0.45
N PRO D 196 43.39 -47.36 -0.14
CA PRO D 196 44.23 -48.08 0.84
C PRO D 196 45.68 -48.14 0.40
N GLY D 197 46.58 -47.86 1.33
CA GLY D 197 48.01 -47.99 1.07
C GLY D 197 48.67 -46.80 0.41
N ARG D 198 48.01 -45.64 0.43
CA ARG D 198 48.55 -44.39 -0.07
C ARG D 198 47.96 -43.28 0.79
N GLY D 199 48.74 -42.24 1.06
CA GLY D 199 48.23 -41.14 1.84
C GLY D 199 47.15 -40.36 1.10
N ASP D 200 46.45 -39.50 1.84
CA ASP D 200 45.46 -38.63 1.24
C ASP D 200 46.10 -37.40 0.64
N PHE D 201 45.46 -36.87 -0.40
CA PHE D 201 45.63 -35.45 -0.70
C PHE D 201 44.91 -34.64 0.37
N ARG D 202 45.53 -33.54 0.82
CA ARG D 202 44.85 -32.65 1.76
C ARG D 202 45.24 -31.21 1.50
N ILE D 203 44.32 -30.31 1.78
CA ILE D 203 44.61 -28.88 1.84
C ILE D 203 44.57 -28.49 3.31
N TRP D 204 45.72 -28.06 3.85
CA TRP D 204 45.79 -27.78 5.28
C TRP D 204 44.98 -26.54 5.63
N ASN D 205 44.90 -25.57 4.72
CA ASN D 205 44.09 -24.38 4.91
C ASN D 205 42.60 -24.73 5.03
N SER D 206 41.88 -23.96 5.83
CA SER D 206 40.44 -24.15 5.96
C SER D 206 39.70 -23.50 4.80
N GLN D 207 40.29 -22.48 4.19
CA GLN D 207 39.76 -21.87 2.98
C GLN D 207 40.93 -21.54 2.07
N LEU D 208 40.65 -21.49 0.76
CA LEU D 208 41.71 -21.19 -0.19
C LEU D 208 42.27 -19.80 0.03
N VAL D 209 41.44 -18.83 0.43
CA VAL D 209 41.86 -17.46 0.67
C VAL D 209 41.55 -17.11 2.11
N ARG D 210 42.57 -16.74 2.87
CA ARG D 210 42.42 -16.39 4.28
C ARG D 210 43.48 -15.37 4.66
N TYR D 211 43.15 -14.51 5.62
CA TYR D 211 44.10 -13.54 6.13
C TYR D 211 44.86 -14.12 7.30
N ALA D 212 46.15 -13.75 7.38
CA ALA D 212 47.00 -14.21 8.46
C ALA D 212 46.54 -13.62 9.78
N GLY D 213 46.68 -14.40 10.85
CA GLY D 213 46.64 -13.86 12.19
C GLY D 213 47.94 -14.08 12.93
N TYR D 214 48.69 -13.01 13.17
CA TYR D 214 49.95 -13.07 13.89
C TYR D 214 49.70 -12.84 15.38
N ARG D 215 49.84 -13.89 16.19
CA ARG D 215 49.69 -13.75 17.63
C ARG D 215 50.84 -12.91 18.18
N GLN D 216 50.50 -11.91 19.00
CA GLN D 216 51.45 -10.96 19.54
C GLN D 216 51.95 -11.42 20.91
N GLN D 217 52.92 -10.69 21.46
CA GLN D 217 53.46 -11.06 22.76
C GLN D 217 52.47 -10.81 23.88
N ASP D 218 51.70 -9.72 23.78
CA ASP D 218 50.63 -9.45 24.74
C ASP D 218 49.68 -10.63 24.90
N GLY D 219 49.57 -11.48 23.89
CA GLY D 219 48.47 -12.41 23.77
C GLY D 219 47.44 -11.99 22.74
N SER D 220 47.58 -10.79 22.18
CA SER D 220 46.67 -10.27 21.18
C SER D 220 47.04 -10.82 19.80
N VAL D 221 46.24 -10.46 18.80
CA VAL D 221 46.43 -10.90 17.43
C VAL D 221 46.37 -9.68 16.51
N ARG D 222 47.34 -9.56 15.62
CA ARG D 222 47.21 -8.69 14.44
C ARG D 222 46.73 -9.55 13.27
N GLY D 223 45.61 -9.17 12.66
CA GLY D 223 45.04 -9.95 11.57
C GLY D 223 43.85 -10.77 12.01
N ASP D 224 43.60 -11.93 11.38
CA ASP D 224 42.40 -12.70 11.67
C ASP D 224 42.67 -13.71 12.80
N PRO D 225 42.08 -13.52 13.99
CA PRO D 225 42.34 -14.49 15.07
C PRO D 225 41.90 -15.89 14.74
N ALA D 226 41.04 -16.06 13.74
CA ALA D 226 40.61 -17.40 13.37
C ALA D 226 41.74 -18.20 12.75
N ASN D 227 42.80 -17.54 12.27
CA ASN D 227 43.82 -18.20 11.47
C ASN D 227 45.19 -18.18 12.14
N VAL D 228 45.20 -18.12 13.47
CA VAL D 228 46.47 -18.10 14.19
C VAL D 228 47.21 -19.42 13.98
N GLU D 229 46.52 -20.54 14.19
CA GLU D 229 47.18 -21.85 14.09
C GLU D 229 47.73 -22.08 12.69
N ILE D 230 46.90 -21.83 11.66
CA ILE D 230 47.39 -22.09 10.30
C ILE D 230 48.50 -21.11 9.93
N THR D 231 48.45 -19.87 10.45
CA THR D 231 49.52 -18.90 10.22
C THR D 231 50.85 -19.40 10.78
N GLU D 232 50.84 -19.91 12.01
CA GLU D 232 52.05 -20.45 12.60
C GLU D 232 52.56 -21.64 11.81
N LEU D 233 51.65 -22.45 11.27
CA LEU D 233 52.04 -23.60 10.47
C LEU D 233 52.66 -23.18 9.14
N CYS D 234 52.21 -22.05 8.57
CA CYS D 234 52.89 -21.53 7.40
C CYS D 234 54.29 -21.03 7.74
N ILE D 235 54.45 -20.31 8.86
CA ILE D 235 55.79 -19.88 9.27
C ILE D 235 56.70 -21.07 9.42
N GLN D 236 56.26 -22.03 10.23
CA GLN D 236 57.04 -23.23 10.49
C GLN D 236 57.53 -23.87 9.21
N HIS D 237 56.74 -23.81 8.13
CA HIS D 237 57.14 -24.42 6.88
C HIS D 237 57.82 -23.42 5.93
N GLY D 238 58.38 -22.33 6.47
CA GLY D 238 59.25 -21.48 5.70
C GLY D 238 58.63 -20.24 5.08
N TRP D 239 57.42 -19.87 5.45
CA TRP D 239 56.83 -18.64 4.94
C TRP D 239 57.36 -17.43 5.72
N THR D 240 57.85 -16.45 5.00
CA THR D 240 58.20 -15.17 5.62
C THR D 240 56.93 -14.40 5.93
N PRO D 241 56.57 -14.20 7.19
CA PRO D 241 55.32 -13.50 7.50
C PRO D 241 55.41 -12.03 7.18
N GLY D 242 54.24 -11.43 7.02
CA GLY D 242 54.10 -10.00 6.98
C GLY D 242 53.76 -9.44 8.33
N ASN D 243 53.21 -8.23 8.32
CA ASN D 243 52.85 -7.56 9.56
C ASN D 243 51.58 -6.72 9.41
N GLY D 244 50.76 -7.01 8.39
CA GLY D 244 49.50 -6.32 8.20
C GLY D 244 48.33 -7.09 8.80
N ARG D 245 47.16 -6.46 8.73
CA ARG D 245 45.94 -7.08 9.23
C ARG D 245 45.24 -7.92 8.18
N PHE D 246 45.63 -7.81 6.91
CA PHE D 246 44.98 -8.47 5.79
C PHE D 246 46.03 -9.12 4.86
N ASP D 247 46.93 -9.91 5.43
CA ASP D 247 47.95 -10.63 4.66
C ASP D 247 47.35 -11.96 4.18
N VAL D 248 47.28 -12.13 2.87
CA VAL D 248 46.78 -13.39 2.31
C VAL D 248 47.76 -14.51 2.64
N LEU D 249 47.24 -15.58 3.24
CA LEU D 249 48.07 -16.72 3.61
C LEU D 249 48.49 -17.54 2.39
N PRO D 250 49.66 -18.17 2.43
CA PRO D 250 50.00 -19.14 1.39
C PRO D 250 49.21 -20.42 1.56
N LEU D 251 49.18 -21.21 0.50
CA LEU D 251 48.59 -22.54 0.57
C LEU D 251 49.59 -23.55 1.09
N LEU D 252 49.10 -24.47 1.92
CA LEU D 252 49.88 -25.60 2.42
C LEU D 252 49.23 -26.86 1.86
N LEU D 253 49.87 -27.47 0.86
CA LEU D 253 49.28 -28.55 0.08
C LEU D 253 50.02 -29.84 0.36
N GLN D 254 49.26 -30.89 0.63
CA GLN D 254 49.78 -32.19 0.99
C GLN D 254 49.44 -33.20 -0.11
N ALA D 255 50.45 -33.72 -0.76
CA ALA D 255 50.37 -34.86 -1.66
C ALA D 255 50.54 -36.14 -0.85
N PRO D 256 50.08 -37.28 -1.37
CA PRO D 256 50.10 -38.52 -0.56
C PRO D 256 51.48 -38.83 -0.01
N ASP D 257 51.54 -39.06 1.30
CA ASP D 257 52.75 -39.49 2.00
C ASP D 257 53.90 -38.49 1.82
N GLU D 258 53.57 -37.21 1.93
CA GLU D 258 54.53 -36.13 1.81
C GLU D 258 54.25 -35.12 2.91
N PRO D 259 55.28 -34.40 3.37
CA PRO D 259 55.02 -33.18 4.13
C PRO D 259 54.32 -32.16 3.27
N PRO D 260 53.57 -31.23 3.85
CA PRO D 260 52.89 -30.23 3.04
C PRO D 260 53.90 -29.30 2.42
N GLU D 261 53.57 -28.82 1.23
CA GLU D 261 54.42 -27.95 0.45
C GLU D 261 53.78 -26.57 0.43
N LEU D 262 54.61 -25.53 0.53
CA LEU D 262 54.14 -24.16 0.61
C LEU D 262 54.09 -23.56 -0.78
N PHE D 263 52.94 -22.98 -1.14
CA PHE D 263 52.74 -22.30 -2.40
C PHE D 263 52.08 -20.94 -2.15
N LEU D 264 52.60 -19.90 -2.78
CA LEU D 264 52.06 -18.55 -2.62
C LEU D 264 51.06 -18.25 -3.73
N LEU D 265 49.93 -17.67 -3.36
CA LEU D 265 48.95 -17.34 -4.40
C LEU D 265 49.41 -16.09 -5.14
N PRO D 266 49.34 -16.08 -6.46
CA PRO D 266 49.66 -14.87 -7.22
C PRO D 266 48.73 -13.74 -6.84
N PRO D 267 49.27 -12.57 -6.48
CA PRO D 267 48.39 -11.48 -6.01
C PRO D 267 47.30 -11.11 -6.98
N GLU D 268 47.57 -11.17 -8.29
CA GLU D 268 46.57 -10.92 -9.32
C GLU D 268 45.46 -11.97 -9.32
N LEU D 269 45.63 -13.05 -8.57
CA LEU D 269 44.63 -14.10 -8.50
C LEU D 269 43.65 -13.91 -7.35
N VAL D 270 44.06 -13.22 -6.29
CA VAL D 270 43.21 -13.04 -5.11
C VAL D 270 42.55 -11.67 -5.25
N LEU D 271 41.28 -11.66 -5.66
CA LEU D 271 40.54 -10.42 -5.80
C LEU D 271 40.04 -9.98 -4.43
N GLU D 272 40.31 -8.72 -4.08
CA GLU D 272 39.94 -8.14 -2.80
C GLU D 272 39.03 -6.93 -3.02
N VAL D 273 38.24 -6.61 -2.01
CA VAL D 273 37.35 -5.45 -2.04
C VAL D 273 37.69 -4.54 -0.86
N PRO D 274 38.21 -3.34 -1.10
CA PRO D 274 38.34 -2.37 -0.01
C PRO D 274 36.97 -1.89 0.45
N LEU D 275 36.82 -1.71 1.75
CA LEU D 275 35.53 -1.38 2.32
C LEU D 275 35.37 0.12 2.51
N GLU D 276 34.27 0.65 2.00
CA GLU D 276 33.89 2.03 2.19
C GLU D 276 32.38 2.08 2.42
N HIS D 277 31.91 3.23 2.90
CA HIS D 277 30.51 3.34 3.25
C HIS D 277 29.89 4.44 2.41
N PRO D 278 28.64 4.29 1.99
CA PRO D 278 28.06 5.26 1.04
C PRO D 278 27.95 6.67 1.61
N THR D 279 27.71 6.82 2.92
CA THR D 279 27.53 8.15 3.50
C THR D 279 28.29 8.33 4.81
N LEU D 280 29.23 7.44 5.14
CA LEU D 280 30.11 7.59 6.30
C LEU D 280 31.53 7.60 5.74
N GLU D 281 31.99 8.77 5.33
CA GLU D 281 33.19 8.86 4.51
C GLU D 281 34.44 8.48 5.28
N TRP D 282 34.43 8.58 6.61
CA TRP D 282 35.59 8.17 7.38
C TRP D 282 35.77 6.67 7.41
N PHE D 283 34.71 5.90 7.11
CA PHE D 283 34.81 4.45 7.13
C PHE D 283 35.98 3.96 6.27
N ALA D 284 36.16 4.52 5.06
CA ALA D 284 37.25 4.09 4.18
C ALA D 284 38.61 4.22 4.85
N ALA D 285 38.75 5.21 5.73
CA ALA D 285 40.01 5.47 6.44
C ALA D 285 40.34 4.40 7.48
N LEU D 286 39.39 3.51 7.80
CA LEU D 286 39.69 2.37 8.67
C LEU D 286 40.61 1.36 8.00
N GLY D 287 40.74 1.41 6.67
CA GLY D 287 41.61 0.51 5.96
C GLY D 287 41.15 -0.93 5.90
N LEU D 288 39.84 -1.18 5.99
CA LEU D 288 39.32 -2.54 6.00
C LEU D 288 39.13 -3.07 4.58
N ARG D 289 39.19 -4.38 4.45
CA ARG D 289 39.04 -5.03 3.16
C ARG D 289 38.65 -6.48 3.40
N TRP D 290 38.08 -7.11 2.37
CA TRP D 290 37.81 -8.53 2.43
C TRP D 290 38.01 -9.11 1.05
N TYR D 291 38.01 -10.43 0.97
CA TYR D 291 38.32 -11.06 -0.31
C TYR D 291 37.04 -11.47 -1.01
N ALA D 292 37.15 -11.64 -2.33
CA ALA D 292 35.94 -11.89 -3.10
C ALA D 292 35.40 -13.30 -2.93
N LEU D 293 36.28 -14.26 -2.70
CA LEU D 293 35.94 -15.66 -2.98
C LEU D 293 35.95 -16.51 -1.72
N PRO D 294 34.78 -16.95 -1.22
CA PRO D 294 34.76 -17.89 -0.09
C PRO D 294 34.88 -19.31 -0.60
N ALA D 295 36.01 -19.94 -0.32
CA ALA D 295 36.33 -21.26 -0.87
C ALA D 295 36.72 -22.20 0.28
N VAL D 296 35.78 -23.02 0.73
CA VAL D 296 36.04 -23.94 1.84
C VAL D 296 36.87 -25.10 1.33
N SER D 297 37.99 -25.39 2.01
CA SER D 297 38.96 -26.34 1.46
C SER D 297 39.32 -27.48 2.40
N ASN D 298 38.69 -27.60 3.57
CA ASN D 298 39.08 -28.61 4.54
C ASN D 298 38.01 -29.68 4.81
N MET D 299 36.95 -29.75 4.02
CA MET D 299 35.93 -30.75 4.28
C MET D 299 36.13 -31.94 3.36
N LEU D 300 35.47 -33.03 3.74
CA LEU D 300 35.54 -34.27 3.01
C LEU D 300 34.28 -34.44 2.18
N LEU D 301 34.45 -34.73 0.89
CA LEU D 301 33.32 -35.05 0.03
C LEU D 301 33.13 -36.57 0.01
N GLU D 302 31.94 -37.03 0.40
CA GLU D 302 31.62 -38.46 0.39
C GLU D 302 30.56 -38.73 -0.68
N ILE D 303 30.87 -39.65 -1.59
CA ILE D 303 29.94 -40.02 -2.66
C ILE D 303 29.92 -41.54 -2.75
N GLY D 304 28.76 -42.13 -2.47
CA GLY D 304 28.57 -43.56 -2.66
C GLY D 304 29.60 -44.39 -1.94
N GLY D 305 30.00 -43.93 -0.75
CA GLY D 305 30.97 -44.64 0.05
C GLY D 305 32.41 -44.33 -0.27
N LEU D 306 32.69 -43.68 -1.40
CA LEU D 306 34.03 -43.22 -1.70
C LEU D 306 34.28 -41.88 -1.03
N GLU D 307 35.50 -41.68 -0.53
CA GLU D 307 35.83 -40.46 0.21
C GLU D 307 36.85 -39.65 -0.57
N PHE D 308 36.58 -38.35 -0.70
CA PHE D 308 37.50 -37.39 -1.34
C PHE D 308 37.94 -36.38 -0.29
N PRO D 309 39.05 -36.63 0.43
CA PRO D 309 39.43 -35.71 1.53
C PRO D 309 39.89 -34.34 1.07
N ALA D 310 40.19 -34.15 -0.20
CA ALA D 310 40.55 -32.85 -0.75
C ALA D 310 39.60 -32.56 -1.91
N ALA D 311 38.69 -31.62 -1.70
CA ALA D 311 37.67 -31.31 -2.67
C ALA D 311 37.16 -29.89 -2.45
N PRO D 312 38.01 -28.87 -2.64
CA PRO D 312 37.60 -27.49 -2.30
C PRO D 312 36.46 -27.00 -3.18
N PHE D 313 35.57 -26.21 -2.58
CA PHE D 313 34.42 -25.66 -3.27
C PHE D 313 34.26 -24.20 -2.86
N SER D 314 33.69 -23.41 -3.75
CA SER D 314 33.51 -22.00 -3.52
C SER D 314 32.18 -21.55 -4.11
N GLY D 315 31.63 -20.49 -3.53
CA GLY D 315 30.47 -19.84 -4.10
C GLY D 315 30.68 -18.34 -4.11
N TRP D 316 29.72 -17.61 -3.57
CA TRP D 316 29.88 -16.19 -3.31
C TRP D 316 29.34 -15.87 -1.93
N TYR D 317 29.73 -14.71 -1.44
CA TYR D 317 29.49 -14.37 -0.05
C TYR D 317 28.05 -13.91 0.15
N MET D 318 27.49 -14.31 1.27
CA MET D 318 26.36 -13.59 1.83
C MET D 318 26.93 -12.49 2.73
N SER D 319 26.37 -11.29 2.63
CA SER D 319 27.05 -10.12 3.18
C SER D 319 27.24 -10.19 4.69
N THR D 320 26.34 -10.86 5.41
CA THR D 320 26.50 -10.93 6.86
C THR D 320 27.70 -11.78 7.28
N GLU D 321 28.22 -12.64 6.41
CA GLU D 321 29.37 -13.42 6.79
C GLU D 321 30.57 -12.52 6.96
N ILE D 322 30.69 -11.54 6.08
CA ILE D 322 31.75 -10.55 6.16
C ILE D 322 31.41 -9.50 7.20
N GLY D 323 30.21 -8.93 7.12
CA GLY D 323 29.87 -7.77 7.93
C GLY D 323 29.69 -8.09 9.41
N THR D 324 28.95 -9.15 9.70
CA THR D 324 28.61 -9.53 11.06
C THR D 324 29.59 -10.54 11.66
N ARG D 325 29.85 -11.66 10.98
CA ARG D 325 30.77 -12.67 11.52
C ARG D 325 32.22 -12.22 11.46
N ASN D 326 32.77 -12.04 10.26
CA ASN D 326 34.21 -11.82 10.16
C ASN D 326 34.65 -10.50 10.76
N LEU D 327 33.84 -9.45 10.65
CA LEU D 327 34.28 -8.13 11.10
C LEU D 327 33.82 -7.75 12.50
N CYS D 328 32.64 -8.23 12.94
CA CYS D 328 32.06 -7.80 14.21
C CYS D 328 32.19 -8.82 15.34
N ASP D 329 32.42 -10.10 15.05
CA ASP D 329 32.58 -11.08 16.11
C ASP D 329 33.68 -10.60 17.05
N PRO D 330 33.50 -10.70 18.36
CA PRO D 330 34.55 -10.19 19.27
C PRO D 330 35.84 -10.99 19.20
N HIS D 331 35.78 -12.25 18.77
CA HIS D 331 36.95 -13.08 18.59
C HIS D 331 37.46 -13.06 17.15
N ARG D 332 36.92 -12.18 16.33
CA ARG D 332 37.46 -11.97 15.00
C ARG D 332 38.02 -10.56 14.92
N TYR D 333 37.76 -9.81 13.85
CA TYR D 333 38.36 -8.49 13.75
C TYR D 333 37.79 -7.51 14.75
N ASN D 334 36.58 -7.75 15.27
CA ASN D 334 36.07 -7.03 16.44
C ASN D 334 36.11 -5.50 16.28
N ILE D 335 35.52 -5.00 15.19
CA ILE D 335 35.57 -3.57 14.88
C ILE D 335 34.36 -2.80 15.40
N LEU D 336 33.39 -3.49 16.01
CA LEU D 336 32.06 -2.90 16.21
C LEU D 336 32.12 -1.67 17.12
N GLU D 337 32.94 -1.71 18.18
CA GLU D 337 32.96 -0.58 19.11
C GLU D 337 33.66 0.61 18.50
N ASP D 338 34.77 0.37 17.79
CA ASP D 338 35.45 1.41 17.05
C ASP D 338 34.50 2.12 16.08
N VAL D 339 33.72 1.34 15.33
CA VAL D 339 32.78 1.94 14.38
C VAL D 339 31.72 2.74 15.12
N ALA D 340 31.16 2.17 16.19
CA ALA D 340 30.15 2.88 16.97
C ALA D 340 30.70 4.18 17.56
N VAL D 341 31.92 4.13 18.09
CA VAL D 341 32.49 5.36 18.65
C VAL D 341 32.71 6.39 17.55
N CYS D 342 33.14 5.94 16.37
CA CYS D 342 33.28 6.87 15.25
C CYS D 342 31.93 7.40 14.79
N MET D 343 30.86 6.64 15.00
CA MET D 343 29.52 7.11 14.64
C MET D 343 28.93 8.04 15.69
N ASP D 344 29.66 8.29 16.78
CA ASP D 344 29.23 9.16 17.86
C ASP D 344 28.00 8.61 18.57
N LEU D 345 27.92 7.28 18.66
CA LEU D 345 26.87 6.62 19.41
C LEU D 345 27.22 6.56 20.89
N ASP D 346 26.19 6.57 21.74
CA ASP D 346 26.36 6.46 23.18
C ASP D 346 26.63 4.99 23.51
N THR D 347 27.92 4.64 23.57
CA THR D 347 28.32 3.27 23.86
C THR D 347 28.38 2.97 25.35
N ARG D 348 27.93 3.90 26.19
CA ARG D 348 28.00 3.69 27.63
C ARG D 348 26.85 2.84 28.15
N THR D 349 25.74 2.78 27.43
CA THR D 349 24.60 1.97 27.82
C THR D 349 24.16 1.10 26.65
N THR D 350 23.77 -0.14 26.95
CA THR D 350 23.34 -1.05 25.89
C THR D 350 22.00 -0.63 25.31
N SER D 351 21.15 0.05 26.10
CA SER D 351 19.79 0.42 25.68
C SER D 351 19.77 1.44 24.55
N SER D 352 20.87 2.12 24.26
CA SER D 352 20.90 2.94 23.05
C SER D 352 20.93 2.08 21.78
N LEU D 353 21.23 0.79 21.93
CA LEU D 353 21.29 -0.13 20.79
C LEU D 353 22.37 0.29 19.81
N TRP D 354 23.48 0.79 20.35
CA TRP D 354 24.62 1.17 19.52
C TRP D 354 25.24 -0.02 18.82
N LYS D 355 25.27 -1.19 19.46
CA LYS D 355 25.80 -2.38 18.79
C LYS D 355 25.00 -2.73 17.55
N ASP D 356 23.66 -2.71 17.68
CA ASP D 356 22.79 -3.02 16.55
C ASP D 356 22.92 -1.99 15.44
N LYS D 357 23.07 -0.72 15.82
CA LYS D 357 23.21 0.33 14.81
C LYS D 357 24.54 0.25 14.07
N ALA D 358 25.62 -0.01 14.78
CA ALA D 358 26.91 -0.07 14.11
C ALA D 358 26.97 -1.27 13.18
N ALA D 359 26.37 -2.38 13.59
CA ALA D 359 26.44 -3.61 12.81
C ALA D 359 25.67 -3.49 11.51
N VAL D 360 24.46 -2.92 11.57
CA VAL D 360 23.73 -2.61 10.34
C VAL D 360 24.61 -1.83 9.39
N GLU D 361 25.24 -0.77 9.88
CA GLU D 361 26.03 0.09 9.00
C GLU D 361 27.26 -0.62 8.46
N ILE D 362 27.91 -1.48 9.24
CA ILE D 362 29.01 -2.26 8.70
C ILE D 362 28.51 -3.13 7.56
N ASN D 363 27.35 -3.78 7.74
CA ASN D 363 26.79 -4.59 6.67
C ASN D 363 26.42 -3.75 5.46
N VAL D 364 25.91 -2.52 5.66
CA VAL D 364 25.69 -1.61 4.53
C VAL D 364 27.00 -1.34 3.79
N ALA D 365 28.07 -1.11 4.53
CA ALA D 365 29.36 -0.86 3.90
C ALA D 365 29.83 -2.06 3.07
N VAL D 366 29.60 -3.28 3.57
CA VAL D 366 29.98 -4.47 2.82
C VAL D 366 29.21 -4.55 1.51
N LEU D 367 27.87 -4.42 1.60
CA LEU D 367 27.02 -4.51 0.42
C LEU D 367 27.41 -3.46 -0.59
N HIS D 368 27.56 -2.22 -0.12
CA HIS D 368 27.91 -1.11 -1.00
C HIS D 368 29.28 -1.33 -1.64
N SER D 369 30.25 -1.82 -0.87
CA SER D 369 31.61 -1.92 -1.37
C SER D 369 31.72 -3.05 -2.40
N TYR D 370 31.04 -4.16 -2.16
CA TYR D 370 31.06 -5.24 -3.14
C TYR D 370 30.31 -4.85 -4.41
N GLN D 371 29.17 -4.18 -4.30
CA GLN D 371 28.46 -3.78 -5.50
C GLN D 371 29.26 -2.75 -6.30
N LEU D 372 29.93 -1.83 -5.59
CA LEU D 372 30.81 -0.87 -6.23
C LEU D 372 31.97 -1.56 -6.95
N ALA D 373 32.50 -2.63 -6.37
CA ALA D 373 33.64 -3.30 -6.99
C ALA D 373 33.23 -4.28 -8.06
N LYS D 374 31.92 -4.36 -8.37
CA LYS D 374 31.35 -5.36 -9.27
C LYS D 374 31.76 -6.78 -8.90
N VAL D 375 31.66 -7.09 -7.61
CA VAL D 375 31.88 -8.44 -7.10
C VAL D 375 30.55 -8.99 -6.57
N THR D 376 30.20 -10.19 -7.01
CA THR D 376 28.97 -10.84 -6.57
C THR D 376 28.89 -10.89 -5.06
N ILE D 377 27.76 -10.46 -4.52
CA ILE D 377 27.46 -10.63 -3.11
C ILE D 377 25.94 -10.70 -3.02
N VAL D 378 25.43 -11.30 -1.95
CA VAL D 378 23.98 -11.38 -1.77
C VAL D 378 23.65 -11.00 -0.34
N ASP D 379 22.62 -10.17 -0.16
CA ASP D 379 22.25 -9.78 1.20
C ASP D 379 21.39 -10.87 1.84
N HIS D 380 21.28 -10.82 3.16
CA HIS D 380 20.63 -11.91 3.86
C HIS D 380 19.10 -11.92 3.67
N HIS D 381 18.49 -10.82 3.23
CA HIS D 381 17.07 -10.88 2.87
C HIS D 381 16.86 -11.58 1.53
N ALA D 382 17.72 -11.30 0.54
CA ALA D 382 17.62 -12.00 -0.74
C ALA D 382 17.97 -13.48 -0.58
N ALA D 383 18.99 -13.79 0.22
CA ALA D 383 19.44 -15.18 0.37
C ALA D 383 18.38 -16.03 1.07
N THR D 384 17.83 -15.54 2.18
CA THR D 384 16.85 -16.35 2.88
C THR D 384 15.57 -16.48 2.05
N ALA D 385 15.22 -15.42 1.31
CA ALA D 385 14.07 -15.52 0.42
C ALA D 385 14.29 -16.59 -0.64
N SER D 386 15.50 -16.68 -1.19
CA SER D 386 15.73 -17.72 -2.19
C SER D 386 15.71 -19.09 -1.54
N PHE D 387 16.20 -19.19 -0.30
CA PHE D 387 16.16 -20.47 0.40
C PHE D 387 14.73 -20.95 0.60
N MET D 388 13.76 -20.04 0.80
CA MET D 388 12.37 -20.46 0.90
C MET D 388 11.89 -21.06 -0.41
N LYS D 389 12.35 -20.53 -1.54
CA LYS D 389 12.03 -21.16 -2.81
C LYS D 389 12.65 -22.55 -2.90
N HIS D 390 13.91 -22.69 -2.47
CA HIS D 390 14.55 -24.01 -2.46
C HIS D 390 13.73 -24.99 -1.64
N LEU D 391 13.29 -24.58 -0.45
CA LEU D 391 12.49 -25.43 0.42
C LEU D 391 11.28 -25.99 -0.30
N GLU D 392 10.55 -25.11 -0.99
CA GLU D 392 9.33 -25.57 -1.64
C GLU D 392 9.65 -26.42 -2.87
N ASN D 393 10.74 -26.11 -3.60
CA ASN D 393 11.16 -26.98 -4.70
C ASN D 393 11.51 -28.37 -4.19
N GLU D 394 12.25 -28.42 -3.08
CA GLU D 394 12.70 -29.70 -2.54
C GLU D 394 11.54 -30.51 -1.99
N GLN D 395 10.52 -29.84 -1.48
CA GLN D 395 9.32 -30.53 -1.01
C GLN D 395 8.61 -31.24 -2.16
N LYS D 396 8.44 -30.56 -3.28
CA LYS D 396 7.82 -31.22 -4.43
C LYS D 396 8.75 -32.25 -5.03
N ALA D 397 10.07 -32.02 -5.00
CA ALA D 397 10.98 -32.92 -5.71
C ALA D 397 11.37 -34.14 -4.87
N ARG D 398 11.57 -33.98 -3.56
CA ARG D 398 11.98 -35.10 -2.72
C ARG D 398 11.16 -35.26 -1.45
N GLY D 399 10.19 -34.38 -1.20
CA GLY D 399 9.42 -34.48 0.03
C GLY D 399 10.15 -34.10 1.29
N GLY D 400 11.03 -33.12 1.23
CA GLY D 400 11.76 -32.69 2.41
C GLY D 400 13.07 -32.04 2.02
N CYS D 401 13.69 -31.45 3.03
CA CYS D 401 14.99 -30.78 2.84
C CYS D 401 15.69 -30.67 4.18
N PRO D 402 16.84 -31.34 4.33
CA PRO D 402 17.58 -31.25 5.59
C PRO D 402 18.14 -29.84 5.79
N ALA D 403 17.89 -29.28 6.96
CA ALA D 403 18.30 -27.89 7.21
C ALA D 403 18.52 -27.66 8.70
N ASP D 404 19.59 -26.93 9.01
CA ASP D 404 20.00 -26.61 10.38
C ASP D 404 19.58 -25.17 10.67
N TRP D 405 18.47 -25.02 11.40
CA TRP D 405 17.86 -23.73 11.66
C TRP D 405 18.85 -22.72 12.25
N ALA D 406 19.65 -23.14 13.23
CA ALA D 406 20.61 -22.23 13.85
C ALA D 406 21.61 -21.67 12.86
N TRP D 407 21.81 -22.33 11.71
CA TRP D 407 22.77 -21.84 10.72
C TRP D 407 22.10 -21.19 9.51
N ILE D 408 20.89 -21.62 9.16
CA ILE D 408 20.14 -21.01 8.09
C ILE D 408 19.66 -19.59 8.48
N VAL D 409 19.21 -19.42 9.72
CA VAL D 409 18.87 -18.05 10.15
C VAL D 409 20.14 -17.21 10.20
N PRO D 410 20.18 -16.05 9.55
CA PRO D 410 21.39 -15.21 9.56
C PRO D 410 21.67 -14.64 10.95
N PRO D 411 22.91 -14.22 11.21
CA PRO D 411 23.29 -13.80 12.57
C PRO D 411 22.73 -12.46 13.00
N ILE D 412 22.32 -11.59 12.09
CA ILE D 412 21.57 -10.39 12.47
C ILE D 412 20.20 -10.45 11.81
N SER D 413 19.22 -9.85 12.50
CA SER D 413 17.89 -9.58 11.96
C SER D 413 17.15 -10.86 11.62
N GLY D 414 17.35 -11.90 12.43
CA GLY D 414 16.87 -13.22 12.10
C GLY D 414 15.39 -13.27 11.75
N SER D 415 14.55 -12.71 12.64
CA SER D 415 13.11 -12.80 12.48
C SER D 415 12.57 -11.87 11.40
N LEU D 416 13.41 -11.00 10.85
CA LEU D 416 13.00 -10.19 9.72
C LEU D 416 13.08 -10.98 8.44
N THR D 417 13.69 -12.17 8.47
CA THR D 417 13.78 -12.99 7.28
C THR D 417 12.76 -14.11 7.38
N PRO D 418 12.37 -14.67 6.24
CA PRO D 418 11.32 -15.70 6.26
C PRO D 418 11.77 -17.03 6.86
N VAL D 419 13.07 -17.34 6.89
CA VAL D 419 13.46 -18.64 7.43
C VAL D 419 13.28 -18.69 8.94
N PHE D 420 13.21 -17.53 9.61
CA PHE D 420 13.07 -17.54 11.06
C PHE D 420 11.82 -18.30 11.49
N HIS D 421 10.71 -18.07 10.80
CA HIS D 421 9.44 -18.65 11.20
C HIS D 421 9.18 -20.00 10.55
N GLN D 422 10.16 -20.52 9.83
CA GLN D 422 10.03 -21.82 9.17
C GLN D 422 10.63 -22.90 10.06
N GLU D 423 9.80 -23.83 10.52
CA GLU D 423 10.33 -25.01 11.18
C GLU D 423 11.19 -25.84 10.22
N MET D 424 12.21 -26.48 10.76
CA MET D 424 13.18 -27.18 9.94
C MET D 424 13.54 -28.52 10.59
N VAL D 425 13.92 -29.46 9.74
CA VAL D 425 14.27 -30.80 10.18
C VAL D 425 15.69 -31.05 9.72
N ASN D 426 16.54 -31.46 10.66
CA ASN D 426 17.97 -31.62 10.41
C ASN D 426 18.32 -33.10 10.44
N TYR D 427 18.93 -33.58 9.35
CA TYR D 427 19.33 -34.98 9.22
C TYR D 427 20.44 -35.10 8.18
N PHE D 428 21.08 -36.25 8.14
CA PHE D 428 22.26 -36.47 7.31
C PHE D 428 21.87 -37.32 6.11
N LEU D 429 21.93 -36.73 4.92
CA LEU D 429 21.81 -37.48 3.68
C LEU D 429 23.18 -37.63 3.03
N SER D 430 23.35 -38.76 2.30
CA SER D 430 24.53 -38.91 1.46
C SER D 430 24.15 -38.91 -0.03
N PRO D 431 24.98 -38.36 -0.92
CA PRO D 431 26.30 -37.69 -0.82
C PRO D 431 26.35 -36.49 0.12
N ALA D 432 27.54 -36.24 0.68
CA ALA D 432 27.63 -35.26 1.75
C ALA D 432 28.99 -34.61 1.77
N PHE D 433 29.03 -33.35 2.24
CA PHE D 433 30.26 -32.76 2.75
C PHE D 433 30.33 -32.97 4.26
N ARG D 434 31.47 -33.41 4.75
CA ARG D 434 31.65 -33.80 6.14
C ARG D 434 32.90 -33.14 6.72
N TYR D 435 32.85 -32.81 8.00
CA TYR D 435 34.06 -32.40 8.71
C TYR D 435 35.03 -33.56 8.83
N GLN D 436 36.31 -33.25 8.90
CA GLN D 436 37.35 -34.25 9.03
C GLN D 436 38.45 -33.68 9.90
N PRO D 437 39.21 -34.53 10.59
CA PRO D 437 40.29 -34.02 11.45
C PRO D 437 41.34 -33.26 10.66
N ASP D 438 41.93 -32.29 11.32
CA ASP D 438 43.03 -31.55 10.74
C ASP D 438 44.21 -32.47 10.50
N PRO D 439 44.95 -32.28 9.41
CA PRO D 439 45.97 -33.27 9.02
C PRO D 439 47.15 -33.26 9.95
N TRP D 440 47.31 -32.24 10.78
CA TRP D 440 48.49 -32.14 11.62
C TRP D 440 48.19 -32.59 13.05
CHA HEM E . -14.52 15.27 -29.31
CHB HEM E . -10.12 13.62 -28.14
CHC HEM E . -8.85 13.81 -32.80
CHD HEM E . -12.82 16.45 -33.70
C1A HEM E . -13.48 14.72 -28.60
C2A HEM E . -13.54 14.20 -27.25
C3A HEM E . -12.31 13.73 -26.93
C4A HEM E . -11.46 13.95 -28.08
CMA HEM E . -11.74 13.06 -25.64
CAA HEM E . -14.87 14.24 -26.44
CBA HEM E . -14.69 14.16 -24.94
CGA HEM E . -15.08 12.76 -24.52
O1A HEM E . -15.77 12.12 -25.33
O2A HEM E . -14.71 12.29 -23.41
C1B HEM E . -9.38 13.52 -29.29
C2B HEM E . -8.04 13.01 -29.38
C3B HEM E . -7.66 13.06 -30.67
C4B HEM E . -8.77 13.60 -31.44
CMB HEM E . -7.19 12.52 -28.19
CAB HEM E . -6.28 12.60 -31.16
CBB HEM E . -5.79 12.93 -32.36
C1C HEM E . -9.83 14.52 -33.45
C2C HEM E . -9.86 14.80 -34.88
C3C HEM E . -10.97 15.52 -35.14
C4C HEM E . -11.65 15.73 -33.87
CMC HEM E . -8.78 14.28 -35.88
CAC HEM E . -11.50 16.10 -36.47
CBC HEM E . -10.89 16.02 -37.64
C1D HEM E . -13.65 16.32 -32.61
C2D HEM E . -15.01 16.79 -32.52
C3D HEM E . -15.48 16.48 -31.31
C4D HEM E . -14.43 15.78 -30.59
CMD HEM E . -15.78 17.54 -33.64
CAD HEM E . -16.89 16.76 -30.77
CBD HEM E . -17.57 15.45 -31.20
CGD HEM E . -18.98 15.33 -30.68
O1D HEM E . -19.53 16.35 -30.19
O2D HEM E . -19.52 14.19 -30.78
NA HEM E . -12.20 14.54 -29.07
NB HEM E . -9.80 13.87 -30.55
NC HEM E . -10.94 15.11 -32.87
ND HEM E . -13.34 15.71 -31.42
FE HEM E . -11.45 15.09 -30.87
N1 H4B F . -18.09 15.27 -21.44
C2 H4B F . -17.49 14.35 -22.20
N2 H4B F . -16.15 14.47 -22.37
N3 H4B F . -18.20 13.35 -22.76
C4 H4B F . -19.54 13.27 -22.56
O4 H4B F . -20.19 12.33 -23.09
C4A H4B F . -20.18 14.22 -21.78
C8A H4B F . -19.41 15.24 -21.22
N5 H4B F . -21.52 14.20 -21.54
N8 H4B F . -19.94 16.20 -20.45
C6 H4B F . -22.14 15.45 -21.12
C7 H4B F . -21.33 16.18 -20.04
C9 H4B F . -23.56 15.28 -20.59
O9 H4B F . -23.61 14.14 -19.73
C10 H4B F . -23.98 16.49 -19.78
C11 H4B F . -25.38 16.32 -19.22
O10 H4B F . -23.94 17.67 -20.59
F13 KMA G . -18.28 11.50 -25.58
C13 KMA G . -18.27 11.04 -26.86
C12 KMA G . -17.09 10.94 -27.60
C14 KMA G . -19.47 10.66 -27.42
C15 KMA G . -19.51 10.19 -28.72
C17 KMA G . -20.82 9.79 -29.34
C18 KMA G . -21.37 10.98 -30.14
C22 KMA G . -21.66 12.20 -29.26
C23 KMA G . -22.63 11.83 -28.15
C24 KMA G . -23.70 12.89 -28.16
C25 KMA G . -23.18 13.98 -29.09
N21 KMA G . -22.28 13.29 -30.03
C16 KMA G . -18.33 10.09 -29.48
C11 KMA G . -17.12 10.47 -28.90
C09 KMA G . -15.83 10.35 -29.69
C08 KMA G . -15.02 11.65 -29.66
C06 KMA G . -13.65 11.40 -30.24
C05 KMA G . -13.38 11.68 -31.57
N01 KMA G . -12.68 10.90 -29.45
C02 KMA G . -11.43 10.68 -29.92
N02 KMA G . -10.49 10.19 -29.09
C03 KMA G . -11.13 10.95 -31.24
C04 KMA G . -12.11 11.45 -32.08
C07 KMA G . -11.80 11.76 -33.51
C1 BTB H . -25.77 -5.35 -6.50
O1 BTB H . -25.57 -4.04 -7.05
C2 BTB H . -26.63 -5.21 -5.26
C3 BTB H . -27.85 -4.42 -5.66
O3 BTB H . -27.48 -3.43 -6.62
C4 BTB H . -27.07 -6.58 -4.78
O4 BTB H . -27.16 -6.54 -3.35
N BTB H . -25.86 -4.59 -4.17
C5 BTB H . -25.73 -3.13 -4.23
C6 BTB H . -26.63 -2.46 -3.20
O6 BTB H . -27.20 -1.30 -3.83
C7 BTB H . -24.51 -5.18 -4.13
C8 BTB H . -23.88 -4.88 -2.77
O8 BTB H . -24.83 -5.22 -1.74
ZN ZN I . -24.12 29.45 -20.89
ZN ZN J . -20.57 8.75 -19.79
C1 GOL K . -4.81 15.73 -56.87
O1 GOL K . -6.06 15.13 -56.59
C2 GOL K . -3.82 15.38 -55.76
O2 GOL K . -4.49 15.45 -54.53
C3 GOL K . -2.65 16.36 -55.77
O3 GOL K . -2.99 17.49 -55.00
CL CL L . -16.12 6.15 -28.30
F13 KMA M . -11.92 27.09 -3.48
C13 KMA M . -12.02 27.84 -4.57
C12 KMA M . -12.66 27.35 -5.70
C14 KMA M . -11.49 29.12 -4.56
C15 KMA M . -11.59 29.91 -5.70
C17 KMA M . -11.01 31.31 -5.70
C18 KMA M . -11.73 32.26 -4.75
C22 KMA M . -11.04 33.61 -4.72
C23 KMA M . -9.68 33.47 -4.04
C24 KMA M . -9.50 34.75 -3.23
C25 KMA M . -10.84 35.49 -3.25
N21 KMA M . -11.80 34.63 -3.97
C16 KMA M . -12.22 29.43 -6.84
C11 KMA M . -12.75 28.14 -6.84
C09 KMA M . -13.44 27.62 -8.07
C08 KMA M . -12.49 26.81 -8.95
C06 KMA M . -13.21 26.30 -10.16
C05 KMA M . -14.18 25.31 -10.00
N01 KMA M . -12.93 26.81 -11.39
C02 KMA M . -13.60 26.36 -12.49
N02 KMA M . -13.31 26.89 -13.70
C03 KMA M . -14.57 25.37 -12.36
C04 KMA M . -14.85 24.85 -11.12
C07 KMA M . -15.89 23.78 -10.94
ZN ZN N . -9.78 22.98 -6.86
CHA HEM O . -21.95 25.31 -2.28
CHB HEM O . -22.55 21.03 -0.15
CHC HEM O . -25.32 23.11 3.20
CHD HEM O . -25.50 27.12 0.50
C1A HEM O . -21.79 23.98 -1.97
C2A HEM O . -20.84 23.07 -2.59
C3A HEM O . -21.01 21.86 -1.98
C4A HEM O . -22.06 22.01 -0.98
CMA HEM O . -20.30 20.51 -2.21
CAA HEM O . -19.88 23.54 -3.70
CBA HEM O . -19.30 22.49 -4.66
CGA HEM O . -18.04 21.91 -4.10
O1A HEM O . -17.54 22.43 -3.07
O2A HEM O . -17.52 20.90 -4.65
C1B HEM O . -23.36 21.20 0.94
C2B HEM O . -23.78 20.18 1.86
C3B HEM O . -24.56 20.73 2.78
C4B HEM O . -24.64 22.15 2.50
CMB HEM O . -23.46 18.67 1.80
CAB HEM O . -25.20 19.89 3.93
CBB HEM O . -26.15 20.35 4.73
C1C HEM O . -25.60 24.39 2.76
C2C HEM O . -26.42 25.36 3.46
C3C HEM O . -26.47 26.47 2.71
C4C HEM O . -25.70 26.23 1.51
CMC HEM O . -27.06 25.10 4.84
CAC HEM O . -27.20 27.81 2.95
CBC HEM O . -28.21 27.95 3.81
C1D HEM O . -24.51 27.01 -0.45
C2D HEM O . -24.06 28.05 -1.33
C3D HEM O . -23.09 27.54 -2.10
C4D HEM O . -22.87 26.18 -1.71
CMD HEM O . -24.63 29.47 -1.37
CAD HEM O . -22.30 28.27 -3.18
CBD HEM O . -21.09 28.87 -2.43
CGD HEM O . -20.23 29.66 -3.38
O1D HEM O . -20.57 29.76 -4.59
O2D HEM O . -19.22 30.21 -2.90
NA HEM O . -22.51 23.32 -0.99
NB HEM O . -23.89 22.40 1.35
NC HEM O . -25.18 24.94 1.57
ND HEM O . -23.77 25.86 -0.70
FE HEM O . -24.13 24.03 0.05
F13 KMA P . -15.57 25.22 -4.02
C13 KMA P . -15.80 25.91 -2.89
C12 KMA P . -16.59 25.40 -1.86
C14 KMA P . -15.22 27.16 -2.75
C15 KMA P . -15.43 27.92 -1.60
C17 KMA P . -14.80 29.28 -1.46
C18 KMA P . -15.77 30.39 -1.85
C22 KMA P . -16.19 30.32 -3.31
C23 KMA P . -14.97 30.32 -4.22
C24 KMA P . -15.42 31.03 -5.48
C25 KMA P . -16.77 31.64 -5.16
N21 KMA P . -16.98 31.48 -3.71
C16 KMA P . -16.21 27.41 -0.57
C11 KMA P . -16.80 26.15 -0.71
C09 KMA P . -17.63 25.61 0.43
C08 KMA P . -19.08 25.43 0.04
C06 KMA P . -19.83 24.71 1.13
C05 KMA P . -20.75 25.42 1.89
N01 KMA P . -19.61 23.40 1.36
C02 KMA P . -20.30 22.76 2.32
N02 KMA P . -20.09 21.45 2.55
C03 KMA P . -21.23 23.43 3.10
C04 KMA P . -21.46 24.77 2.88
C07 KMA P . -22.45 25.50 3.72
C1 BTB Q . -2.54 -5.65 7.67
O1 BTB Q . -3.89 -6.08 7.58
C2 BTB Q . -2.41 -4.27 7.05
C3 BTB Q . -3.07 -4.29 5.67
O3 BTB Q . -2.86 -3.09 4.92
C4 BTB Q . -3.14 -3.25 7.94
O4 BTB Q . -2.50 -1.96 7.84
N BTB Q . -0.96 -3.93 6.94
C5 BTB Q . -0.33 -4.76 5.91
C6 BTB Q . 0.30 -3.93 4.78
O6 BTB Q . 1.30 -3.05 5.31
C7 BTB Q . -0.23 -4.05 8.22
C8 BTB Q . 0.16 -2.68 8.78
O8 BTB Q . 0.78 -1.87 7.76
C1 BTB R . -15.19 55.96 17.56
O1 BTB R . -15.03 56.98 16.58
C2 BTB R . -15.28 54.57 16.90
C3 BTB R . -16.09 54.63 15.63
O3 BTB R . -17.43 55.06 15.89
C4 BTB R . -13.91 54.13 16.44
O4 BTB R . -13.63 54.89 15.25
N BTB R . -15.84 53.62 17.87
C5 BTB R . -16.93 54.23 18.65
C6 BTB R . -18.18 53.36 18.62
O6 BTB R . -18.44 52.84 19.93
C7 BTB R . -14.75 53.19 18.77
C8 BTB R . -15.18 53.03 20.24
O8 BTB R . -14.67 51.81 20.76
C1 BTB S . 4.86 19.06 -1.16
O1 BTB S . 3.97 19.68 -0.21
C2 BTB S . 6.31 19.04 -0.66
C3 BTB S . 7.01 20.31 -1.13
O3 BTB S . 6.94 20.44 -2.56
C4 BTB S . 6.32 18.96 0.87
O4 BTB S . 7.08 20.05 1.40
N BTB S . 7.04 17.83 -1.15
C5 BTB S . 8.49 18.06 -1.11
C6 BTB S . 9.15 17.10 -0.11
O6 BTB S . 8.83 15.76 -0.47
C7 BTB S . 6.58 17.43 -2.50
C8 BTB S . 7.68 16.76 -3.30
O8 BTB S . 8.04 17.64 -4.36
CL CL T . -13.84 24.35 2.29
GD GD U . -1.05 -1.31 5.84
C1 BTB V . 3.68 -2.67 -2.70
O1 BTB V . 3.48 -1.44 -1.99
C2 BTB V . 4.68 -3.54 -1.94
C3 BTB V . 4.36 -3.47 -0.44
O3 BTB V . 4.63 -4.73 0.18
C4 BTB V . 4.73 -4.97 -2.39
O4 BTB V . 6.08 -5.37 -2.08
N BTB V . 6.02 -3.12 -2.22
C5 BTB V . 6.50 -2.26 -1.12
C6 BTB V . 7.80 -2.80 -0.52
O6 BTB V . 7.61 -4.17 -0.15
C7 BTB V . 6.10 -2.36 -3.45
C8 BTB V . 7.52 -2.40 -4.02
O8 BTB V . 8.35 -1.42 -3.35
C1 BTB W . -17.63 -8.87 -2.26
O1 BTB W . -18.81 -9.40 -2.90
C2 BTB W . -17.81 -8.79 -0.74
C3 BTB W . -18.19 -7.35 -0.35
O3 BTB W . -19.60 -7.04 -0.44
C4 BTB W . -18.87 -9.81 -0.33
O4 BTB W . -20.20 -9.47 -0.74
N BTB W . -16.60 -9.27 -0.08
C5 BTB W . -16.25 -8.59 1.08
C6 BTB W . -17.06 -9.04 2.28
O6 BTB W . -17.84 -7.89 2.69
C7 BTB W . -15.44 -9.07 -0.87
C8 BTB W . -14.25 -9.69 -0.15
O8 BTB W . -14.48 -11.08 0.14
CHA HEM X . 9.71 -17.46 27.49
CHB HEM X . 11.72 -13.34 29.01
CHC HEM X . 9.74 -14.03 33.38
CHD HEM X . 8.50 -18.53 32.09
C1A HEM X . 10.36 -16.25 27.48
C2A HEM X . 10.93 -15.56 26.33
C3A HEM X . 11.48 -14.42 26.80
C4A HEM X . 11.27 -14.35 28.22
CMA HEM X . 12.22 -13.31 26.03
CAA HEM X . 10.93 -16.06 24.87
CBA HEM X . 10.06 -15.16 23.99
CGA HEM X . 10.88 -14.27 23.08
O1A HEM X . 12.14 -14.27 23.18
O2A HEM X . 10.30 -13.57 22.20
C1B HEM X . 11.38 -13.16 30.34
C2B HEM X . 11.77 -12.04 31.16
C3B HEM X . 11.24 -12.22 32.38
C4B HEM X . 10.47 -13.47 32.35
CMB HEM X . 12.66 -10.84 30.71
CAB HEM X . 11.43 -11.23 33.54
CBB HEM X . 11.08 -11.53 34.79
C1C HEM X . 9.20 -15.31 33.39
C2C HEM X . 8.45 -15.90 34.49
C3C HEM X . 8.09 -17.16 34.12
C4C HEM X . 8.64 -17.38 32.80
CMC HEM X . 8.10 -15.19 35.80
CAC HEM X . 7.31 -18.25 34.87
CBC HEM X . 7.24 -18.32 36.21
C1D HEM X . 8.68 -18.58 30.72
C2D HEM X . 8.21 -19.66 29.90
C3D HEM X . 8.55 -19.37 28.65
C4D HEM X . 9.22 -18.08 28.62
CMD HEM X . 7.48 -20.91 30.40
CAD HEM X . 8.26 -20.23 27.42
CBD HEM X . 7.00 -19.59 26.84
CGD HEM X . 6.47 -20.49 25.77
O1D HEM X . 7.16 -21.47 25.41
O2D HEM X . 5.35 -20.20 25.28
NA HEM X . 10.59 -15.48 28.61
NB HEM X . 10.60 -14.01 31.08
NC HEM X . 9.30 -16.25 32.38
ND HEM X . 9.29 -17.63 29.92
FE HEM X . 10.28 -16.06 30.59
N1 H4B Y . 12.13 -17.53 19.61
C2 H4B Y . 11.37 -16.79 20.42
N2 H4B Y . 11.99 -16.23 21.47
N3 H4B Y . 10.04 -16.61 20.18
C4 H4B Y . 9.46 -17.20 19.10
O4 H4B Y . 8.24 -17.05 18.89
C4A H4B Y . 10.25 -17.99 18.26
C8A H4B Y . 11.60 -18.14 18.55
N5 H4B Y . 9.75 -18.63 17.17
N8 H4B Y . 12.44 -18.88 17.78
C6 H4B Y . 10.50 -19.82 16.81
C7 H4B Y . 11.96 -19.48 16.55
C9 H4B Y . 9.91 -20.62 15.65
O9 H4B Y . 9.24 -19.78 14.69
C10 H4B Y . 11.01 -21.41 14.95
C11 H4B Y . 10.50 -22.09 13.70
O10 H4B Y . 11.53 -22.37 15.88
F13 KMA Z . 7.70 -15.62 21.61
C13 KMA Z . 6.69 -15.65 22.50
C12 KMA Z . 6.79 -15.04 23.75
C14 KMA Z . 5.52 -16.30 22.14
C15 KMA Z . 4.45 -16.36 23.03
C17 KMA Z . 3.19 -17.06 22.63
C18 KMA Z . 3.13 -18.44 23.27
C22 KMA Z . 4.11 -19.43 22.64
C23 KMA Z . 4.16 -19.27 21.13
C24 KMA Z . 3.55 -20.52 20.53
C25 KMA Z . 3.61 -21.54 21.65
N21 KMA Z . 3.62 -20.79 22.91
C16 KMA Z . 4.54 -15.75 24.26
C11 KMA Z . 5.71 -15.10 24.64
C09 KMA Z . 5.79 -14.44 26.00
C08 KMA Z . 6.81 -15.09 26.91
C06 KMA Z . 7.12 -14.20 28.09
C05 KMA Z . 6.66 -14.54 29.35
N01 KMA Z . 7.88 -13.09 27.90
C02 KMA Z . 8.20 -12.29 28.92
N02 KMA Z . 8.95 -11.18 28.69
C03 KMA Z . 7.75 -12.58 30.21
C04 KMA Z . 6.98 -13.71 30.41
C07 KMA Z . 6.49 -14.05 31.79
C1 BTB AA . 10.52 6.22 0.31
O1 BTB AA . 9.41 5.37 -0.05
C2 BTB AA . 11.60 6.12 -0.76
C3 BTB AA . 13.00 5.97 -0.19
O3 BTB AA . 14.00 6.54 -1.06
C4 BTB AA . 11.15 5.04 -1.76
O4 BTB AA . 12.22 4.14 -2.08
N BTB AA . 11.82 7.33 -1.48
C5 BTB AA . 11.87 8.30 -0.46
C6 BTB AA . 12.55 9.44 -1.17
O6 BTB AA . 13.59 8.78 -1.90
C7 BTB AA . 10.67 7.58 -2.37
C8 BTB AA . 11.03 7.84 -3.84
O8 BTB AA . 10.52 9.12 -4.26
C1 BTB BA . -23.48 -23.72 39.39
O1 BTB BA . -23.17 -23.91 40.77
C2 BTB BA . -24.40 -24.83 38.87
C3 BTB BA . -23.67 -26.17 39.06
O3 BTB BA . -24.58 -27.27 39.19
C4 BTB BA . -25.69 -24.82 39.69
O4 BTB BA . -25.41 -24.66 41.08
N BTB BA . -24.70 -24.60 37.43
C5 BTB BA . -25.20 -23.24 37.20
C6 BTB BA . -24.36 -22.49 36.18
O6 BTB BA . -24.33 -23.20 34.94
C7 BTB BA . -25.70 -25.55 36.93
C8 BTB BA . -25.12 -26.33 35.77
O8 BTB BA . -24.57 -25.42 34.81
ZN ZN CA . 8.32 -13.85 15.69
C1 GOL DA . -2.41 -18.57 53.38
O1 GOL DA . -2.50 -19.18 52.11
C2 GOL DA . -0.97 -18.10 53.56
O2 GOL DA . -0.36 -18.20 52.29
C3 GOL DA . -0.24 -18.96 54.58
O3 GOL DA . 1.16 -18.76 54.45
CL CL EA . 4.05 -10.98 23.88
F13 KMA FA . 33.39 -19.02 11.96
C13 KMA FA . 33.11 -19.93 12.90
C12 KMA FA . 31.80 -20.22 13.23
C14 KMA FA . 34.14 -20.60 13.55
C15 KMA FA . 33.84 -21.55 14.51
C17 KMA FA . 34.96 -22.28 15.21
C18 KMA FA . 35.59 -23.28 14.26
C22 KMA FA . 36.77 -23.95 14.94
C23 KMA FA . 37.91 -22.95 15.04
C24 KMA FA . 39.17 -23.74 14.72
C25 KMA FA . 38.72 -25.15 14.33
N21 KMA FA . 37.25 -25.11 14.17
C16 KMA FA . 32.52 -21.84 14.84
C11 KMA FA . 31.51 -21.17 14.19
C09 KMA FA . 30.08 -21.46 14.55
C08 KMA FA . 29.64 -20.53 15.68
C06 KMA FA . 28.21 -20.85 16.05
C05 KMA FA . 27.21 -20.53 15.15
N01 KMA FA . 27.93 -21.44 17.24
C02 KMA FA . 26.67 -21.76 17.59
N02 KMA FA . 26.40 -22.35 18.77
C03 KMA FA . 25.63 -21.46 16.71
C04 KMA FA . 25.91 -20.85 15.51
C07 KMA FA . 24.82 -20.50 14.54
ZN ZN GA . 30.08 -15.36 14.99
ZN ZN HA . 17.75 -32.02 18.19
CHA HEM IA . 27.59 -23.15 4.50
CHB HEM IA . 26.13 -19.53 1.66
CHC HEM IA . 27.87 -21.90 -2.20
CHD HEM IA . 28.38 -25.86 0.55
C1A HEM IA . 27.12 -21.93 4.09
C2A HEM IA . 26.78 -20.82 4.95
C3A HEM IA . 26.38 -19.80 4.17
C4A HEM IA . 26.46 -20.25 2.78
CMA HEM IA . 25.87 -18.38 4.55
CAA HEM IA . 26.85 -20.88 6.49
CBA HEM IA . 27.71 -19.75 7.05
CGA HEM IA . 26.80 -18.74 7.66
O1A HEM IA . 25.63 -19.09 7.94
O2A HEM IA . 27.24 -17.58 7.85
C1B HEM IA . 26.45 -19.85 0.37
C2B HEM IA . 26.14 -19.05 -0.80
C3B HEM IA . 26.59 -19.68 -1.88
C4B HEM IA . 27.24 -20.93 -1.44
CMB HEM IA . 25.38 -17.69 -0.76
CAB HEM IA . 26.44 -19.10 -3.30
CBB HEM IA . 26.69 -19.82 -4.39
C1C HEM IA . 28.18 -23.18 -1.80
C2C HEM IA . 28.66 -24.24 -2.65
C3C HEM IA . 28.81 -25.34 -1.88
C4C HEM IA . 28.39 -25.01 -0.53
CMC HEM IA . 28.98 -24.04 -4.16
CAC HEM IA . 29.27 -26.76 -2.26
CBC HEM IA . 29.30 -27.20 -3.53
C1D HEM IA . 28.30 -25.45 1.85
C2D HEM IA . 28.63 -26.24 3.02
C3D HEM IA . 28.39 -25.49 4.11
C4D HEM IA . 27.93 -24.19 3.67
CMD HEM IA . 29.15 -27.70 2.98
CAD HEM IA . 28.63 -25.86 5.58
CBD HEM IA . 30.12 -25.57 5.75
CGD HEM IA . 30.58 -25.73 7.17
O1D HEM IA . 29.77 -26.14 8.05
O2D HEM IA . 31.79 -25.44 7.38
NA HEM IA . 26.93 -21.55 2.78
NB HEM IA . 27.12 -21.00 -0.07
NC HEM IA . 28.02 -23.69 -0.52
ND HEM IA . 27.85 -24.22 2.29
FE HEM IA . 27.07 -22.69 1.14
F13 KMA JA . 30.01 -19.94 9.61
C13 KMA JA . 31.00 -20.28 8.79
C12 KMA JA . 30.91 -20.11 7.41
C14 KMA JA . 32.14 -20.82 9.35
C15 KMA JA . 33.19 -21.21 8.54
C17 KMA JA . 34.43 -21.81 9.15
C18 KMA JA . 34.35 -23.33 9.13
C22 KMA JA . 33.19 -23.85 9.96
C23 KMA JA . 33.30 -23.41 11.40
C24 KMA JA . 32.86 -24.60 12.24
C25 KMA JA . 32.46 -25.67 11.23
N21 KMA JA . 33.13 -25.32 9.98
C16 KMA JA . 33.11 -21.04 7.16
C11 KMA JA . 31.97 -20.51 6.59
C09 KMA JA . 31.89 -20.32 5.10
C08 KMA JA . 30.63 -20.93 4.55
C06 KMA JA . 30.46 -20.56 3.09
C05 KMA JA . 30.89 -21.44 2.10
N01 KMA JA . 29.87 -19.40 2.76
C02 KMA JA . 29.69 -19.06 1.47
N02 KMA JA . 29.10 -17.90 1.16
C03 KMA JA . 30.11 -19.91 0.45
C04 KMA JA . 30.72 -21.10 0.77
C07 KMA JA . 31.19 -22.03 -0.31
C1 BTB KA . 25.45 14.61 2.45
O1 BTB KA . 26.07 15.04 1.24
C2 BTB KA . 26.26 13.51 3.14
C3 BTB KA . 25.30 12.61 3.91
O3 BTB KA . 26.03 11.53 4.50
C4 BTB KA . 27.00 12.61 2.14
O4 BTB KA . 28.03 11.90 2.85
N BTB KA . 27.26 14.08 4.09
C5 BTB KA . 26.61 14.55 5.32
C6 BTB KA . 27.70 14.89 6.32
O6 BTB KA . 27.94 13.82 7.26
C7 BTB KA . 28.14 15.13 3.52
C8 BTB KA . 29.57 14.62 3.24
O8 BTB KA . 30.24 14.12 4.41
C1 BTB LA . 59.47 -36.90 1.41
O1 BTB LA . 60.79 -36.68 1.88
C2 BTB LA . 59.53 -37.85 0.24
C3 BTB LA . 60.86 -38.60 0.33
O3 BTB LA . 60.78 -39.38 1.52
C4 BTB LA . 58.41 -38.86 0.41
O4 BTB LA . 58.86 -40.11 -0.10
N BTB LA . 59.42 -37.16 -1.06
C5 BTB LA . 59.77 -38.08 -2.16
C6 BTB LA . 58.78 -38.02 -3.35
O6 BTB LA . 57.93 -36.86 -3.26
C7 BTB LA . 60.35 -36.00 -1.09
C8 BTB LA . 60.50 -35.34 -2.47
O8 BTB LA . 61.72 -34.61 -2.60
C1 BTB MA . 42.12 -1.15 20.75
O1 BTB MA . 42.34 -2.56 20.92
C2 BTB MA . 41.19 -0.90 19.57
C3 BTB MA . 41.54 0.40 18.87
O3 BTB MA . 40.96 0.37 17.56
C4 BTB MA . 41.33 -2.03 18.55
O4 BTB MA . 42.71 -2.09 18.11
N BTB MA . 39.79 -0.82 20.04
C5 BTB MA . 39.78 0.08 21.20
C6 BTB MA . 38.65 1.09 21.09
O6 BTB MA . 37.59 0.65 21.93
C7 BTB MA . 39.40 -2.20 20.40
C8 BTB MA . 38.38 -2.29 21.52
O8 BTB MA . 37.13 -2.68 20.95
GD GD NA . 28.52 11.87 5.42
CL CL OA . 34.27 -16.68 5.87
#